data_1T9D
#
_entry.id   1T9D
#
_cell.length_a   218.347
_cell.length_b   218.347
_cell.length_c   361.530
_cell.angle_alpha   90.00
_cell.angle_beta   90.00
_cell.angle_gamma   90.00
#
_symmetry.space_group_name_H-M   'I 4 2 2'
#
loop_
_entity.id
_entity.type
_entity.pdbx_description
1 polymer 'Acetolactate synthase, mitochondrial'
2 non-polymer 'POTASSIUM ION'
3 non-polymer 'MAGNESIUM ION'
4 non-polymer 'METHYL 2-[({[(4-METHOXY-6-METHYL-1,3,5-TRIAZIN-2-YL)AMINO]CARBONYL}AMINO)SULFONYL]BENZOATE'
5 non-polymer 'FLAVIN-ADENINE DINUCLEOTIDE'
6 non-polymer 2,5-DIMETHYL-PYRIMIDIN-4-YLAMINE
7 non-polymer 'PENTYL TRIHYDROGEN DIPHOSPHATE'
8 non-polymer 'ETHYL DIHYDROGEN DIPHOSPHATE'
9 water water
#
_entity_poly.entity_id   1
_entity_poly.type   'polypeptide(L)'
_entity_poly.pdbx_seq_one_letter_code
;MHHHHHHSSGLVPRGSGMKETAAAKFERQHMDSPDLGTDDDDKAMGSAPSFNVDPLEQPAEPSKLAKKLRAEPDMDTSFV
GLTGGQIFNEMMSRQNVDTVFGYPGGAILPVYDAIHNSDKFNFVLPKHEQGAGHMAEGYARASGKPGVVLVTSGPGATNV
VTPMADAFADGIPMVVFTGQVPTSAIGTDAFQEADVVGISRSCTKWNVMVKSVEELPLRINEAFEIATSGRPGPVLVDLP
KDVTAAILRNPIPTKTTLPSNALNQLTSRAQDEFVMQSINKAADLINLAKKPVLYVGAGILNHADGPRLLKELSDRAQIP
VTTTLQGLGSFDQEDPKSLDMLGMHGCATANLAVQNADLIIAVGARFDDRVTGNISKFAPEARRAAAEGRGGIIHFEVSP
KNINKVVQTQIAVEGDATTNLGKMMSKIFPVKERSEWFAQINKWKKEYPYAYMEETPGSKIKPQTVIKKLSKVANDTGRH
VIVTTGVGQHQMWAAQHWTWRNPHTFITSGGLGTMGYGLPAAIGAQVAKPESLVIDIDGDASFNMTLTELSSAVQAGTPV
KILILNNEEQGMVTQWQSLFYEHRYSHTHQLNPDFIKLAEAMGLKGLRVKKQEELDAKLKEFVSTKGPVLLEVEVDKKVP
VLPMVAGGSGLDEFINFDPEVERQQTELRHKRTGGKH
;
_entity_poly.pdbx_strand_id   A,B,C,D
#
loop_
_chem_comp.id
_chem_comp.type
_chem_comp.name
_chem_comp.formula
1MM non-polymer 'METHYL 2-[({[(4-METHOXY-6-METHYL-1,3,5-TRIAZIN-2-YL)AMINO]CARBONYL}AMINO)SULFONYL]BENZOATE' 'C14 H15 N5 O6 S'
FAD non-polymer 'FLAVIN-ADENINE DINUCLEOTIDE' 'C27 H33 N9 O15 P2'
K non-polymer 'POTASSIUM ION' 'K 1'
MG non-polymer 'MAGNESIUM ION' 'Mg 2'
P22 non-polymer 'ETHYL DIHYDROGEN DIPHOSPHATE' 'C2 H8 O7 P2'
P25 non-polymer 'PENTYL TRIHYDROGEN DIPHOSPHATE' 'C5 H14 O7 P2'
PYD non-polymer 2,5-DIMETHYL-PYRIMIDIN-4-YLAMINE 'C6 H9 N3'
#
# COMPACT_ATOMS: atom_id res chain seq x y z
N MET A 75 -6.87 -43.92 19.20
CA MET A 75 -8.25 -43.89 18.74
C MET A 75 -9.07 -42.74 19.32
N ASP A 76 -10.18 -42.43 18.66
CA ASP A 76 -11.08 -41.36 19.10
C ASP A 76 -12.51 -41.90 19.23
N THR A 77 -13.10 -41.71 20.40
CA THR A 77 -14.46 -42.19 20.66
C THR A 77 -15.45 -41.05 20.87
N SER A 78 -14.97 -39.81 20.76
CA SER A 78 -15.82 -38.64 20.99
C SER A 78 -17.01 -38.49 20.04
N PHE A 79 -16.98 -39.17 18.88
CA PHE A 79 -18.10 -39.07 17.93
C PHE A 79 -19.05 -40.25 18.02
N VAL A 80 -18.69 -41.26 18.79
CA VAL A 80 -19.53 -42.44 18.95
C VAL A 80 -20.88 -42.02 19.49
N GLY A 81 -21.95 -42.44 18.82
CA GLY A 81 -23.29 -42.09 19.23
C GLY A 81 -23.91 -41.00 18.36
N LEU A 82 -23.07 -40.26 17.64
CA LEU A 82 -23.56 -39.19 16.77
C LEU A 82 -23.94 -39.73 15.41
N THR A 83 -24.78 -39.00 14.70
CA THR A 83 -25.18 -39.39 13.35
C THR A 83 -24.16 -38.79 12.39
N GLY A 84 -24.18 -39.23 11.13
CA GLY A 84 -23.25 -38.67 10.16
C GLY A 84 -23.52 -37.19 10.00
N GLY A 85 -24.79 -36.80 10.00
CA GLY A 85 -25.14 -35.41 9.84
C GLY A 85 -24.54 -34.57 10.95
N GLN A 86 -24.71 -35.04 12.19
CA GLN A 86 -24.20 -34.35 13.35
C GLN A 86 -22.67 -34.26 13.28
N ILE A 87 -22.04 -35.32 12.80
CA ILE A 87 -20.59 -35.34 12.66
C ILE A 87 -20.20 -34.28 11.63
N PHE A 88 -21.01 -34.16 10.57
CA PHE A 88 -20.77 -33.17 9.54
C PHE A 88 -20.80 -31.78 10.14
N ASN A 89 -21.89 -31.50 10.87
CA ASN A 89 -22.12 -30.22 11.52
C ASN A 89 -20.91 -29.88 12.39
N GLU A 90 -20.44 -30.88 13.14
CA GLU A 90 -19.29 -30.73 14.02
C GLU A 90 -18.00 -30.46 13.27
N MET A 91 -17.81 -31.11 12.13
CA MET A 91 -16.59 -30.92 11.34
C MET A 91 -16.52 -29.52 10.75
N MET A 92 -17.66 -28.93 10.46
CA MET A 92 -17.68 -27.59 9.88
C MET A 92 -17.01 -26.58 10.79
N SER A 93 -17.30 -26.65 12.09
CA SER A 93 -16.69 -25.70 13.02
C SER A 93 -15.21 -26.02 13.24
N ARG A 94 -14.84 -27.29 13.10
CA ARG A 94 -13.45 -27.68 13.26
C ARG A 94 -12.64 -27.20 12.04
N GLN A 95 -13.33 -27.03 10.92
CA GLN A 95 -12.70 -26.55 9.68
C GLN A 95 -12.87 -25.03 9.53
N ASN A 96 -13.29 -24.37 10.60
CA ASN A 96 -13.47 -22.92 10.60
C ASN A 96 -14.42 -22.39 9.52
N VAL A 97 -15.52 -23.11 9.31
CA VAL A 97 -16.51 -22.70 8.32
C VAL A 97 -17.57 -21.83 8.99
N ASP A 98 -17.74 -20.60 8.50
CA ASP A 98 -18.73 -19.71 9.09
C ASP A 98 -19.92 -19.47 8.16
N THR A 99 -19.84 -19.99 6.94
CA THR A 99 -20.91 -19.83 5.96
C THR A 99 -21.09 -21.05 5.07
N VAL A 100 -22.34 -21.45 4.85
CA VAL A 100 -22.64 -22.58 3.99
C VAL A 100 -23.71 -22.18 2.98
N PHE A 101 -23.47 -22.46 1.71
CA PHE A 101 -24.42 -22.15 0.65
C PHE A 101 -25.05 -23.47 0.21
N GLY A 102 -26.37 -23.53 0.19
CA GLY A 102 -27.01 -24.77 -0.20
C GLY A 102 -28.50 -24.73 -0.46
N TYR A 103 -29.03 -25.88 -0.84
CA TYR A 103 -30.44 -26.04 -1.13
C TYR A 103 -30.76 -27.47 -0.73
N PRO A 104 -31.76 -27.64 0.15
CA PRO A 104 -32.17 -28.97 0.63
C PRO A 104 -32.81 -29.90 -0.40
N GLY A 105 -32.81 -31.18 -0.07
CA GLY A 105 -33.39 -32.20 -0.94
C GLY A 105 -33.47 -33.50 -0.15
N GLY A 106 -34.18 -34.47 -0.70
CA GLY A 106 -34.35 -35.75 -0.03
C GLY A 106 -33.11 -36.47 0.48
N ALA A 107 -32.21 -36.82 -0.44
CA ALA A 107 -31.00 -37.53 -0.09
C ALA A 107 -30.12 -36.85 0.94
N ILE A 108 -30.18 -35.53 1.01
CA ILE A 108 -29.35 -34.79 1.96
C ILE A 108 -30.09 -34.34 3.24
N LEU A 109 -31.33 -34.79 3.40
CA LEU A 109 -32.12 -34.44 4.58
C LEU A 109 -31.46 -34.72 5.95
N PRO A 110 -30.78 -35.88 6.09
CA PRO A 110 -30.15 -36.16 7.38
C PRO A 110 -29.18 -35.06 7.80
N VAL A 111 -28.44 -34.51 6.84
CA VAL A 111 -27.49 -33.46 7.15
C VAL A 111 -28.24 -32.15 7.43
N TYR A 112 -29.33 -31.91 6.70
CA TYR A 112 -30.09 -30.68 6.93
C TYR A 112 -30.76 -30.69 8.28
N ASP A 113 -31.17 -31.88 8.74
CA ASP A 113 -31.80 -31.97 10.05
C ASP A 113 -30.73 -31.72 11.11
N ALA A 114 -29.50 -32.13 10.83
CA ALA A 114 -28.39 -31.96 11.75
C ALA A 114 -27.93 -30.51 11.89
N ILE A 115 -28.09 -29.72 10.82
CA ILE A 115 -27.66 -28.32 10.86
C ILE A 115 -28.85 -27.38 11.10
N HIS A 116 -30.01 -27.95 11.40
CA HIS A 116 -31.21 -27.15 11.65
C HIS A 116 -30.95 -26.22 12.83
N ASN A 117 -31.09 -24.92 12.60
CA ASN A 117 -30.87 -23.91 13.62
C ASN A 117 -29.45 -23.91 14.21
N SER A 118 -28.49 -24.50 13.51
CA SER A 118 -27.13 -24.54 14.01
C SER A 118 -26.56 -23.13 14.08
N ASP A 119 -25.85 -22.81 15.15
CA ASP A 119 -25.29 -21.47 15.26
C ASP A 119 -23.82 -21.48 14.87
N LYS A 120 -23.33 -22.61 14.37
CA LYS A 120 -21.94 -22.75 13.95
C LYS A 120 -21.66 -21.93 12.70
N PHE A 121 -22.69 -21.63 11.92
CA PHE A 121 -22.49 -20.88 10.70
C PHE A 121 -23.77 -20.33 10.10
N ASN A 122 -23.60 -19.31 9.26
CA ASN A 122 -24.73 -18.69 8.58
C ASN A 122 -25.03 -19.53 7.35
N PHE A 123 -26.31 -19.79 7.11
CA PHE A 123 -26.71 -20.58 5.96
C PHE A 123 -27.31 -19.65 4.92
N VAL A 124 -26.87 -19.78 3.67
CA VAL A 124 -27.40 -18.93 2.60
C VAL A 124 -28.14 -19.78 1.56
N LEU A 125 -29.40 -19.44 1.35
CA LEU A 125 -30.27 -20.15 0.43
C LEU A 125 -30.52 -19.43 -0.90
N PRO A 126 -30.19 -20.08 -2.02
CA PRO A 126 -30.40 -19.48 -3.35
C PRO A 126 -31.73 -20.05 -3.88
N LYS A 127 -32.06 -19.75 -5.15
CA LYS A 127 -33.27 -20.30 -5.74
C LYS A 127 -32.90 -21.46 -6.66
N HIS A 128 -31.62 -21.53 -7.01
CA HIS A 128 -31.07 -22.56 -7.90
C HIS A 128 -29.68 -22.94 -7.39
N GLU A 129 -29.35 -24.23 -7.40
CA GLU A 129 -28.04 -24.67 -6.93
C GLU A 129 -26.88 -23.99 -7.65
N GLN A 130 -27.05 -23.63 -8.92
CA GLN A 130 -25.96 -22.97 -9.64
C GLN A 130 -25.66 -21.67 -8.89
N GLY A 131 -26.70 -21.06 -8.35
CA GLY A 131 -26.53 -19.83 -7.60
C GLY A 131 -25.71 -20.09 -6.35
N ALA A 132 -25.97 -21.22 -5.70
CA ALA A 132 -25.24 -21.59 -4.48
C ALA A 132 -23.77 -21.74 -4.83
N GLY A 133 -23.49 -22.38 -5.97
CA GLY A 133 -22.12 -22.58 -6.39
C GLY A 133 -21.38 -21.29 -6.68
N HIS A 134 -21.99 -20.40 -7.46
CA HIS A 134 -21.36 -19.13 -7.78
C HIS A 134 -21.24 -18.22 -6.56
N MET A 135 -22.21 -18.32 -5.65
CA MET A 135 -22.14 -17.52 -4.43
C MET A 135 -20.92 -17.96 -3.64
N ALA A 136 -20.74 -19.28 -3.55
CA ALA A 136 -19.61 -19.86 -2.83
C ALA A 136 -18.28 -19.41 -3.45
N GLU A 137 -18.24 -19.30 -4.77
CA GLU A 137 -17.03 -18.86 -5.45
C GLU A 137 -16.73 -17.40 -5.10
N GLY A 138 -17.75 -16.55 -5.22
CA GLY A 138 -17.58 -15.14 -4.89
C GLY A 138 -17.16 -14.98 -3.44
N TYR A 139 -17.72 -15.81 -2.58
CA TYR A 139 -17.40 -15.76 -1.15
C TYR A 139 -15.92 -16.12 -0.95
N ALA A 140 -15.48 -17.17 -1.64
CA ALA A 140 -14.10 -17.62 -1.54
C ALA A 140 -13.12 -16.60 -2.11
N ARG A 141 -13.45 -16.05 -3.27
CA ARG A 141 -12.58 -15.08 -3.90
C ARG A 141 -12.43 -13.82 -3.04
N ALA A 142 -13.48 -13.47 -2.31
CA ALA A 142 -13.45 -12.27 -1.47
C ALA A 142 -12.86 -12.48 -0.08
N SER A 143 -13.00 -13.69 0.45
CA SER A 143 -12.52 -13.98 1.80
C SER A 143 -11.21 -14.75 1.89
N GLY A 144 -10.86 -15.49 0.85
CA GLY A 144 -9.64 -16.27 0.92
C GLY A 144 -9.89 -17.58 1.63
N LYS A 145 -11.15 -17.85 1.97
CA LYS A 145 -11.56 -19.08 2.65
C LYS A 145 -12.28 -19.94 1.62
N PRO A 146 -12.28 -21.26 1.81
CA PRO A 146 -12.99 -22.10 0.83
C PRO A 146 -14.50 -21.90 0.90
N GLY A 147 -15.15 -21.95 -0.26
CA GLY A 147 -16.59 -21.80 -0.31
C GLY A 147 -17.20 -23.18 -0.09
N VAL A 148 -18.20 -23.27 0.79
CA VAL A 148 -18.81 -24.56 1.07
C VAL A 148 -20.22 -24.67 0.54
N VAL A 149 -20.45 -25.70 -0.26
CA VAL A 149 -21.76 -25.93 -0.87
C VAL A 149 -22.38 -27.21 -0.34
N LEU A 150 -23.69 -27.19 -0.11
CA LEU A 150 -24.43 -28.34 0.42
C LEU A 150 -25.72 -28.52 -0.36
N VAL A 151 -25.73 -29.44 -1.30
CA VAL A 151 -26.93 -29.68 -2.10
C VAL A 151 -27.35 -31.14 -2.07
N THR A 152 -28.51 -31.42 -2.64
CA THR A 152 -29.02 -32.79 -2.64
C THR A 152 -28.47 -33.61 -3.79
N SER A 153 -28.98 -34.83 -3.93
CA SER A 153 -28.53 -35.74 -4.99
C SER A 153 -29.20 -35.43 -6.32
N GLY A 154 -28.84 -36.20 -7.33
CA GLY A 154 -29.42 -36.03 -8.66
C GLY A 154 -29.31 -34.64 -9.25
N PRO A 155 -30.45 -34.00 -9.57
CA PRO A 155 -30.46 -32.66 -10.15
C PRO A 155 -29.75 -31.63 -9.29
N GLY A 156 -29.79 -31.84 -7.98
CA GLY A 156 -29.14 -30.90 -7.08
C GLY A 156 -27.63 -30.85 -7.33
N ALA A 157 -27.06 -32.00 -7.63
CA ALA A 157 -25.63 -32.13 -7.87
C ALA A 157 -25.27 -31.73 -9.29
N THR A 158 -26.08 -32.12 -10.26
CA THR A 158 -25.78 -31.78 -11.64
C THR A 158 -25.89 -30.27 -11.83
N ASN A 159 -26.72 -29.63 -11.03
CA ASN A 159 -26.88 -28.18 -11.13
C ASN A 159 -25.65 -27.40 -10.69
N VAL A 160 -24.72 -28.04 -10.00
CA VAL A 160 -23.51 -27.34 -9.56
C VAL A 160 -22.28 -27.72 -10.38
N VAL A 161 -22.48 -28.40 -11.51
CA VAL A 161 -21.38 -28.79 -12.36
C VAL A 161 -20.70 -27.56 -12.98
N THR A 162 -21.49 -26.59 -13.41
CA THR A 162 -20.92 -25.38 -14.00
C THR A 162 -20.05 -24.63 -13.00
N PRO A 163 -20.56 -24.38 -11.78
CA PRO A 163 -19.77 -23.67 -10.77
C PRO A 163 -18.45 -24.41 -10.44
N MET A 164 -18.50 -25.74 -10.41
CA MET A 164 -17.29 -26.51 -10.11
C MET A 164 -16.29 -26.37 -11.26
N ALA A 165 -16.78 -26.48 -12.49
CA ALA A 165 -15.91 -26.36 -13.65
C ALA A 165 -15.34 -24.93 -13.69
N ASP A 166 -16.15 -23.99 -13.20
CA ASP A 166 -15.73 -22.59 -13.16
C ASP A 166 -14.61 -22.39 -12.15
N ALA A 167 -14.79 -22.95 -10.95
CA ALA A 167 -13.79 -22.84 -9.89
C ALA A 167 -12.52 -23.61 -10.27
N PHE A 168 -12.68 -24.70 -10.99
CA PHE A 168 -11.55 -25.50 -11.41
C PHE A 168 -10.70 -24.68 -12.37
N ALA A 169 -11.35 -24.01 -13.32
CA ALA A 169 -10.62 -23.19 -14.29
C ALA A 169 -9.91 -22.01 -13.66
N ASP A 170 -10.54 -21.36 -12.67
CA ASP A 170 -9.92 -20.20 -12.04
C ASP A 170 -9.22 -20.46 -10.71
N GLY A 171 -9.11 -21.74 -10.34
CA GLY A 171 -8.43 -22.09 -9.10
C GLY A 171 -9.09 -21.56 -7.84
N ILE A 172 -10.41 -21.73 -7.72
CA ILE A 172 -11.12 -21.24 -6.55
C ILE A 172 -11.36 -22.39 -5.55
N PRO A 173 -10.91 -22.20 -4.29
CA PRO A 173 -11.09 -23.25 -3.28
C PRO A 173 -12.58 -23.40 -2.96
N MET A 174 -13.08 -24.62 -3.08
CA MET A 174 -14.49 -24.87 -2.84
C MET A 174 -14.70 -26.35 -2.48
N VAL A 175 -15.54 -26.61 -1.49
CA VAL A 175 -15.82 -27.98 -1.10
C VAL A 175 -17.31 -28.16 -1.33
N VAL A 176 -17.65 -29.03 -2.27
CA VAL A 176 -19.04 -29.30 -2.60
C VAL A 176 -19.51 -30.62 -2.01
N PHE A 177 -20.54 -30.54 -1.16
CA PHE A 177 -21.12 -31.73 -0.54
C PHE A 177 -22.44 -32.02 -1.24
N THR A 178 -22.53 -33.17 -1.88
CA THR A 178 -23.76 -33.56 -2.57
C THR A 178 -24.38 -34.79 -1.93
N GLY A 179 -25.66 -34.67 -1.59
CA GLY A 179 -26.36 -35.79 -1.00
C GLY A 179 -26.38 -36.90 -2.04
N GLN A 180 -26.53 -38.13 -1.61
CA GLN A 180 -26.55 -39.26 -2.54
C GLN A 180 -27.55 -40.30 -2.04
N VAL A 181 -28.10 -41.09 -2.96
CA VAL A 181 -29.05 -42.13 -2.57
C VAL A 181 -28.35 -43.11 -1.65
N PRO A 182 -29.12 -43.95 -0.92
CA PRO A 182 -28.52 -44.93 0.00
C PRO A 182 -27.52 -45.82 -0.73
N THR A 183 -26.46 -46.22 -0.03
CA THR A 183 -25.43 -47.07 -0.65
C THR A 183 -26.00 -48.31 -1.31
N SER A 184 -27.11 -48.82 -0.77
CA SER A 184 -27.74 -50.02 -1.33
C SER A 184 -28.55 -49.72 -2.58
N ALA A 185 -28.80 -48.44 -2.83
CA ALA A 185 -29.57 -48.03 -4.01
C ALA A 185 -28.65 -47.57 -5.15
N ILE A 186 -27.39 -47.30 -4.82
CA ILE A 186 -26.45 -46.85 -5.83
C ILE A 186 -26.29 -47.91 -6.93
N GLY A 187 -26.36 -47.48 -8.18
CA GLY A 187 -26.23 -48.40 -9.30
C GLY A 187 -27.51 -49.12 -9.67
N THR A 188 -28.64 -48.68 -9.14
CA THR A 188 -29.93 -49.28 -9.44
C THR A 188 -30.82 -48.35 -10.25
N ASP A 189 -30.28 -47.20 -10.66
CA ASP A 189 -31.04 -46.19 -11.38
C ASP A 189 -32.10 -45.69 -10.42
N ALA A 190 -31.69 -45.52 -9.16
CA ALA A 190 -32.57 -45.05 -8.11
C ALA A 190 -33.12 -43.65 -8.35
N PHE A 191 -34.15 -43.32 -7.59
CA PHE A 191 -34.78 -42.01 -7.66
C PHE A 191 -33.75 -40.93 -7.37
N GLN A 192 -33.65 -39.96 -8.26
CA GLN A 192 -32.71 -38.86 -8.11
C GLN A 192 -31.26 -39.31 -7.90
N GLU A 193 -30.84 -40.30 -8.68
CA GLU A 193 -29.47 -40.79 -8.59
C GLU A 193 -28.67 -40.36 -9.80
N ALA A 194 -27.44 -39.93 -9.56
CA ALA A 194 -26.54 -39.51 -10.61
C ALA A 194 -25.15 -39.94 -10.20
N ASP A 195 -24.31 -40.28 -11.18
CA ASP A 195 -22.95 -40.69 -10.91
C ASP A 195 -22.16 -39.38 -10.85
N VAL A 196 -22.33 -38.66 -9.76
CA VAL A 196 -21.68 -37.36 -9.55
C VAL A 196 -20.16 -37.42 -9.47
N VAL A 197 -19.61 -38.51 -8.92
CA VAL A 197 -18.16 -38.63 -8.83
C VAL A 197 -17.59 -38.80 -10.24
N GLY A 198 -18.36 -39.45 -11.11
CA GLY A 198 -17.92 -39.63 -12.48
C GLY A 198 -18.06 -38.32 -13.24
N ILE A 199 -19.25 -37.73 -13.16
CA ILE A 199 -19.55 -36.47 -13.82
C ILE A 199 -18.54 -35.38 -13.46
N SER A 200 -18.26 -35.23 -12.16
CA SER A 200 -17.36 -34.19 -11.68
C SER A 200 -15.87 -34.52 -11.64
N ARG A 201 -15.48 -35.70 -12.10
CA ARG A 201 -14.05 -36.03 -12.03
C ARG A 201 -13.12 -35.06 -12.78
N SER A 202 -13.51 -34.63 -13.98
CA SER A 202 -12.66 -33.72 -14.76
C SER A 202 -12.73 -32.26 -14.29
N CYS A 203 -13.69 -31.92 -13.44
CA CYS A 203 -13.79 -30.54 -12.97
C CYS A 203 -13.62 -30.34 -11.46
N THR A 204 -12.84 -31.21 -10.82
CA THR A 204 -12.55 -31.10 -9.40
C THR A 204 -11.10 -31.56 -9.23
N LYS A 205 -10.41 -31.07 -8.21
CA LYS A 205 -9.04 -31.48 -7.99
C LYS A 205 -9.08 -32.90 -7.46
N TRP A 206 -10.19 -33.24 -6.83
CA TRP A 206 -10.36 -34.55 -6.23
C TRP A 206 -11.81 -34.68 -5.80
N ASN A 207 -12.30 -35.90 -5.73
CA ASN A 207 -13.67 -36.13 -5.26
C ASN A 207 -13.72 -37.51 -4.64
N VAL A 208 -14.77 -37.77 -3.88
CA VAL A 208 -14.88 -39.05 -3.21
C VAL A 208 -16.31 -39.28 -2.75
N MET A 209 -16.66 -40.55 -2.59
CA MET A 209 -17.96 -40.89 -2.08
C MET A 209 -17.71 -41.60 -0.75
N VAL A 210 -18.27 -41.04 0.32
CA VAL A 210 -18.09 -41.63 1.64
C VAL A 210 -18.87 -42.94 1.72
N LYS A 211 -18.16 -44.03 1.98
CA LYS A 211 -18.76 -45.36 2.06
C LYS A 211 -19.38 -45.69 3.41
N SER A 212 -18.85 -45.09 4.48
CA SER A 212 -19.37 -45.35 5.81
C SER A 212 -19.18 -44.13 6.68
N VAL A 213 -19.96 -44.05 7.76
CA VAL A 213 -19.87 -42.93 8.67
C VAL A 213 -18.49 -42.87 9.32
N GLU A 214 -17.84 -44.03 9.48
CA GLU A 214 -16.50 -44.10 10.08
C GLU A 214 -15.48 -43.20 9.37
N GLU A 215 -15.55 -43.11 8.05
CA GLU A 215 -14.60 -42.31 7.30
C GLU A 215 -15.05 -40.89 6.95
N LEU A 216 -16.22 -40.50 7.44
CA LEU A 216 -16.74 -39.16 7.14
C LEU A 216 -15.76 -38.06 7.59
N PRO A 217 -15.27 -38.12 8.84
CA PRO A 217 -14.34 -37.09 9.30
C PRO A 217 -13.07 -37.06 8.45
N LEU A 218 -12.60 -38.24 8.07
CA LEU A 218 -11.41 -38.35 7.24
C LEU A 218 -11.58 -37.68 5.88
N ARG A 219 -12.67 -38.02 5.20
CA ARG A 219 -12.93 -37.46 3.88
C ARG A 219 -13.13 -35.96 3.90
N ILE A 220 -13.73 -35.45 4.97
CA ILE A 220 -13.96 -34.02 5.07
C ILE A 220 -12.62 -33.30 5.24
N ASN A 221 -11.74 -33.85 6.07
CA ASN A 221 -10.45 -33.22 6.27
C ASN A 221 -9.60 -33.26 5.02
N GLU A 222 -9.65 -34.35 4.27
CA GLU A 222 -8.88 -34.44 3.04
C GLU A 222 -9.42 -33.45 2.01
N ALA A 223 -10.75 -33.31 1.96
CA ALA A 223 -11.39 -32.41 1.01
C ALA A 223 -10.95 -30.96 1.20
N PHE A 224 -11.06 -30.46 2.43
CA PHE A 224 -10.64 -29.09 2.73
C PHE A 224 -9.16 -28.87 2.50
N GLU A 225 -8.34 -29.86 2.83
CA GLU A 225 -6.90 -29.76 2.66
C GLU A 225 -6.54 -29.63 1.17
N ILE A 226 -7.10 -30.52 0.37
CA ILE A 226 -6.84 -30.53 -1.07
C ILE A 226 -7.33 -29.27 -1.78
N ALA A 227 -8.53 -28.81 -1.40
CA ALA A 227 -9.12 -27.63 -2.01
C ALA A 227 -8.31 -26.38 -1.72
N THR A 228 -7.70 -26.33 -0.54
CA THR A 228 -6.93 -25.15 -0.14
C THR A 228 -5.42 -25.17 -0.37
N SER A 229 -4.88 -26.25 -0.91
CA SER A 229 -3.44 -26.32 -1.13
C SER A 229 -3.03 -26.27 -2.59
N GLY A 230 -1.71 -26.19 -2.80
CA GLY A 230 -1.16 -26.10 -4.14
C GLY A 230 -1.95 -24.99 -4.80
N ARG A 231 -2.46 -25.27 -6.00
CA ARG A 231 -3.31 -24.29 -6.66
C ARG A 231 -4.68 -24.66 -6.12
N PRO A 232 -5.34 -23.72 -5.42
CA PRO A 232 -6.67 -24.00 -4.86
C PRO A 232 -7.64 -24.45 -5.96
N GLY A 233 -8.68 -25.18 -5.56
CA GLY A 233 -9.65 -25.64 -6.53
C GLY A 233 -10.83 -26.30 -5.86
N PRO A 234 -11.82 -26.76 -6.64
CA PRO A 234 -12.98 -27.40 -6.03
C PRO A 234 -12.77 -28.90 -5.82
N VAL A 235 -13.47 -29.45 -4.82
CA VAL A 235 -13.43 -30.86 -4.51
C VAL A 235 -14.87 -31.25 -4.21
N LEU A 236 -15.22 -32.49 -4.45
CA LEU A 236 -16.59 -32.92 -4.19
C LEU A 236 -16.67 -34.13 -3.29
N VAL A 237 -17.56 -34.05 -2.31
CA VAL A 237 -17.75 -35.15 -1.36
C VAL A 237 -19.20 -35.64 -1.47
N ASP A 238 -19.36 -36.86 -1.97
CA ASP A 238 -20.68 -37.47 -2.14
C ASP A 238 -21.10 -38.11 -0.82
N LEU A 239 -22.31 -37.80 -0.38
CA LEU A 239 -22.82 -38.30 0.89
C LEU A 239 -24.08 -39.16 0.85
N PRO A 240 -23.91 -40.50 0.83
CA PRO A 240 -25.07 -41.40 0.79
C PRO A 240 -25.97 -41.14 2.00
N LYS A 241 -27.28 -41.11 1.74
CA LYS A 241 -28.24 -40.83 2.79
C LYS A 241 -28.13 -41.75 4.00
N ASP A 242 -27.79 -43.01 3.78
CA ASP A 242 -27.66 -43.96 4.88
C ASP A 242 -26.38 -43.68 5.68
N VAL A 243 -25.38 -43.08 5.05
CA VAL A 243 -24.15 -42.78 5.75
C VAL A 243 -24.36 -41.58 6.69
N THR A 244 -25.07 -40.56 6.21
CA THR A 244 -25.32 -39.39 7.02
C THR A 244 -26.36 -39.62 8.11
N ALA A 245 -27.28 -40.55 7.88
CA ALA A 245 -28.29 -40.87 8.87
C ALA A 245 -27.73 -41.89 9.87
N ALA A 246 -26.67 -42.59 9.48
CA ALA A 246 -26.08 -43.61 10.33
C ALA A 246 -25.48 -43.05 11.62
N ILE A 247 -25.50 -43.86 12.66
CA ILE A 247 -24.94 -43.50 13.94
C ILE A 247 -23.57 -44.15 14.01
N LEU A 248 -22.55 -43.38 14.38
CA LEU A 248 -21.20 -43.94 14.48
C LEU A 248 -21.17 -44.83 15.72
N ARG A 249 -20.91 -46.12 15.51
CA ARG A 249 -20.87 -47.08 16.61
C ARG A 249 -19.51 -47.73 16.79
N ASN A 250 -18.48 -47.13 16.20
CA ASN A 250 -17.11 -47.63 16.31
C ASN A 250 -16.14 -46.48 16.49
N PRO A 251 -15.12 -46.66 17.35
CA PRO A 251 -14.15 -45.59 17.56
C PRO A 251 -13.39 -45.42 16.24
N ILE A 252 -12.78 -44.26 16.03
CA ILE A 252 -12.03 -44.03 14.80
C ILE A 252 -10.70 -43.35 15.11
N PRO A 253 -9.69 -43.55 14.26
CA PRO A 253 -8.37 -42.95 14.46
C PRO A 253 -8.42 -41.45 14.73
N THR A 254 -7.77 -41.02 15.80
CA THR A 254 -7.75 -39.60 16.17
C THR A 254 -7.23 -38.73 15.03
N LYS A 255 -6.25 -39.24 14.29
CA LYS A 255 -5.66 -38.51 13.18
C LYS A 255 -6.67 -38.17 12.08
N THR A 256 -7.65 -39.05 11.88
CA THR A 256 -8.66 -38.85 10.85
C THR A 256 -9.65 -37.75 11.22
N THR A 257 -9.74 -37.43 12.50
CA THR A 257 -10.68 -36.39 12.95
C THR A 257 -10.02 -35.01 13.11
N LEU A 258 -8.69 -34.97 13.04
CA LEU A 258 -7.98 -33.70 13.18
C LEU A 258 -7.51 -33.15 11.83
N PRO A 259 -7.96 -31.93 11.48
CA PRO A 259 -7.60 -31.26 10.23
C PRO A 259 -6.10 -31.28 9.94
N THR A 267 9.65 -29.03 3.57
CA THR A 267 9.99 -30.00 4.60
C THR A 267 11.30 -30.71 4.28
N SER A 268 11.38 -31.25 3.07
CA SER A 268 12.58 -31.97 2.63
C SER A 268 13.80 -31.04 2.53
N ARG A 269 14.93 -31.48 3.07
CA ARG A 269 16.16 -30.69 3.04
C ARG A 269 16.67 -30.53 1.62
N ALA A 270 16.53 -31.58 0.81
CA ALA A 270 16.99 -31.55 -0.58
C ALA A 270 16.12 -30.63 -1.45
N GLN A 271 14.81 -30.68 -1.24
CA GLN A 271 13.89 -29.85 -2.01
C GLN A 271 14.09 -28.37 -1.70
N ASP A 272 14.26 -28.04 -0.43
CA ASP A 272 14.46 -26.65 -0.01
C ASP A 272 15.73 -26.08 -0.65
N GLU A 273 16.81 -26.85 -0.60
CA GLU A 273 18.06 -26.41 -1.19
C GLU A 273 17.90 -26.31 -2.70
N PHE A 274 17.02 -27.14 -3.25
CA PHE A 274 16.77 -27.11 -4.69
C PHE A 274 16.04 -25.81 -5.04
N VAL A 275 15.03 -25.48 -4.24
CA VAL A 275 14.27 -24.26 -4.48
C VAL A 275 15.18 -23.05 -4.34
N MET A 276 16.02 -23.05 -3.32
CA MET A 276 16.93 -21.93 -3.11
C MET A 276 17.88 -21.81 -4.30
N GLN A 277 18.27 -22.94 -4.87
CA GLN A 277 19.16 -22.92 -6.02
C GLN A 277 18.45 -22.28 -7.22
N SER A 278 17.18 -22.62 -7.40
CA SER A 278 16.42 -22.04 -8.50
C SER A 278 16.21 -20.55 -8.21
N ILE A 279 16.09 -20.20 -6.94
CA ILE A 279 15.91 -18.81 -6.55
C ILE A 279 17.18 -18.01 -6.85
N ASN A 280 18.34 -18.59 -6.57
CA ASN A 280 19.60 -17.91 -6.84
C ASN A 280 19.75 -17.73 -8.35
N LYS A 281 19.36 -18.74 -9.12
CA LYS A 281 19.43 -18.65 -10.57
C LYS A 281 18.52 -17.54 -11.08
N ALA A 282 17.31 -17.47 -10.50
CA ALA A 282 16.35 -16.44 -10.88
C ALA A 282 16.90 -15.06 -10.59
N ALA A 283 17.46 -14.88 -9.39
CA ALA A 283 18.03 -13.59 -9.01
C ALA A 283 19.14 -13.19 -9.99
N ASP A 284 20.03 -14.12 -10.31
CA ASP A 284 21.11 -13.82 -11.25
C ASP A 284 20.57 -13.30 -12.58
N LEU A 285 19.57 -13.99 -13.11
CA LEU A 285 18.98 -13.58 -14.39
C LEU A 285 18.36 -12.18 -14.31
N ILE A 286 17.66 -11.91 -13.22
CA ILE A 286 17.02 -10.61 -13.02
C ILE A 286 18.06 -9.49 -12.92
N ASN A 287 19.14 -9.75 -12.20
CA ASN A 287 20.19 -8.76 -12.02
C ASN A 287 20.90 -8.36 -13.32
N LEU A 288 20.74 -9.15 -14.37
CA LEU A 288 21.40 -8.79 -15.62
C LEU A 288 20.42 -8.30 -16.68
N ALA A 289 19.13 -8.28 -16.34
CA ALA A 289 18.10 -7.84 -17.27
C ALA A 289 18.16 -6.34 -17.51
N LYS A 290 17.92 -5.92 -18.75
CA LYS A 290 17.95 -4.51 -19.08
C LYS A 290 16.54 -3.98 -19.33
N LYS A 291 15.66 -4.86 -19.81
CA LYS A 291 14.27 -4.50 -20.10
C LYS A 291 13.34 -5.55 -19.48
N PRO A 292 13.34 -5.66 -18.14
CA PRO A 292 12.49 -6.63 -17.44
C PRO A 292 11.02 -6.27 -17.36
N VAL A 293 10.18 -7.31 -17.26
CA VAL A 293 8.75 -7.13 -17.13
C VAL A 293 8.16 -8.18 -16.19
N LEU A 294 7.42 -7.72 -15.20
CA LEU A 294 6.78 -8.63 -14.26
C LEU A 294 5.39 -8.88 -14.82
N TYR A 295 5.08 -10.15 -15.02
CA TYR A 295 3.81 -10.60 -15.56
C TYR A 295 3.14 -11.35 -14.40
N VAL A 296 2.30 -10.62 -13.69
CA VAL A 296 1.63 -11.08 -12.49
C VAL A 296 0.19 -11.57 -12.67
N GLY A 297 -0.13 -12.68 -12.00
CA GLY A 297 -1.47 -13.23 -12.09
C GLY A 297 -2.11 -13.52 -10.75
N ALA A 298 -3.20 -14.28 -10.77
CA ALA A 298 -3.94 -14.65 -9.56
C ALA A 298 -3.08 -15.25 -8.44
N GLY A 299 -2.01 -15.93 -8.80
CA GLY A 299 -1.15 -16.56 -7.80
C GLY A 299 -0.60 -15.66 -6.72
N ILE A 300 -0.33 -14.40 -7.07
CA ILE A 300 0.22 -13.45 -6.12
C ILE A 300 -0.80 -13.09 -5.04
N LEU A 301 -2.07 -13.27 -5.36
CA LEU A 301 -3.14 -12.94 -4.41
C LEU A 301 -3.46 -14.09 -3.46
N ASN A 302 -2.86 -15.26 -3.70
CA ASN A 302 -3.13 -16.41 -2.82
C ASN A 302 -2.32 -16.34 -1.54
N HIS A 303 -1.71 -15.19 -1.29
CA HIS A 303 -0.95 -14.96 -0.06
C HIS A 303 -1.17 -13.51 0.36
N ALA A 304 -1.40 -13.31 1.65
CA ALA A 304 -1.65 -11.98 2.20
C ALA A 304 -0.56 -10.96 1.91
N ASP A 305 0.70 -11.42 1.89
CA ASP A 305 1.83 -10.54 1.63
C ASP A 305 2.21 -10.46 0.16
N GLY A 306 1.43 -11.12 -0.70
CA GLY A 306 1.71 -11.12 -2.12
C GLY A 306 1.92 -9.73 -2.70
N PRO A 307 0.88 -8.89 -2.70
CA PRO A 307 0.97 -7.53 -3.25
C PRO A 307 2.12 -6.72 -2.67
N ARG A 308 2.33 -6.84 -1.36
CA ARG A 308 3.42 -6.12 -0.70
C ARG A 308 4.80 -6.51 -1.23
N LEU A 309 5.06 -7.81 -1.34
CA LEU A 309 6.34 -8.28 -1.85
C LEU A 309 6.50 -7.98 -3.34
N LEU A 310 5.42 -8.08 -4.11
CA LEU A 310 5.47 -7.76 -5.53
C LEU A 310 5.89 -6.31 -5.70
N LYS A 311 5.35 -5.45 -4.83
CA LYS A 311 5.68 -4.03 -4.88
C LYS A 311 7.14 -3.80 -4.50
N GLU A 312 7.59 -4.47 -3.44
CA GLU A 312 8.98 -4.32 -3.00
C GLU A 312 9.95 -4.71 -4.11
N LEU A 313 9.67 -5.81 -4.79
CA LEU A 313 10.54 -6.26 -5.88
C LEU A 313 10.52 -5.27 -7.03
N SER A 314 9.33 -4.75 -7.34
CA SER A 314 9.18 -3.81 -8.43
C SER A 314 9.95 -2.51 -8.19
N ASP A 315 9.89 -2.00 -6.96
CA ASP A 315 10.60 -0.78 -6.62
C ASP A 315 12.11 -1.00 -6.50
N ARG A 316 12.50 -2.09 -5.84
CA ARG A 316 13.89 -2.42 -5.64
C ARG A 316 14.66 -2.55 -6.95
N ALA A 317 14.08 -3.23 -7.93
CA ALA A 317 14.75 -3.43 -9.22
C ALA A 317 14.16 -2.60 -10.36
N GLN A 318 13.24 -1.68 -10.05
CA GLN A 318 12.61 -0.84 -11.06
C GLN A 318 12.04 -1.65 -12.21
N ILE A 319 11.13 -2.57 -11.89
CA ILE A 319 10.54 -3.43 -12.91
C ILE A 319 9.07 -3.06 -13.14
N PRO A 320 8.71 -2.72 -14.38
CA PRO A 320 7.32 -2.37 -14.67
C PRO A 320 6.44 -3.60 -14.47
N VAL A 321 5.19 -3.38 -14.09
CA VAL A 321 4.26 -4.49 -13.81
C VAL A 321 2.95 -4.55 -14.58
N THR A 322 2.72 -5.65 -15.27
CA THR A 322 1.47 -5.88 -15.98
C THR A 322 0.79 -7.09 -15.33
N THR A 323 -0.55 -7.08 -15.28
CA THR A 323 -1.28 -8.19 -14.69
C THR A 323 -2.30 -8.77 -15.65
N THR A 324 -2.68 -10.02 -15.40
CA THR A 324 -3.70 -10.67 -16.20
C THR A 324 -5.03 -10.15 -15.63
N LEU A 325 -6.14 -10.58 -16.22
CA LEU A 325 -7.46 -10.19 -15.75
C LEU A 325 -7.62 -10.61 -14.29
N GLN A 326 -7.12 -11.80 -13.96
CA GLN A 326 -7.24 -12.36 -12.62
C GLN A 326 -6.22 -11.82 -11.63
N GLY A 327 -5.33 -10.96 -12.10
CA GLY A 327 -4.32 -10.37 -11.22
C GLY A 327 -4.64 -8.92 -10.89
N LEU A 328 -5.66 -8.37 -11.54
CA LEU A 328 -6.07 -6.98 -11.30
C LEU A 328 -6.32 -6.77 -9.80
N GLY A 329 -5.74 -5.70 -9.26
CA GLY A 329 -5.91 -5.42 -7.85
C GLY A 329 -4.67 -5.79 -7.06
N SER A 330 -3.80 -6.60 -7.64
CA SER A 330 -2.60 -7.01 -6.94
C SER A 330 -1.54 -5.92 -7.01
N PHE A 331 -1.66 -5.04 -8.00
CA PHE A 331 -0.70 -3.96 -8.17
C PHE A 331 -1.44 -2.62 -8.30
N ASP A 332 -0.94 -1.61 -7.58
CA ASP A 332 -1.51 -0.28 -7.60
C ASP A 332 -1.38 0.34 -9.00
N GLN A 333 -2.46 0.41 -9.75
CA GLN A 333 -2.40 0.99 -11.09
C GLN A 333 -2.14 2.50 -11.05
N GLU A 334 -2.05 3.04 -9.84
CA GLU A 334 -1.77 4.46 -9.66
C GLU A 334 -0.26 4.67 -9.72
N ASP A 335 0.50 3.59 -9.56
CA ASP A 335 1.96 3.64 -9.59
C ASP A 335 2.47 3.81 -11.03
N PRO A 336 3.45 4.70 -11.23
CA PRO A 336 4.00 4.93 -12.57
C PRO A 336 4.55 3.68 -13.24
N LYS A 337 4.96 2.69 -12.46
CA LYS A 337 5.50 1.45 -13.01
C LYS A 337 4.43 0.45 -13.45
N SER A 338 3.16 0.84 -13.33
CA SER A 338 2.08 -0.04 -13.74
C SER A 338 1.89 -0.03 -15.26
N LEU A 339 1.74 -1.21 -15.83
CA LEU A 339 1.55 -1.35 -17.26
C LEU A 339 0.10 -1.68 -17.59
N ASP A 340 -0.70 -1.91 -16.56
CA ASP A 340 -2.11 -2.27 -16.71
C ASP A 340 -2.23 -3.72 -17.22
N MET A 341 -3.40 -4.10 -17.71
CA MET A 341 -3.64 -5.47 -18.17
C MET A 341 -3.06 -5.81 -19.53
N LEU A 342 -2.60 -7.05 -19.69
CA LEU A 342 -2.04 -7.49 -20.97
C LEU A 342 -3.01 -8.51 -21.58
N GLY A 343 -2.74 -8.93 -22.81
CA GLY A 343 -3.59 -9.92 -23.45
C GLY A 343 -4.45 -9.49 -24.62
N MET A 344 -5.36 -10.38 -24.98
CA MET A 344 -6.31 -10.18 -26.09
C MET A 344 -6.91 -8.78 -26.12
N HIS A 345 -7.34 -8.30 -24.96
CA HIS A 345 -7.94 -6.98 -24.85
C HIS A 345 -7.16 -6.13 -23.85
N GLY A 346 -5.88 -6.44 -23.71
CA GLY A 346 -5.04 -5.69 -22.79
C GLY A 346 -4.54 -4.38 -23.35
N CYS A 347 -4.00 -3.54 -22.47
CA CYS A 347 -3.44 -2.25 -22.84
C CYS A 347 -2.31 -2.52 -23.84
N ALA A 348 -2.21 -1.68 -24.86
CA ALA A 348 -1.18 -1.84 -25.89
C ALA A 348 0.23 -1.72 -25.31
N THR A 349 0.38 -0.83 -24.33
CA THR A 349 1.67 -0.62 -23.70
C THR A 349 2.14 -1.90 -23.01
N ALA A 350 1.23 -2.56 -22.31
CA ALA A 350 1.56 -3.80 -21.61
C ALA A 350 1.99 -4.86 -22.60
N ASN A 351 1.21 -5.02 -23.67
CA ASN A 351 1.53 -6.00 -24.69
C ASN A 351 2.85 -5.69 -25.40
N LEU A 352 3.11 -4.41 -25.65
CA LEU A 352 4.35 -4.01 -26.31
C LEU A 352 5.53 -4.23 -25.36
N ALA A 353 5.35 -3.92 -24.09
CA ALA A 353 6.42 -4.10 -23.12
C ALA A 353 6.81 -5.58 -23.06
N VAL A 354 5.81 -6.45 -23.10
CA VAL A 354 6.04 -7.88 -23.04
C VAL A 354 6.73 -8.42 -24.31
N GLN A 355 6.38 -7.85 -25.45
CA GLN A 355 6.97 -8.28 -26.72
C GLN A 355 8.40 -7.79 -26.91
N ASN A 356 8.81 -6.82 -26.11
CA ASN A 356 10.15 -6.23 -26.22
C ASN A 356 11.05 -6.46 -25.01
N ALA A 357 10.50 -7.03 -23.95
CA ALA A 357 11.27 -7.30 -22.75
C ALA A 357 12.30 -8.39 -23.03
N ASP A 358 13.45 -8.29 -22.37
CA ASP A 358 14.48 -9.31 -22.54
C ASP A 358 14.27 -10.37 -21.45
N LEU A 359 13.51 -9.99 -20.42
CA LEU A 359 13.19 -10.91 -19.33
C LEU A 359 11.73 -10.77 -18.90
N ILE A 360 11.05 -11.90 -18.83
CA ILE A 360 9.67 -11.91 -18.38
C ILE A 360 9.63 -12.70 -17.09
N ILE A 361 9.29 -12.03 -16.00
CA ILE A 361 9.21 -12.65 -14.69
C ILE A 361 7.74 -12.94 -14.42
N ALA A 362 7.33 -14.18 -14.69
CA ALA A 362 5.95 -14.59 -14.48
C ALA A 362 5.74 -15.01 -13.03
N VAL A 363 4.80 -14.32 -12.38
CA VAL A 363 4.48 -14.58 -10.99
C VAL A 363 3.01 -14.93 -10.85
N GLY A 364 2.74 -16.22 -10.60
CA GLY A 364 1.36 -16.66 -10.43
C GLY A 364 0.43 -16.47 -11.60
N ALA A 365 0.92 -16.75 -12.81
CA ALA A 365 0.11 -16.64 -14.03
C ALA A 365 0.38 -17.90 -14.84
N ARG A 366 -0.61 -18.36 -15.61
CA ARG A 366 -0.43 -19.59 -16.38
C ARG A 366 -0.31 -19.49 -17.89
N PHE A 367 0.04 -18.31 -18.41
CA PHE A 367 0.18 -18.14 -19.85
C PHE A 367 -1.01 -18.71 -20.64
N ASP A 368 -2.23 -18.36 -20.26
CA ASP A 368 -3.39 -18.88 -20.98
C ASP A 368 -3.53 -18.25 -22.36
N ASP A 369 -4.38 -18.82 -23.20
CA ASP A 369 -4.53 -18.32 -24.55
C ASP A 369 -5.22 -16.95 -24.74
N ARG A 370 -5.76 -16.38 -23.66
CA ARG A 370 -6.38 -15.05 -23.77
C ARG A 370 -5.31 -14.02 -23.43
N VAL A 371 -4.13 -14.50 -23.06
CA VAL A 371 -3.02 -13.63 -22.67
C VAL A 371 -1.83 -13.61 -23.63
N THR A 372 -1.42 -14.78 -24.08
CA THR A 372 -0.25 -14.90 -24.96
C THR A 372 -0.41 -14.51 -26.42
N GLY A 373 -1.63 -14.44 -26.94
CA GLY A 373 -1.79 -14.12 -28.35
C GLY A 373 -1.17 -15.31 -29.09
N ASN A 374 -0.79 -15.14 -30.36
CA ASN A 374 -0.18 -16.25 -31.09
C ASN A 374 1.07 -16.68 -30.32
N ILE A 375 1.04 -17.89 -29.78
CA ILE A 375 2.15 -18.39 -28.98
C ILE A 375 3.52 -18.38 -29.66
N SER A 376 3.58 -18.66 -30.95
CA SER A 376 4.86 -18.66 -31.65
C SER A 376 5.41 -17.25 -31.82
N LYS A 377 4.54 -16.25 -31.62
CA LYS A 377 4.94 -14.85 -31.73
C LYS A 377 5.10 -14.20 -30.36
N PHE A 378 4.86 -14.97 -29.30
CA PHE A 378 4.95 -14.46 -27.94
C PHE A 378 6.36 -14.18 -27.42
N ALA A 379 6.52 -13.03 -26.79
CA ALA A 379 7.78 -12.60 -26.20
C ALA A 379 9.02 -12.94 -27.05
N PRO A 380 9.09 -12.42 -28.27
CA PRO A 380 10.22 -12.68 -29.17
C PRO A 380 11.58 -12.21 -28.62
N GLU A 381 11.57 -11.07 -27.94
CA GLU A 381 12.79 -10.54 -27.37
C GLU A 381 13.27 -11.34 -26.16
N ALA A 382 12.35 -12.01 -25.48
CA ALA A 382 12.75 -12.81 -24.33
C ALA A 382 13.33 -14.12 -24.86
N ARG A 383 12.75 -14.63 -25.93
CA ARG A 383 13.23 -15.85 -26.55
C ARG A 383 14.63 -15.61 -27.10
N ARG A 384 14.84 -14.42 -27.67
CA ARG A 384 16.14 -14.07 -28.22
C ARG A 384 17.19 -13.92 -27.12
N ALA A 385 16.82 -13.26 -26.04
CA ALA A 385 17.74 -13.06 -24.92
C ALA A 385 18.12 -14.42 -24.33
N ALA A 386 17.16 -15.35 -24.29
CA ALA A 386 17.38 -16.68 -23.76
C ALA A 386 18.40 -17.41 -24.63
N ALA A 387 18.24 -17.27 -25.95
CA ALA A 387 19.13 -17.91 -26.90
C ALA A 387 20.55 -17.41 -26.70
N GLU A 388 20.69 -16.18 -26.22
CA GLU A 388 21.99 -15.57 -25.98
C GLU A 388 22.38 -15.64 -24.51
N GLY A 389 21.64 -16.43 -23.74
CA GLY A 389 21.93 -16.59 -22.32
C GLY A 389 21.94 -15.31 -21.48
N ARG A 390 21.11 -14.34 -21.85
CA ARG A 390 21.06 -13.08 -21.11
C ARG A 390 19.63 -12.70 -20.72
N GLY A 391 18.73 -13.69 -20.76
CA GLY A 391 17.35 -13.43 -20.40
C GLY A 391 16.44 -14.61 -20.65
N GLY A 392 15.18 -14.33 -20.95
CA GLY A 392 14.22 -15.39 -21.19
C GLY A 392 13.00 -15.29 -20.29
N ILE A 393 12.59 -16.42 -19.72
CA ILE A 393 11.41 -16.45 -18.85
C ILE A 393 11.63 -17.18 -17.53
N ILE A 394 11.27 -16.49 -16.44
CA ILE A 394 11.36 -17.05 -15.09
C ILE A 394 9.92 -17.26 -14.70
N HIS A 395 9.62 -18.40 -14.07
CA HIS A 395 8.25 -18.71 -13.71
C HIS A 395 8.07 -19.17 -12.26
N PHE A 396 7.38 -18.35 -11.48
CA PHE A 396 7.08 -18.67 -10.08
C PHE A 396 5.73 -19.36 -10.15
N GLU A 397 5.75 -20.69 -10.08
CA GLU A 397 4.52 -21.48 -10.21
C GLU A 397 4.40 -22.54 -9.12
N VAL A 398 3.19 -22.66 -8.57
CA VAL A 398 2.93 -23.62 -7.49
C VAL A 398 2.59 -25.02 -7.98
N SER A 399 2.05 -25.14 -9.18
CA SER A 399 1.67 -26.44 -9.71
C SER A 399 2.56 -26.95 -10.84
N PRO A 400 3.14 -28.14 -10.69
CA PRO A 400 4.02 -28.74 -11.70
C PRO A 400 3.30 -28.86 -13.05
N LYS A 401 1.98 -29.04 -13.00
CA LYS A 401 1.18 -29.17 -14.21
C LYS A 401 1.30 -27.94 -15.11
N ASN A 402 1.55 -26.77 -14.51
CA ASN A 402 1.65 -25.56 -15.31
C ASN A 402 3.06 -25.04 -15.53
N ILE A 403 4.05 -25.91 -15.32
CA ILE A 403 5.43 -25.54 -15.53
C ILE A 403 5.81 -26.11 -16.90
N ASN A 404 6.30 -25.25 -17.79
CA ASN A 404 6.69 -25.67 -19.14
C ASN A 404 5.53 -26.29 -19.90
N LYS A 405 4.31 -25.82 -19.63
CA LYS A 405 3.13 -26.35 -20.30
C LYS A 405 2.85 -25.63 -21.63
N VAL A 406 3.01 -24.31 -21.62
CA VAL A 406 2.75 -23.53 -22.82
C VAL A 406 4.00 -23.01 -23.51
N VAL A 407 4.95 -22.52 -22.72
CA VAL A 407 6.19 -22.01 -23.28
C VAL A 407 7.39 -22.51 -22.50
N GLN A 408 8.50 -22.70 -23.20
CA GLN A 408 9.72 -23.16 -22.56
C GLN A 408 10.20 -22.05 -21.63
N THR A 409 10.43 -22.39 -20.38
CA THR A 409 10.91 -21.37 -19.44
C THR A 409 12.36 -21.69 -19.09
N GLN A 410 13.14 -20.67 -18.80
CA GLN A 410 14.55 -20.86 -18.46
C GLN A 410 14.76 -21.23 -17.01
N ILE A 411 13.93 -20.70 -16.12
CA ILE A 411 14.05 -21.00 -14.70
C ILE A 411 12.67 -21.07 -14.05
N ALA A 412 12.35 -22.24 -13.52
CA ALA A 412 11.08 -22.43 -12.84
C ALA A 412 11.34 -22.41 -11.34
N VAL A 413 10.59 -21.59 -10.62
CA VAL A 413 10.74 -21.52 -9.16
C VAL A 413 9.46 -22.11 -8.59
N GLU A 414 9.55 -23.35 -8.13
CA GLU A 414 8.41 -24.08 -7.59
C GLU A 414 7.98 -23.65 -6.20
N GLY A 415 6.67 -23.65 -5.98
CA GLY A 415 6.15 -23.28 -4.68
C GLY A 415 5.30 -22.03 -4.67
N ASP A 416 4.99 -21.56 -3.47
CA ASP A 416 4.21 -20.36 -3.29
C ASP A 416 5.04 -19.17 -3.79
N ALA A 417 4.49 -18.41 -4.72
CA ALA A 417 5.19 -17.27 -5.29
C ALA A 417 5.62 -16.25 -4.25
N THR A 418 4.67 -15.80 -3.43
CA THR A 418 4.95 -14.80 -2.42
C THR A 418 6.12 -15.23 -1.54
N THR A 419 6.05 -16.44 -1.00
CA THR A 419 7.10 -16.95 -0.15
C THR A 419 8.45 -16.91 -0.86
N ASN A 420 8.48 -17.35 -2.11
CA ASN A 420 9.73 -17.36 -2.84
C ASN A 420 10.26 -15.98 -3.18
N LEU A 421 9.37 -15.01 -3.36
CA LEU A 421 9.79 -13.64 -3.65
C LEU A 421 10.48 -13.10 -2.41
N GLY A 422 9.96 -13.46 -1.23
CA GLY A 422 10.55 -13.00 0.00
C GLY A 422 11.96 -13.53 0.18
N LYS A 423 12.17 -14.81 -0.17
CA LYS A 423 13.48 -15.43 -0.06
C LYS A 423 14.48 -14.85 -1.05
N MET A 424 13.99 -14.44 -2.21
CA MET A 424 14.85 -13.92 -3.26
C MET A 424 15.24 -12.45 -3.14
N MET A 425 14.39 -11.66 -2.48
CA MET A 425 14.61 -10.23 -2.34
C MET A 425 16.04 -9.78 -2.03
N SER A 426 16.67 -10.37 -1.01
CA SER A 426 18.02 -9.98 -0.62
C SER A 426 19.09 -10.25 -1.67
N LYS A 427 18.79 -11.13 -2.62
CA LYS A 427 19.74 -11.47 -3.67
C LYS A 427 19.60 -10.56 -4.89
N ILE A 428 18.59 -9.69 -4.86
CA ILE A 428 18.34 -8.77 -5.96
C ILE A 428 19.15 -7.48 -5.81
N PHE A 429 19.92 -7.13 -6.83
CA PHE A 429 20.71 -5.90 -6.79
C PHE A 429 19.79 -4.70 -6.92
N PRO A 430 19.88 -3.74 -5.98
CA PRO A 430 19.00 -2.56 -6.08
C PRO A 430 19.33 -1.76 -7.33
N VAL A 431 18.31 -1.30 -8.03
CA VAL A 431 18.51 -0.54 -9.27
C VAL A 431 18.16 0.94 -9.10
N LYS A 432 19.07 1.81 -9.51
CA LYS A 432 18.87 3.25 -9.42
C LYS A 432 17.79 3.70 -10.40
N GLU A 433 17.87 3.20 -11.63
CA GLU A 433 16.89 3.57 -12.65
C GLU A 433 17.06 2.87 -13.98
N ARG A 434 16.00 2.95 -14.80
CA ARG A 434 15.99 2.37 -16.13
C ARG A 434 15.40 3.43 -17.08
N SER A 435 16.21 4.45 -17.35
CA SER A 435 15.81 5.57 -18.21
C SER A 435 15.29 5.16 -19.58
N GLU A 436 16.13 4.47 -20.36
CA GLU A 436 15.73 4.05 -21.71
C GLU A 436 14.47 3.20 -21.73
N TRP A 437 14.44 2.16 -20.89
CA TRP A 437 13.31 1.25 -20.82
C TRP A 437 12.03 2.03 -20.47
N PHE A 438 12.10 2.81 -19.40
CA PHE A 438 10.96 3.60 -18.98
C PHE A 438 10.54 4.64 -20.01
N ALA A 439 11.52 5.28 -20.64
CA ALA A 439 11.22 6.29 -21.66
C ALA A 439 10.40 5.65 -22.77
N GLN A 440 10.84 4.47 -23.20
CA GLN A 440 10.14 3.76 -24.26
C GLN A 440 8.71 3.43 -23.83
N ILE A 441 8.56 2.93 -22.61
CA ILE A 441 7.25 2.59 -22.09
C ILE A 441 6.35 3.82 -22.00
N ASN A 442 6.89 4.93 -21.51
CA ASN A 442 6.09 6.16 -21.41
C ASN A 442 5.68 6.63 -22.80
N LYS A 443 6.49 6.32 -23.80
CA LYS A 443 6.21 6.71 -25.17
C LYS A 443 5.00 5.93 -25.68
N TRP A 444 4.95 4.64 -25.35
CA TRP A 444 3.82 3.80 -25.76
C TRP A 444 2.55 4.21 -25.02
N LYS A 445 2.71 4.62 -23.77
CA LYS A 445 1.55 5.01 -22.97
C LYS A 445 0.85 6.23 -23.56
N LYS A 446 1.63 7.20 -24.04
CA LYS A 446 1.05 8.40 -24.62
C LYS A 446 0.42 8.07 -25.96
N GLU A 447 1.04 7.18 -26.71
CA GLU A 447 0.53 6.81 -28.02
C GLU A 447 -0.64 5.84 -28.00
N TYR A 448 -0.67 4.91 -27.04
CA TYR A 448 -1.74 3.93 -27.02
C TYR A 448 -2.63 3.87 -25.79
N PRO A 449 -3.39 4.94 -25.52
CA PRO A 449 -4.28 4.93 -24.35
C PRO A 449 -5.54 4.12 -24.68
N TYR A 450 -6.37 3.85 -23.68
CA TYR A 450 -7.61 3.11 -23.89
C TYR A 450 -8.62 4.06 -24.55
N ALA A 451 -8.40 4.36 -25.83
CA ALA A 451 -9.28 5.26 -26.56
C ALA A 451 -10.55 4.60 -27.10
N TYR A 452 -11.62 5.40 -27.24
CA TYR A 452 -12.90 4.92 -27.75
C TYR A 452 -13.77 6.10 -28.20
N MET A 453 -14.86 5.80 -28.89
CA MET A 453 -15.77 6.85 -29.36
C MET A 453 -16.55 7.42 -28.19
N GLU A 454 -16.27 8.67 -27.83
CA GLU A 454 -16.98 9.30 -26.72
C GLU A 454 -18.34 9.80 -27.14
N GLU A 455 -19.17 10.14 -26.16
CA GLU A 455 -20.51 10.63 -26.44
C GLU A 455 -20.53 11.93 -27.25
N THR A 456 -21.61 12.11 -28.01
CA THR A 456 -21.84 13.31 -28.80
C THR A 456 -23.29 13.66 -28.56
N PRO A 457 -23.69 14.91 -28.87
CA PRO A 457 -25.09 15.30 -28.65
C PRO A 457 -26.06 14.34 -29.32
N GLY A 458 -27.07 13.89 -28.57
CA GLY A 458 -28.07 13.00 -29.11
C GLY A 458 -27.71 11.52 -29.18
N SER A 459 -26.44 11.19 -28.95
CA SER A 459 -26.01 9.80 -29.01
C SER A 459 -26.36 9.07 -27.70
N LYS A 460 -26.36 7.75 -27.76
CA LYS A 460 -26.63 6.95 -26.58
C LYS A 460 -25.43 7.04 -25.65
N ILE A 461 -25.60 6.63 -24.41
CA ILE A 461 -24.50 6.66 -23.45
C ILE A 461 -23.47 5.60 -23.88
N LYS A 462 -22.19 5.90 -23.67
CA LYS A 462 -21.14 4.95 -24.03
C LYS A 462 -20.79 4.05 -22.84
N PRO A 463 -20.72 2.72 -23.05
CA PRO A 463 -20.41 1.81 -21.95
C PRO A 463 -19.09 2.13 -21.24
N GLN A 464 -18.05 2.44 -22.00
CA GLN A 464 -16.75 2.76 -21.41
C GLN A 464 -16.86 3.95 -20.45
N THR A 465 -17.66 4.95 -20.83
CA THR A 465 -17.87 6.14 -20.01
C THR A 465 -18.53 5.82 -18.68
N VAL A 466 -19.47 4.88 -18.69
CA VAL A 466 -20.15 4.51 -17.46
C VAL A 466 -19.15 3.94 -16.46
N ILE A 467 -18.32 3.02 -16.94
CA ILE A 467 -17.31 2.39 -16.09
C ILE A 467 -16.40 3.44 -15.47
N LYS A 468 -15.88 4.34 -16.29
CA LYS A 468 -14.99 5.38 -15.79
C LYS A 468 -15.68 6.25 -14.75
N LYS A 469 -16.94 6.59 -14.97
CA LYS A 469 -17.67 7.40 -14.01
C LYS A 469 -17.98 6.65 -12.72
N LEU A 470 -18.43 5.40 -12.85
CA LEU A 470 -18.77 4.61 -11.67
C LEU A 470 -17.51 4.37 -10.83
N SER A 471 -16.40 4.12 -11.51
CA SER A 471 -15.14 3.87 -10.83
C SER A 471 -14.79 5.00 -9.87
N LYS A 472 -14.91 6.24 -10.33
CA LYS A 472 -14.59 7.38 -9.50
C LYS A 472 -15.61 7.57 -8.38
N VAL A 473 -16.88 7.41 -8.71
CA VAL A 473 -17.93 7.57 -7.71
C VAL A 473 -17.80 6.54 -6.60
N ALA A 474 -17.46 5.31 -6.98
CA ALA A 474 -17.31 4.25 -6.00
C ALA A 474 -16.08 4.50 -5.12
N ASN A 475 -14.95 4.84 -5.74
CA ASN A 475 -13.72 5.10 -5.00
C ASN A 475 -13.86 6.25 -4.03
N ASP A 476 -14.54 7.32 -4.44
CA ASP A 476 -14.69 8.47 -3.55
C ASP A 476 -15.54 8.23 -2.30
N THR A 477 -16.25 7.10 -2.24
CA THR A 477 -17.08 6.81 -1.07
C THR A 477 -16.22 6.59 0.18
N GLY A 478 -14.98 6.15 -0.03
CA GLY A 478 -14.10 5.89 1.09
C GLY A 478 -14.27 4.48 1.65
N ARG A 479 -15.27 3.76 1.13
CA ARG A 479 -15.53 2.40 1.57
C ARG A 479 -14.69 1.40 0.78
N HIS A 480 -14.71 0.15 1.23
CA HIS A 480 -13.97 -0.91 0.55
C HIS A 480 -14.89 -1.38 -0.57
N VAL A 481 -14.39 -1.35 -1.80
CA VAL A 481 -15.19 -1.73 -2.96
C VAL A 481 -14.80 -3.07 -3.59
N ILE A 482 -15.81 -3.88 -3.86
CA ILE A 482 -15.61 -5.16 -4.50
C ILE A 482 -16.44 -5.18 -5.77
N VAL A 483 -15.82 -5.55 -6.89
CA VAL A 483 -16.51 -5.61 -8.17
C VAL A 483 -16.58 -7.02 -8.74
N THR A 484 -17.78 -7.45 -9.10
CA THR A 484 -17.97 -8.75 -9.73
C THR A 484 -18.54 -8.39 -11.10
N THR A 485 -18.51 -9.34 -12.04
CA THR A 485 -19.04 -9.06 -13.37
C THR A 485 -19.65 -10.31 -14.01
N GLY A 486 -20.26 -10.09 -15.17
CA GLY A 486 -20.81 -11.18 -15.93
C GLY A 486 -19.70 -11.47 -16.94
N VAL A 487 -20.03 -12.08 -18.07
CA VAL A 487 -19.01 -12.38 -19.07
C VAL A 487 -19.35 -11.68 -20.39
N GLY A 488 -18.39 -10.95 -20.93
CA GLY A 488 -18.61 -10.24 -22.17
C GLY A 488 -17.85 -8.93 -22.27
N GLN A 489 -18.34 -8.03 -23.10
CA GLN A 489 -17.72 -6.74 -23.31
C GLN A 489 -17.72 -5.88 -22.05
N HIS A 490 -18.85 -5.86 -21.36
CA HIS A 490 -18.96 -5.10 -20.12
C HIS A 490 -17.88 -5.56 -19.15
N GLN A 491 -17.57 -6.86 -19.20
CA GLN A 491 -16.55 -7.44 -18.34
C GLN A 491 -15.18 -6.88 -18.70
N MET A 492 -14.87 -6.86 -19.99
CA MET A 492 -13.59 -6.33 -20.45
C MET A 492 -13.48 -4.82 -20.19
N TRP A 493 -14.56 -4.07 -20.42
CA TRP A 493 -14.52 -2.63 -20.20
C TRP A 493 -14.34 -2.32 -18.71
N ALA A 494 -14.92 -3.16 -17.85
CA ALA A 494 -14.79 -2.99 -16.41
C ALA A 494 -13.33 -3.16 -16.02
N ALA A 495 -12.70 -4.18 -16.60
CA ALA A 495 -11.30 -4.48 -16.35
C ALA A 495 -10.37 -3.36 -16.81
N GLN A 496 -10.61 -2.87 -18.03
CA GLN A 496 -9.76 -1.81 -18.60
C GLN A 496 -9.91 -0.44 -17.96
N HIS A 497 -11.15 0.04 -17.88
CA HIS A 497 -11.44 1.39 -17.38
C HIS A 497 -11.57 1.63 -15.89
N TRP A 498 -11.63 0.58 -15.08
CA TRP A 498 -11.70 0.77 -13.65
C TRP A 498 -10.26 0.98 -13.20
N THR A 499 -10.06 1.66 -12.08
CA THR A 499 -8.71 1.90 -11.57
C THR A 499 -8.49 0.95 -10.40
N TRP A 500 -7.73 -0.12 -10.65
CA TRP A 500 -7.47 -1.13 -9.63
C TRP A 500 -6.34 -0.75 -8.67
N ARG A 501 -6.61 -0.87 -7.38
CA ARG A 501 -5.64 -0.52 -6.36
C ARG A 501 -5.59 -1.48 -5.17
N ASN A 502 -6.64 -2.26 -4.97
CA ASN A 502 -6.70 -3.16 -3.82
C ASN A 502 -6.86 -4.63 -4.16
N PRO A 503 -6.16 -5.50 -3.42
CA PRO A 503 -6.22 -6.95 -3.65
C PRO A 503 -7.56 -7.57 -3.28
N HIS A 504 -8.00 -8.53 -4.08
CA HIS A 504 -9.27 -9.23 -3.87
C HIS A 504 -10.49 -8.32 -4.03
N THR A 505 -10.42 -7.39 -4.98
CA THR A 505 -11.55 -6.49 -5.22
C THR A 505 -12.18 -6.69 -6.59
N PHE A 506 -11.59 -7.57 -7.40
CA PHE A 506 -12.14 -7.87 -8.72
C PHE A 506 -12.45 -9.36 -8.75
N ILE A 507 -13.74 -9.68 -8.85
CA ILE A 507 -14.19 -11.07 -8.86
C ILE A 507 -14.90 -11.36 -10.17
N THR A 508 -14.21 -12.03 -11.08
CA THR A 508 -14.76 -12.31 -12.40
C THR A 508 -14.42 -13.72 -12.89
N SER A 509 -15.27 -14.26 -13.77
CA SER A 509 -15.06 -15.60 -14.31
C SER A 509 -14.13 -15.45 -15.52
N GLY A 510 -12.92 -15.97 -15.42
CA GLY A 510 -11.97 -15.82 -16.51
C GLY A 510 -11.68 -17.02 -17.39
N GLY A 511 -11.33 -18.14 -16.76
CA GLY A 511 -10.99 -19.34 -17.50
C GLY A 511 -12.14 -20.00 -18.23
N LEU A 512 -13.24 -20.23 -17.53
CA LEU A 512 -14.40 -20.85 -18.15
C LEU A 512 -15.31 -19.76 -18.74
N GLY A 513 -15.29 -18.58 -18.13
CA GLY A 513 -16.11 -17.47 -18.60
C GLY A 513 -17.59 -17.78 -18.54
N THR A 514 -18.10 -17.96 -17.33
CA THR A 514 -19.51 -18.30 -17.13
C THR A 514 -20.45 -17.11 -17.08
N MET A 515 -21.27 -16.93 -18.12
CA MET A 515 -22.24 -15.84 -18.12
C MET A 515 -23.19 -16.12 -16.96
N GLY A 516 -23.59 -15.08 -16.23
CA GLY A 516 -24.49 -15.30 -15.12
C GLY A 516 -23.78 -15.34 -13.77
N TYR A 517 -22.46 -15.25 -13.82
CA TYR A 517 -21.60 -15.29 -12.63
C TYR A 517 -21.81 -14.08 -11.70
N GLY A 518 -21.98 -12.92 -12.32
CA GLY A 518 -22.11 -11.66 -11.62
C GLY A 518 -22.93 -11.49 -10.36
N LEU A 519 -24.24 -11.74 -10.47
CA LEU A 519 -25.12 -11.57 -9.32
C LEU A 519 -24.82 -12.53 -8.17
N PRO A 520 -24.90 -13.85 -8.41
CA PRO A 520 -24.61 -14.79 -7.32
C PRO A 520 -23.24 -14.55 -6.68
N ALA A 521 -22.25 -14.26 -7.52
CA ALA A 521 -20.90 -13.99 -7.00
C ALA A 521 -20.90 -12.74 -6.12
N ALA A 522 -21.67 -11.72 -6.52
CA ALA A 522 -21.76 -10.49 -5.73
C ALA A 522 -22.35 -10.79 -4.34
N ILE A 523 -23.42 -11.58 -4.33
CA ILE A 523 -24.08 -11.94 -3.08
C ILE A 523 -23.11 -12.70 -2.17
N GLY A 524 -22.37 -13.63 -2.75
CA GLY A 524 -21.40 -14.40 -2.00
C GLY A 524 -20.30 -13.51 -1.45
N ALA A 525 -19.83 -12.59 -2.27
CA ALA A 525 -18.78 -11.68 -1.85
C ALA A 525 -19.29 -10.75 -0.74
N GLN A 526 -20.55 -10.35 -0.82
CA GLN A 526 -21.12 -9.45 0.18
C GLN A 526 -21.21 -10.16 1.53
N VAL A 527 -21.54 -11.45 1.48
CA VAL A 527 -21.64 -12.27 2.70
C VAL A 527 -20.26 -12.37 3.34
N ALA A 528 -19.23 -12.52 2.51
CA ALA A 528 -17.87 -12.62 3.02
C ALA A 528 -17.42 -11.28 3.61
N LYS A 529 -17.81 -10.19 2.96
CA LYS A 529 -17.44 -8.85 3.39
C LYS A 529 -18.68 -7.96 3.59
N PRO A 530 -19.37 -8.13 4.73
CA PRO A 530 -20.58 -7.36 5.04
C PRO A 530 -20.44 -5.83 4.98
N GLU A 531 -19.25 -5.31 5.26
CA GLU A 531 -19.04 -3.86 5.23
C GLU A 531 -18.68 -3.29 3.86
N SER A 532 -18.30 -4.15 2.94
CA SER A 532 -17.90 -3.72 1.60
C SER A 532 -19.03 -3.28 0.65
N LEU A 533 -18.73 -2.31 -0.19
CA LEU A 533 -19.68 -1.85 -1.20
C LEU A 533 -19.43 -2.86 -2.32
N VAL A 534 -20.41 -3.69 -2.62
CA VAL A 534 -20.27 -4.70 -3.66
C VAL A 534 -21.08 -4.34 -4.88
N ILE A 535 -20.39 -4.23 -6.01
CA ILE A 535 -21.00 -3.86 -7.27
C ILE A 535 -20.84 -4.94 -8.33
N ASP A 536 -21.95 -5.33 -8.95
CA ASP A 536 -21.91 -6.31 -10.01
C ASP A 536 -22.10 -5.57 -11.34
N ILE A 537 -21.03 -5.46 -12.12
CA ILE A 537 -21.10 -4.80 -13.41
C ILE A 537 -21.45 -5.92 -14.38
N ASP A 538 -22.71 -5.97 -14.77
CA ASP A 538 -23.26 -7.02 -15.62
C ASP A 538 -23.69 -6.62 -17.03
N GLY A 539 -23.87 -7.65 -17.86
CA GLY A 539 -24.33 -7.46 -19.22
C GLY A 539 -25.77 -7.93 -19.21
N ASP A 540 -26.58 -7.46 -20.16
CA ASP A 540 -27.97 -7.88 -20.19
C ASP A 540 -28.16 -9.39 -20.40
N ALA A 541 -27.43 -9.97 -21.36
CA ALA A 541 -27.55 -11.40 -21.59
C ALA A 541 -27.06 -12.21 -20.38
N SER A 542 -25.92 -11.81 -19.81
CA SER A 542 -25.37 -12.51 -18.64
C SER A 542 -26.36 -12.46 -17.47
N PHE A 543 -26.91 -11.29 -17.21
CA PHE A 543 -27.85 -11.12 -16.11
C PHE A 543 -29.07 -12.04 -16.21
N ASN A 544 -29.60 -12.20 -17.42
CA ASN A 544 -30.76 -13.06 -17.64
C ASN A 544 -30.53 -14.51 -17.23
N MET A 545 -29.29 -14.97 -17.31
CA MET A 545 -28.97 -16.35 -16.95
C MET A 545 -29.35 -16.71 -15.52
N THR A 546 -28.99 -15.86 -14.58
CA THR A 546 -29.24 -16.14 -13.17
C THR A 546 -30.02 -15.07 -12.42
N LEU A 547 -30.82 -14.29 -13.13
CA LEU A 547 -31.58 -13.22 -12.49
C LEU A 547 -32.54 -13.66 -11.40
N THR A 548 -32.81 -14.97 -11.30
CA THR A 548 -33.72 -15.42 -10.26
C THR A 548 -33.12 -15.26 -8.86
N GLU A 549 -31.79 -15.15 -8.79
CA GLU A 549 -31.11 -14.99 -7.50
C GLU A 549 -31.29 -13.60 -6.91
N LEU A 550 -32.03 -12.75 -7.62
CA LEU A 550 -32.30 -11.39 -7.17
C LEU A 550 -33.03 -11.45 -5.82
N SER A 551 -34.01 -12.34 -5.71
CA SER A 551 -34.77 -12.48 -4.48
C SER A 551 -33.88 -13.05 -3.36
N SER A 552 -32.89 -13.86 -3.74
CA SER A 552 -31.97 -14.46 -2.78
C SER A 552 -31.17 -13.36 -2.07
N ALA A 553 -30.81 -12.32 -2.83
CA ALA A 553 -30.06 -11.20 -2.27
C ALA A 553 -30.89 -10.54 -1.17
N VAL A 554 -32.19 -10.42 -1.42
CA VAL A 554 -33.10 -9.81 -0.45
C VAL A 554 -33.18 -10.70 0.77
N GLN A 555 -33.41 -12.00 0.56
CA GLN A 555 -33.52 -12.94 1.66
C GLN A 555 -32.20 -13.04 2.44
N ALA A 556 -31.07 -12.97 1.75
CA ALA A 556 -29.77 -13.05 2.42
C ALA A 556 -29.38 -11.75 3.13
N GLY A 557 -30.03 -10.64 2.80
CA GLY A 557 -29.70 -9.38 3.42
C GLY A 557 -28.43 -8.78 2.86
N THR A 558 -28.12 -9.09 1.60
CA THR A 558 -26.93 -8.57 0.94
C THR A 558 -27.29 -7.40 0.03
N PRO A 559 -26.95 -6.17 0.44
CA PRO A 559 -27.23 -4.95 -0.34
C PRO A 559 -26.35 -4.74 -1.56
N VAL A 560 -26.36 -5.71 -2.46
CA VAL A 560 -25.54 -5.62 -3.67
C VAL A 560 -26.05 -4.55 -4.65
N LYS A 561 -25.09 -3.91 -5.30
CA LYS A 561 -25.38 -2.88 -6.29
C LYS A 561 -25.20 -3.53 -7.67
N ILE A 562 -26.32 -3.76 -8.34
CA ILE A 562 -26.32 -4.39 -9.64
C ILE A 562 -26.44 -3.39 -10.77
N LEU A 563 -25.39 -3.32 -11.59
CA LEU A 563 -25.37 -2.41 -12.72
C LEU A 563 -25.51 -3.22 -14.01
N ILE A 564 -26.50 -2.87 -14.82
CA ILE A 564 -26.69 -3.57 -16.08
C ILE A 564 -26.38 -2.66 -17.28
N LEU A 565 -25.28 -2.93 -17.96
CA LEU A 565 -24.92 -2.15 -19.14
C LEU A 565 -25.70 -2.80 -20.27
N ASN A 566 -26.93 -2.33 -20.46
CA ASN A 566 -27.82 -2.90 -21.46
C ASN A 566 -27.62 -2.41 -22.89
N ASN A 567 -27.09 -3.30 -23.73
CA ASN A 567 -26.89 -2.99 -25.14
C ASN A 567 -27.83 -3.89 -25.95
N GLU A 568 -28.71 -4.59 -25.25
CA GLU A 568 -29.67 -5.51 -25.86
C GLU A 568 -29.05 -6.46 -26.88
N GLU A 569 -27.95 -7.08 -26.48
CA GLU A 569 -27.25 -8.00 -27.35
C GLU A 569 -26.21 -8.81 -26.56
N GLN A 570 -25.73 -9.89 -27.17
CA GLN A 570 -24.67 -10.68 -26.59
C GLN A 570 -23.46 -10.01 -27.19
N GLY A 571 -23.14 -8.83 -26.68
CA GLY A 571 -22.03 -8.04 -27.17
C GLY A 571 -20.74 -8.72 -27.60
N MET A 572 -20.15 -9.53 -26.74
CA MET A 572 -18.89 -10.17 -27.10
C MET A 572 -19.06 -11.09 -28.31
N VAL A 573 -20.22 -11.71 -28.46
CA VAL A 573 -20.44 -12.58 -29.60
C VAL A 573 -20.75 -11.75 -30.86
N THR A 574 -21.56 -10.70 -30.73
CA THR A 574 -21.86 -9.88 -31.91
C THR A 574 -20.58 -9.23 -32.39
N GLN A 575 -19.65 -8.95 -31.49
CA GLN A 575 -18.39 -8.34 -31.88
C GLN A 575 -17.61 -9.28 -32.79
N TRP A 576 -17.61 -10.56 -32.45
CA TRP A 576 -16.92 -11.55 -33.26
C TRP A 576 -17.63 -11.79 -34.58
N GLN A 577 -18.96 -11.70 -34.56
CA GLN A 577 -19.75 -11.89 -35.77
C GLN A 577 -19.52 -10.70 -36.70
N SER A 578 -19.31 -9.52 -36.12
CA SER A 578 -19.07 -8.33 -36.92
C SER A 578 -17.71 -8.41 -37.60
N LEU A 579 -16.73 -8.95 -36.88
CA LEU A 579 -15.37 -9.05 -37.39
C LEU A 579 -15.05 -10.23 -38.31
N PHE A 580 -15.54 -11.42 -37.97
CA PHE A 580 -15.23 -12.59 -38.78
C PHE A 580 -16.38 -13.24 -39.54
N TYR A 581 -17.60 -12.77 -39.31
CA TYR A 581 -18.74 -13.35 -40.00
C TYR A 581 -19.59 -12.32 -40.74
N GLU A 582 -18.91 -11.36 -41.34
CA GLU A 582 -19.53 -10.30 -42.12
C GLU A 582 -20.87 -9.80 -41.59
N HIS A 583 -20.86 -9.42 -40.32
CA HIS A 583 -22.02 -8.88 -39.63
C HIS A 583 -23.29 -9.73 -39.64
N ARG A 584 -23.11 -11.04 -39.62
CA ARG A 584 -24.25 -11.95 -39.59
C ARG A 584 -24.50 -12.32 -38.13
N TYR A 585 -25.47 -11.64 -37.52
CA TYR A 585 -25.82 -11.87 -36.13
C TYR A 585 -26.80 -13.02 -35.95
N SER A 586 -26.25 -14.23 -35.92
CA SER A 586 -27.05 -15.43 -35.76
C SER A 586 -27.43 -15.71 -34.30
N HIS A 587 -28.69 -15.42 -33.98
CA HIS A 587 -29.27 -15.64 -32.66
C HIS A 587 -28.56 -15.02 -31.46
N THR A 588 -28.04 -13.81 -31.63
CA THR A 588 -27.33 -13.12 -30.57
C THR A 588 -28.07 -11.91 -30.00
N HIS A 589 -29.36 -11.80 -30.30
CA HIS A 589 -30.17 -10.70 -29.79
C HIS A 589 -31.38 -11.27 -29.08
N GLN A 590 -31.45 -11.09 -27.78
CA GLN A 590 -32.56 -11.63 -27.03
C GLN A 590 -33.54 -10.57 -26.53
N LEU A 591 -34.77 -10.99 -26.30
CA LEU A 591 -35.79 -10.08 -25.80
C LEU A 591 -35.62 -10.00 -24.28
N ASN A 592 -35.30 -8.80 -23.78
CA ASN A 592 -35.11 -8.60 -22.35
C ASN A 592 -36.41 -8.25 -21.66
N PRO A 593 -36.48 -8.54 -20.35
CA PRO A 593 -37.70 -8.22 -19.58
C PRO A 593 -37.50 -6.79 -19.10
N ASP A 594 -38.49 -6.22 -18.44
CA ASP A 594 -38.33 -4.87 -17.91
C ASP A 594 -37.50 -5.04 -16.63
N PHE A 595 -36.23 -4.64 -16.69
CA PHE A 595 -35.33 -4.80 -15.55
C PHE A 595 -35.74 -4.04 -14.29
N ILE A 596 -36.28 -2.84 -14.45
CA ILE A 596 -36.71 -2.06 -13.30
C ILE A 596 -37.92 -2.71 -12.63
N LYS A 597 -38.87 -3.18 -13.44
CA LYS A 597 -40.06 -3.83 -12.90
C LYS A 597 -39.70 -5.19 -12.33
N LEU A 598 -38.65 -5.80 -12.89
CA LEU A 598 -38.20 -7.09 -12.41
C LEU A 598 -37.57 -6.89 -11.04
N ALA A 599 -36.70 -5.89 -10.94
CA ALA A 599 -36.04 -5.58 -9.68
C ALA A 599 -37.07 -5.36 -8.56
N GLU A 600 -38.06 -4.51 -8.83
CA GLU A 600 -39.09 -4.22 -7.86
C GLU A 600 -39.95 -5.44 -7.52
N ALA A 601 -40.20 -6.30 -8.50
CA ALA A 601 -40.98 -7.50 -8.27
C ALA A 601 -40.20 -8.44 -7.35
N MET A 602 -38.87 -8.39 -7.46
CA MET A 602 -37.98 -9.22 -6.65
C MET A 602 -37.77 -8.65 -5.26
N GLY A 603 -38.25 -7.44 -5.03
CA GLY A 603 -38.11 -6.84 -3.72
C GLY A 603 -37.00 -5.82 -3.55
N LEU A 604 -36.41 -5.34 -4.63
CA LEU A 604 -35.37 -4.33 -4.51
C LEU A 604 -35.66 -3.07 -5.33
N LYS A 605 -34.90 -2.02 -5.05
CA LYS A 605 -35.04 -0.75 -5.73
C LYS A 605 -34.50 -0.82 -7.15
N GLY A 606 -35.27 -0.28 -8.10
CA GLY A 606 -34.86 -0.29 -9.49
C GLY A 606 -34.70 1.11 -10.03
N LEU A 607 -33.62 1.33 -10.79
CA LEU A 607 -33.32 2.62 -11.37
C LEU A 607 -32.93 2.44 -12.83
N ARG A 608 -33.26 3.42 -13.66
CA ARG A 608 -32.91 3.35 -15.07
C ARG A 608 -32.43 4.71 -15.58
N VAL A 609 -31.45 4.69 -16.47
CA VAL A 609 -30.92 5.91 -17.05
C VAL A 609 -30.74 5.72 -18.55
N LYS A 610 -31.13 6.72 -19.34
CA LYS A 610 -31.02 6.66 -20.79
C LYS A 610 -30.29 7.88 -21.32
N LYS A 611 -30.49 9.01 -20.65
CA LYS A 611 -29.90 10.28 -21.05
C LYS A 611 -28.57 10.61 -20.40
N GLN A 612 -27.63 11.04 -21.24
CA GLN A 612 -26.30 11.42 -20.79
C GLN A 612 -26.31 12.34 -19.56
N GLU A 613 -27.17 13.36 -19.58
CA GLU A 613 -27.23 14.29 -18.47
C GLU A 613 -27.81 13.74 -17.17
N GLU A 614 -28.33 12.53 -17.22
CA GLU A 614 -28.90 11.91 -16.02
C GLU A 614 -27.97 10.85 -15.43
N LEU A 615 -26.88 10.55 -16.14
CA LEU A 615 -25.94 9.53 -15.69
C LEU A 615 -25.28 9.81 -14.35
N ASP A 616 -24.68 10.99 -14.21
CA ASP A 616 -24.01 11.34 -12.96
C ASP A 616 -24.91 11.19 -11.74
N ALA A 617 -26.09 11.78 -11.80
CA ALA A 617 -27.02 11.74 -10.68
C ALA A 617 -27.48 10.33 -10.34
N LYS A 618 -27.71 9.51 -11.36
CA LYS A 618 -28.15 8.14 -11.13
C LYS A 618 -27.05 7.28 -10.52
N LEU A 619 -25.81 7.47 -10.95
CA LEU A 619 -24.71 6.70 -10.38
C LEU A 619 -24.57 7.04 -8.91
N LYS A 620 -24.70 8.32 -8.58
CA LYS A 620 -24.60 8.76 -7.19
C LYS A 620 -25.70 8.13 -6.34
N GLU A 621 -26.92 8.11 -6.88
CA GLU A 621 -28.05 7.53 -6.18
C GLU A 621 -27.80 6.03 -5.99
N PHE A 622 -27.30 5.41 -7.06
CA PHE A 622 -26.99 3.99 -7.10
C PHE A 622 -26.14 3.54 -5.91
N VAL A 623 -24.92 4.06 -5.82
CA VAL A 623 -24.01 3.68 -4.74
C VAL A 623 -24.42 4.16 -3.35
N SER A 624 -25.29 5.18 -3.29
CA SER A 624 -25.73 5.71 -2.00
C SER A 624 -26.93 4.99 -1.42
N THR A 625 -27.60 4.21 -2.25
CA THR A 625 -28.77 3.49 -1.78
C THR A 625 -28.40 2.42 -0.78
N LYS A 626 -29.15 2.37 0.31
CA LYS A 626 -28.95 1.36 1.33
C LYS A 626 -29.89 0.27 0.83
N GLY A 627 -29.50 -0.98 0.98
CA GLY A 627 -30.35 -2.04 0.48
C GLY A 627 -29.93 -2.42 -0.92
N PRO A 628 -30.36 -3.59 -1.42
CA PRO A 628 -29.97 -4.00 -2.77
C PRO A 628 -30.64 -3.07 -3.78
N VAL A 629 -29.93 -2.78 -4.86
CA VAL A 629 -30.47 -1.90 -5.89
C VAL A 629 -29.93 -2.28 -7.25
N LEU A 630 -30.79 -2.16 -8.26
CA LEU A 630 -30.41 -2.46 -9.63
C LEU A 630 -30.54 -1.20 -10.49
N LEU A 631 -29.47 -0.87 -11.19
CA LEU A 631 -29.46 0.29 -12.07
C LEU A 631 -29.22 -0.16 -13.51
N GLU A 632 -30.19 0.09 -14.37
CA GLU A 632 -30.06 -0.26 -15.78
C GLU A 632 -29.61 0.96 -16.56
N VAL A 633 -28.50 0.84 -17.27
CA VAL A 633 -28.00 1.94 -18.08
C VAL A 633 -28.10 1.52 -19.55
N GLU A 634 -28.87 2.26 -20.32
CA GLU A 634 -29.00 1.98 -21.75
C GLU A 634 -27.73 2.52 -22.40
N VAL A 635 -26.97 1.64 -23.04
CA VAL A 635 -25.73 2.04 -23.67
C VAL A 635 -25.78 1.78 -25.16
N ASP A 636 -24.84 2.38 -25.88
CA ASP A 636 -24.80 2.21 -27.32
C ASP A 636 -24.59 0.75 -27.67
N LYS A 637 -24.97 0.40 -28.90
CA LYS A 637 -24.89 -0.97 -29.38
C LYS A 637 -23.79 -1.19 -30.42
N LYS A 638 -23.38 -2.43 -30.57
CA LYS A 638 -22.35 -2.79 -31.55
C LYS A 638 -21.06 -1.99 -31.39
N VAL A 639 -20.64 -1.80 -30.14
CA VAL A 639 -19.41 -1.08 -29.84
C VAL A 639 -18.36 -2.14 -29.53
N PRO A 640 -17.28 -2.20 -30.33
CA PRO A 640 -16.27 -3.22 -30.05
C PRO A 640 -15.32 -2.89 -28.90
N VAL A 641 -14.78 -3.94 -28.29
CA VAL A 641 -13.82 -3.81 -27.22
C VAL A 641 -12.48 -3.78 -27.93
N LEU A 642 -11.69 -2.75 -27.66
CA LEU A 642 -10.37 -2.59 -28.28
C LEU A 642 -9.41 -2.07 -27.22
N PRO A 643 -8.10 -2.32 -27.37
CA PRO A 643 -7.43 -3.03 -28.46
C PRO A 643 -7.87 -4.50 -28.53
N MET A 644 -7.50 -5.18 -29.60
CA MET A 644 -7.85 -6.58 -29.76
C MET A 644 -6.76 -7.35 -30.49
N VAL A 645 -6.38 -8.48 -29.90
CA VAL A 645 -5.37 -9.37 -30.47
C VAL A 645 -6.11 -10.69 -30.65
N ALA A 646 -6.29 -11.11 -31.90
CA ALA A 646 -7.00 -12.35 -32.17
C ALA A 646 -6.47 -13.08 -33.39
N GLY A 647 -6.77 -14.38 -33.46
CA GLY A 647 -6.31 -15.19 -34.57
C GLY A 647 -4.87 -15.59 -34.44
N GLY A 648 -4.10 -15.35 -35.50
CA GLY A 648 -2.69 -15.69 -35.49
C GLY A 648 -1.84 -14.47 -35.18
N SER A 649 -2.50 -13.39 -34.79
CA SER A 649 -1.81 -12.15 -34.45
C SER A 649 -0.97 -12.27 -33.18
N GLY A 650 0.14 -11.54 -33.13
CA GLY A 650 0.98 -11.53 -31.96
C GLY A 650 0.47 -10.42 -31.06
N LEU A 651 0.92 -10.39 -29.81
CA LEU A 651 0.46 -9.36 -28.87
C LEU A 651 0.74 -7.95 -29.40
N ASP A 652 1.72 -7.81 -30.27
CA ASP A 652 2.04 -6.50 -30.81
C ASP A 652 1.32 -6.19 -32.12
N GLU A 653 0.57 -7.16 -32.64
CA GLU A 653 -0.19 -6.98 -33.88
C GLU A 653 -1.67 -6.77 -33.55
N PHE A 654 -1.91 -5.90 -32.58
CA PHE A 654 -3.26 -5.60 -32.12
C PHE A 654 -4.01 -4.61 -32.99
N ILE A 655 -5.33 -4.66 -32.93
CA ILE A 655 -6.16 -3.73 -33.67
C ILE A 655 -6.42 -2.63 -32.65
N ASN A 656 -6.29 -1.38 -33.07
CA ASN A 656 -6.48 -0.25 -32.17
C ASN A 656 -7.74 0.52 -32.56
N PHE A 657 -8.28 1.29 -31.61
CA PHE A 657 -9.46 2.09 -31.89
C PHE A 657 -9.15 3.14 -32.94
N ASP A 658 -10.09 3.35 -33.85
CA ASP A 658 -9.96 4.35 -34.91
C ASP A 658 -11.37 4.83 -35.23
N PRO A 659 -11.68 6.11 -34.90
CA PRO A 659 -13.00 6.69 -35.15
C PRO A 659 -13.54 6.54 -36.57
N GLU A 660 -12.68 6.76 -37.57
CA GLU A 660 -13.12 6.62 -38.96
C GLU A 660 -13.57 5.19 -39.22
N VAL A 661 -12.80 4.22 -38.73
CA VAL A 661 -13.12 2.82 -38.91
C VAL A 661 -14.47 2.48 -38.29
N GLU A 662 -14.71 2.96 -37.07
CA GLU A 662 -15.97 2.69 -36.38
C GLU A 662 -17.13 3.22 -37.21
N ARG A 663 -16.91 4.34 -37.89
CA ARG A 663 -17.96 4.94 -38.72
C ARG A 663 -18.21 4.05 -39.93
N GLN A 664 -17.14 3.67 -40.61
CA GLN A 664 -17.26 2.82 -41.78
C GLN A 664 -17.95 1.51 -41.42
N GLN A 665 -17.56 0.92 -40.28
CA GLN A 665 -18.15 -0.33 -39.82
C GLN A 665 -19.66 -0.16 -39.64
N THR A 666 -20.06 0.93 -39.00
CA THR A 666 -21.47 1.21 -38.77
C THR A 666 -22.22 1.22 -40.10
N GLU A 667 -21.63 1.87 -41.09
CA GLU A 667 -22.24 1.95 -42.42
C GLU A 667 -22.38 0.58 -43.03
N LEU A 668 -21.30 -0.20 -42.95
CA LEU A 668 -21.30 -1.54 -43.50
C LEU A 668 -22.32 -2.43 -42.80
N ARG A 669 -22.41 -2.28 -41.48
CA ARG A 669 -23.35 -3.07 -40.68
C ARG A 669 -24.80 -2.77 -41.05
N HIS A 670 -25.14 -1.50 -41.18
CA HIS A 670 -26.50 -1.12 -41.55
C HIS A 670 -26.91 -1.75 -42.88
N LYS A 671 -25.99 -1.74 -43.85
CA LYS A 671 -26.27 -2.30 -45.16
C LYS A 671 -26.44 -3.81 -45.10
N ARG A 672 -25.47 -4.48 -44.48
CA ARG A 672 -25.49 -5.94 -44.38
C ARG A 672 -26.67 -6.50 -43.60
N THR A 673 -27.17 -5.75 -42.64
CA THR A 673 -28.29 -6.23 -41.83
C THR A 673 -29.62 -5.65 -42.28
N GLY A 674 -29.64 -5.06 -43.47
CA GLY A 674 -30.87 -4.48 -43.98
C GLY A 674 -31.40 -3.40 -43.06
N GLY A 675 -30.51 -2.71 -42.36
CA GLY A 675 -30.91 -1.66 -41.45
C GLY A 675 -31.43 -2.12 -40.10
N LYS A 676 -31.38 -3.43 -39.84
CA LYS A 676 -31.87 -3.96 -38.57
C LYS A 676 -30.92 -3.61 -37.42
N HIS A 677 -29.62 -3.57 -37.72
CA HIS A 677 -28.61 -3.26 -36.70
C HIS A 677 -27.61 -2.23 -37.20
N ASP B 76 -20.82 -40.01 -51.86
CA ASP B 76 -21.56 -38.76 -52.01
C ASP B 76 -20.59 -37.59 -52.15
N THR B 77 -20.97 -36.61 -52.98
CA THR B 77 -20.13 -35.43 -53.20
C THR B 77 -20.95 -34.15 -53.17
N SER B 78 -22.15 -34.23 -52.60
CA SER B 78 -23.02 -33.06 -52.52
C SER B 78 -22.60 -32.08 -51.42
N PHE B 79 -21.76 -32.54 -50.50
CA PHE B 79 -21.28 -31.70 -49.41
C PHE B 79 -19.93 -31.06 -49.70
N VAL B 80 -19.18 -31.65 -50.62
CA VAL B 80 -17.87 -31.15 -50.99
C VAL B 80 -17.96 -29.64 -51.23
N GLY B 81 -17.02 -28.90 -50.65
CA GLY B 81 -17.03 -27.46 -50.82
C GLY B 81 -17.78 -26.75 -49.70
N LEU B 82 -18.44 -27.50 -48.84
CA LEU B 82 -19.18 -26.93 -47.73
C LEU B 82 -18.40 -26.99 -46.43
N THR B 83 -18.68 -26.06 -45.52
CA THR B 83 -18.03 -26.02 -44.22
C THR B 83 -18.72 -27.07 -43.34
N GLY B 84 -18.09 -27.43 -42.24
CA GLY B 84 -18.70 -28.39 -41.33
C GLY B 84 -20.04 -27.84 -40.88
N GLY B 85 -20.09 -26.53 -40.65
CA GLY B 85 -21.33 -25.91 -40.23
C GLY B 85 -22.43 -26.01 -41.26
N GLN B 86 -22.09 -25.78 -42.53
CA GLN B 86 -23.09 -25.86 -43.59
C GLN B 86 -23.58 -27.30 -43.71
N ILE B 87 -22.68 -28.25 -43.46
CA ILE B 87 -23.05 -29.65 -43.51
C ILE B 87 -24.04 -29.95 -42.38
N PHE B 88 -23.84 -29.31 -41.24
CA PHE B 88 -24.72 -29.48 -40.08
C PHE B 88 -26.11 -29.00 -40.48
N ASN B 89 -26.15 -27.84 -41.13
CA ASN B 89 -27.41 -27.25 -41.58
C ASN B 89 -28.17 -28.21 -42.50
N GLU B 90 -27.45 -28.82 -43.44
CA GLU B 90 -28.06 -29.76 -44.37
C GLU B 90 -28.51 -31.04 -43.67
N MET B 91 -27.67 -31.54 -42.78
CA MET B 91 -27.99 -32.76 -42.05
C MET B 91 -29.25 -32.63 -41.20
N MET B 92 -29.46 -31.45 -40.63
CA MET B 92 -30.66 -31.22 -39.82
C MET B 92 -31.87 -31.44 -40.70
N SER B 93 -31.76 -31.01 -41.96
CA SER B 93 -32.83 -31.15 -42.93
C SER B 93 -33.08 -32.63 -43.26
N ARG B 94 -31.99 -33.38 -43.43
CA ARG B 94 -32.12 -34.79 -43.76
C ARG B 94 -32.71 -35.59 -42.61
N GLN B 95 -32.45 -35.14 -41.37
CA GLN B 95 -32.96 -35.82 -40.20
C GLN B 95 -34.38 -35.37 -39.89
N ASN B 96 -34.94 -34.56 -40.79
CA ASN B 96 -36.30 -34.07 -40.65
C ASN B 96 -36.47 -33.25 -39.37
N VAL B 97 -35.48 -32.41 -39.06
CA VAL B 97 -35.53 -31.57 -37.88
C VAL B 97 -36.27 -30.29 -38.20
N ASP B 98 -37.29 -29.93 -37.42
CA ASP B 98 -38.01 -28.71 -37.70
C ASP B 98 -37.82 -27.65 -36.64
N THR B 99 -37.14 -28.02 -35.56
CA THR B 99 -36.88 -27.07 -34.47
C THR B 99 -35.55 -27.36 -33.78
N VAL B 100 -34.84 -26.30 -33.44
CA VAL B 100 -33.57 -26.42 -32.75
C VAL B 100 -33.53 -25.45 -31.57
N PHE B 101 -33.17 -25.97 -30.40
CA PHE B 101 -33.09 -25.14 -29.19
C PHE B 101 -31.61 -24.94 -28.87
N GLY B 102 -31.20 -23.70 -28.66
CA GLY B 102 -29.80 -23.46 -28.36
C GLY B 102 -29.45 -22.05 -27.97
N TYR B 103 -28.19 -21.84 -27.62
CA TYR B 103 -27.67 -20.54 -27.22
C TYR B 103 -26.29 -20.45 -27.87
N PRO B 104 -26.02 -19.37 -28.59
CA PRO B 104 -24.72 -19.20 -29.25
C PRO B 104 -23.55 -18.95 -28.31
N GLY B 105 -22.35 -19.14 -28.85
CA GLY B 105 -21.13 -18.94 -28.10
C GLY B 105 -19.96 -19.01 -29.05
N GLY B 106 -18.80 -18.55 -28.60
CA GLY B 106 -17.61 -18.54 -29.45
C GLY B 106 -17.24 -19.81 -30.20
N ALA B 107 -17.05 -20.90 -29.46
CA ALA B 107 -16.65 -22.18 -30.06
C ALA B 107 -17.60 -22.75 -31.10
N ILE B 108 -18.89 -22.45 -30.98
CA ILE B 108 -19.88 -22.98 -31.90
C ILE B 108 -20.29 -21.98 -32.99
N LEU B 109 -19.57 -20.86 -33.09
CA LEU B 109 -19.87 -19.83 -34.07
C LEU B 109 -19.93 -20.26 -35.55
N PRO B 110 -19.04 -21.18 -35.96
CA PRO B 110 -19.07 -21.61 -37.36
C PRO B 110 -20.41 -22.25 -37.72
N VAL B 111 -21.02 -22.92 -36.75
CA VAL B 111 -22.31 -23.58 -36.97
C VAL B 111 -23.42 -22.55 -36.97
N TYR B 112 -23.37 -21.61 -36.03
CA TYR B 112 -24.39 -20.59 -35.97
C TYR B 112 -24.37 -19.72 -37.23
N ASP B 113 -23.20 -19.59 -37.86
CA ASP B 113 -23.11 -18.79 -39.07
C ASP B 113 -23.78 -19.52 -40.23
N ALA B 114 -23.57 -20.83 -40.29
CA ALA B 114 -24.14 -21.64 -41.37
C ALA B 114 -25.66 -21.80 -41.27
N ILE B 115 -26.21 -21.66 -40.06
CA ILE B 115 -27.66 -21.79 -39.89
C ILE B 115 -28.36 -20.44 -39.79
N HIS B 116 -27.59 -19.37 -39.95
CA HIS B 116 -28.16 -18.02 -39.90
C HIS B 116 -29.31 -17.90 -40.89
N ASN B 117 -30.47 -17.47 -40.41
CA ASN B 117 -31.66 -17.33 -41.25
C ASN B 117 -32.04 -18.59 -42.01
N SER B 118 -31.59 -19.75 -41.54
CA SER B 118 -31.93 -21.00 -42.19
C SER B 118 -33.43 -21.16 -42.26
N ASP B 119 -33.91 -21.82 -43.31
CA ASP B 119 -35.34 -22.04 -43.49
C ASP B 119 -35.64 -23.52 -43.42
N LYS B 120 -34.67 -24.31 -42.97
CA LYS B 120 -34.84 -25.74 -42.87
C LYS B 120 -35.45 -26.13 -41.53
N PHE B 121 -35.46 -25.19 -40.59
CA PHE B 121 -36.01 -25.45 -39.27
C PHE B 121 -36.15 -24.15 -38.48
N ASN B 122 -37.00 -24.17 -37.45
CA ASN B 122 -37.20 -23.01 -36.60
C ASN B 122 -36.16 -23.06 -35.48
N PHE B 123 -35.85 -21.91 -34.90
CA PHE B 123 -34.87 -21.87 -33.82
C PHE B 123 -35.47 -21.20 -32.59
N VAL B 124 -35.27 -21.82 -31.44
CA VAL B 124 -35.78 -21.27 -30.19
C VAL B 124 -34.62 -20.91 -29.27
N LEU B 125 -34.59 -19.65 -28.85
CA LEU B 125 -33.53 -19.14 -28.00
C LEU B 125 -33.99 -18.98 -26.55
N PRO B 126 -33.30 -19.61 -25.60
CA PRO B 126 -33.69 -19.49 -24.19
C PRO B 126 -32.78 -18.43 -23.54
N LYS B 127 -32.90 -18.27 -22.22
CA LYS B 127 -32.04 -17.32 -21.52
C LYS B 127 -30.90 -18.05 -20.87
N HIS B 128 -31.07 -19.36 -20.68
CA HIS B 128 -30.06 -20.20 -20.04
C HIS B 128 -30.07 -21.56 -20.73
N GLU B 129 -28.89 -22.12 -21.00
CA GLU B 129 -28.81 -23.40 -21.67
C GLU B 129 -29.63 -24.51 -21.00
N GLN B 130 -29.82 -24.43 -19.68
CA GLN B 130 -30.62 -25.47 -19.04
C GLN B 130 -32.02 -25.37 -19.63
N GLY B 131 -32.43 -24.16 -19.96
CA GLY B 131 -33.74 -23.94 -20.55
C GLY B 131 -33.85 -24.60 -21.90
N ALA B 132 -32.83 -24.45 -22.73
CA ALA B 132 -32.83 -25.07 -24.05
C ALA B 132 -32.98 -26.57 -23.87
N GLY B 133 -32.24 -27.12 -22.91
CA GLY B 133 -32.29 -28.54 -22.64
C GLY B 133 -33.67 -29.04 -22.26
N HIS B 134 -34.29 -28.40 -21.28
CA HIS B 134 -35.62 -28.81 -20.85
C HIS B 134 -36.66 -28.53 -21.92
N MET B 135 -36.44 -27.49 -22.70
CA MET B 135 -37.37 -27.16 -23.79
C MET B 135 -37.35 -28.30 -24.80
N ALA B 136 -36.15 -28.78 -25.14
CA ALA B 136 -36.02 -29.88 -26.09
C ALA B 136 -36.71 -31.13 -25.56
N GLU B 137 -36.63 -31.35 -24.24
CA GLU B 137 -37.26 -32.53 -23.65
C GLU B 137 -38.79 -32.42 -23.79
N GLY B 138 -39.33 -31.25 -23.48
CA GLY B 138 -40.77 -31.08 -23.59
C GLY B 138 -41.19 -31.30 -25.02
N TYR B 139 -40.40 -30.74 -25.95
CA TYR B 139 -40.66 -30.85 -27.37
C TYR B 139 -40.72 -32.32 -27.82
N ALA B 140 -39.73 -33.10 -27.41
CA ALA B 140 -39.67 -34.51 -27.78
C ALA B 140 -40.82 -35.34 -27.21
N ARG B 141 -41.13 -35.12 -25.93
CA ARG B 141 -42.20 -35.87 -25.27
C ARG B 141 -43.57 -35.54 -25.84
N ALA B 142 -43.71 -34.35 -26.40
CA ALA B 142 -44.99 -33.93 -26.97
C ALA B 142 -45.10 -34.26 -28.46
N SER B 143 -43.97 -34.25 -29.16
CA SER B 143 -43.95 -34.50 -30.60
C SER B 143 -43.57 -35.91 -31.02
N GLY B 144 -42.80 -36.61 -30.18
CA GLY B 144 -42.38 -37.94 -30.53
C GLY B 144 -41.10 -37.92 -31.34
N LYS B 145 -40.60 -36.72 -31.60
CA LYS B 145 -39.37 -36.52 -32.36
C LYS B 145 -38.24 -36.16 -31.39
N PRO B 146 -36.99 -36.47 -31.75
CA PRO B 146 -35.88 -36.14 -30.86
C PRO B 146 -35.68 -34.63 -30.70
N GLY B 147 -35.44 -34.19 -29.47
CA GLY B 147 -35.21 -32.77 -29.23
C GLY B 147 -33.77 -32.47 -29.60
N VAL B 148 -33.55 -31.39 -30.33
CA VAL B 148 -32.19 -31.03 -30.74
C VAL B 148 -31.69 -29.77 -30.05
N VAL B 149 -30.51 -29.88 -29.45
CA VAL B 149 -29.91 -28.77 -28.72
C VAL B 149 -28.58 -28.38 -29.35
N LEU B 150 -28.31 -27.07 -29.38
CA LEU B 150 -27.07 -26.55 -29.96
C LEU B 150 -26.49 -25.46 -29.08
N VAL B 151 -25.44 -25.80 -28.32
CA VAL B 151 -24.82 -24.84 -27.43
C VAL B 151 -23.32 -24.74 -27.66
N THR B 152 -22.68 -23.80 -26.99
CA THR B 152 -21.25 -23.59 -27.15
C THR B 152 -20.44 -24.48 -26.20
N SER B 153 -19.13 -24.28 -26.17
CA SER B 153 -18.25 -25.08 -25.31
C SER B 153 -18.26 -24.57 -23.87
N GLY B 154 -17.37 -25.15 -23.06
CA GLY B 154 -17.23 -24.74 -21.67
C GLY B 154 -18.53 -24.65 -20.89
N PRO B 155 -18.85 -23.48 -20.33
CA PRO B 155 -20.07 -23.31 -19.55
C PRO B 155 -21.36 -23.63 -20.31
N GLY B 156 -21.34 -23.42 -21.63
CA GLY B 156 -22.51 -23.72 -22.43
C GLY B 156 -22.87 -25.19 -22.32
N ALA B 157 -21.85 -26.05 -22.38
CA ALA B 157 -22.05 -27.49 -22.30
C ALA B 157 -22.33 -27.98 -20.87
N THR B 158 -21.62 -27.43 -19.89
CA THR B 158 -21.85 -27.86 -18.52
C THR B 158 -23.27 -27.48 -18.10
N ASN B 159 -23.78 -26.39 -18.68
CA ASN B 159 -25.13 -25.93 -18.36
C ASN B 159 -26.23 -26.87 -18.87
N VAL B 160 -25.89 -27.82 -19.74
CA VAL B 160 -26.91 -28.74 -20.24
C VAL B 160 -26.83 -30.13 -19.61
N VAL B 161 -25.92 -30.32 -18.66
CA VAL B 161 -25.77 -31.61 -18.00
C VAL B 161 -27.04 -32.06 -17.28
N THR B 162 -27.70 -31.15 -16.55
CA THR B 162 -28.92 -31.52 -15.84
C THR B 162 -30.00 -32.01 -16.81
N PRO B 163 -30.25 -31.28 -17.91
CA PRO B 163 -31.26 -31.72 -18.88
C PRO B 163 -30.90 -33.10 -19.44
N MET B 164 -29.62 -33.34 -19.68
CA MET B 164 -29.18 -34.62 -20.21
C MET B 164 -29.42 -35.74 -19.21
N ALA B 165 -29.02 -35.52 -17.95
CA ALA B 165 -29.23 -36.52 -16.92
C ALA B 165 -30.72 -36.76 -16.78
N ASP B 166 -31.49 -35.69 -16.91
CA ASP B 166 -32.95 -35.77 -16.80
C ASP B 166 -33.52 -36.62 -17.94
N ALA B 167 -33.07 -36.36 -19.16
CA ALA B 167 -33.53 -37.11 -20.31
C ALA B 167 -33.03 -38.56 -20.28
N PHE B 168 -31.88 -38.78 -19.64
CA PHE B 168 -31.29 -40.10 -19.53
C PHE B 168 -32.11 -40.98 -18.57
N ALA B 169 -32.59 -40.37 -17.50
CA ALA B 169 -33.37 -41.09 -16.51
C ALA B 169 -34.78 -41.40 -16.98
N ASP B 170 -35.35 -40.51 -17.80
CA ASP B 170 -36.71 -40.71 -18.30
C ASP B 170 -36.79 -41.27 -19.72
N GLY B 171 -35.64 -41.59 -20.31
CA GLY B 171 -35.64 -42.15 -21.65
C GLY B 171 -36.20 -41.24 -22.72
N ILE B 172 -35.77 -39.98 -22.71
CA ILE B 172 -36.22 -38.99 -23.68
C ILE B 172 -35.18 -38.83 -24.78
N PRO B 173 -35.61 -38.97 -26.05
CA PRO B 173 -34.69 -38.85 -27.20
C PRO B 173 -34.23 -37.41 -27.37
N MET B 174 -32.93 -37.19 -27.25
CA MET B 174 -32.37 -35.85 -27.36
C MET B 174 -30.98 -35.90 -27.97
N VAL B 175 -30.73 -35.03 -28.95
CA VAL B 175 -29.43 -34.97 -29.59
C VAL B 175 -28.84 -33.62 -29.20
N VAL B 176 -27.78 -33.67 -28.39
CA VAL B 176 -27.13 -32.45 -27.91
C VAL B 176 -25.83 -32.16 -28.66
N PHE B 177 -25.77 -31.02 -29.34
CA PHE B 177 -24.55 -30.65 -30.04
C PHE B 177 -23.84 -29.58 -29.22
N THR B 178 -22.57 -29.83 -28.92
CA THR B 178 -21.81 -28.89 -28.13
C THR B 178 -20.57 -28.41 -28.87
N GLY B 179 -20.39 -27.10 -28.96
CA GLY B 179 -19.23 -26.57 -29.61
C GLY B 179 -18.03 -26.87 -28.72
N GLN B 180 -16.86 -27.04 -29.32
CA GLN B 180 -15.65 -27.33 -28.56
C GLN B 180 -14.54 -26.47 -29.11
N VAL B 181 -13.49 -26.27 -28.30
CA VAL B 181 -12.36 -25.46 -28.74
C VAL B 181 -11.66 -26.21 -29.87
N PRO B 182 -10.84 -25.50 -30.66
CA PRO B 182 -10.13 -26.14 -31.78
C PRO B 182 -9.40 -27.40 -31.34
N THR B 183 -9.29 -28.37 -32.23
CA THR B 183 -8.59 -29.62 -31.91
C THR B 183 -7.15 -29.35 -31.47
N SER B 184 -6.59 -28.24 -31.92
CA SER B 184 -5.22 -27.89 -31.58
C SER B 184 -5.12 -27.21 -30.21
N ALA B 185 -6.27 -26.94 -29.60
CA ALA B 185 -6.30 -26.30 -28.30
C ALA B 185 -6.76 -27.27 -27.22
N ILE B 186 -7.38 -28.37 -27.64
CA ILE B 186 -7.88 -29.37 -26.71
C ILE B 186 -6.75 -29.93 -25.84
N GLY B 187 -7.02 -30.05 -24.54
CA GLY B 187 -6.04 -30.58 -23.62
C GLY B 187 -5.01 -29.58 -23.16
N THR B 188 -5.29 -28.29 -23.37
CA THR B 188 -4.34 -27.25 -22.96
C THR B 188 -4.96 -26.30 -21.94
N ASP B 189 -6.10 -26.68 -21.38
CA ASP B 189 -6.79 -25.84 -20.41
C ASP B 189 -7.11 -24.54 -21.15
N ALA B 190 -7.63 -24.70 -22.35
CA ALA B 190 -7.98 -23.59 -23.22
C ALA B 190 -9.20 -22.81 -22.74
N PHE B 191 -9.31 -21.60 -23.26
CA PHE B 191 -10.43 -20.71 -22.93
C PHE B 191 -11.74 -21.44 -23.20
N GLN B 192 -12.60 -21.49 -22.18
CA GLN B 192 -13.90 -22.15 -22.30
C GLN B 192 -13.85 -23.62 -22.71
N GLU B 193 -12.82 -24.33 -22.28
CA GLU B 193 -12.69 -25.74 -22.62
C GLU B 193 -13.15 -26.61 -21.45
N ALA B 194 -13.88 -27.67 -21.76
CA ALA B 194 -14.33 -28.61 -20.75
C ALA B 194 -14.25 -29.98 -21.39
N ASP B 195 -14.06 -31.01 -20.57
CA ASP B 195 -14.01 -32.38 -21.07
C ASP B 195 -15.46 -32.83 -21.08
N VAL B 196 -16.23 -32.33 -22.06
CA VAL B 196 -17.63 -32.65 -22.16
C VAL B 196 -17.95 -34.12 -22.43
N VAL B 197 -17.09 -34.79 -23.17
CA VAL B 197 -17.31 -36.20 -23.44
C VAL B 197 -17.19 -37.03 -22.16
N GLY B 198 -16.27 -36.62 -21.29
CA GLY B 198 -16.08 -37.33 -20.04
C GLY B 198 -17.17 -37.00 -19.03
N ILE B 199 -17.53 -35.72 -18.96
CA ILE B 199 -18.57 -35.27 -18.05
C ILE B 199 -19.93 -35.87 -18.36
N SER B 200 -20.29 -35.90 -19.65
CA SER B 200 -21.59 -36.42 -20.08
C SER B 200 -21.65 -37.93 -20.30
N ARG B 201 -20.54 -38.62 -20.10
CA ARG B 201 -20.50 -40.06 -20.29
C ARG B 201 -21.60 -40.82 -19.56
N SER B 202 -21.75 -40.56 -18.26
CA SER B 202 -22.75 -41.26 -17.47
C SER B 202 -24.19 -40.81 -17.71
N CYS B 203 -24.39 -39.71 -18.42
CA CYS B 203 -25.74 -39.23 -18.67
C CYS B 203 -26.12 -39.13 -20.16
N THR B 204 -25.53 -40.00 -20.97
CA THR B 204 -25.82 -40.08 -22.39
C THR B 204 -25.71 -41.54 -22.80
N LYS B 205 -26.55 -41.98 -23.72
CA LYS B 205 -26.50 -43.35 -24.20
C LYS B 205 -25.19 -43.52 -24.96
N TRP B 206 -24.67 -42.40 -25.45
CA TRP B 206 -23.45 -42.42 -26.24
C TRP B 206 -23.06 -40.98 -26.56
N ASN B 207 -21.76 -40.71 -26.65
CA ASN B 207 -21.31 -39.38 -27.01
C ASN B 207 -20.03 -39.53 -27.83
N VAL B 208 -19.56 -38.44 -28.41
CA VAL B 208 -18.36 -38.51 -29.23
C VAL B 208 -17.89 -37.12 -29.60
N MET B 209 -16.62 -37.02 -29.97
CA MET B 209 -16.07 -35.74 -30.40
C MET B 209 -15.72 -35.92 -31.88
N VAL B 210 -16.27 -35.07 -32.74
CA VAL B 210 -15.99 -35.16 -34.16
C VAL B 210 -14.56 -34.68 -34.40
N LYS B 211 -13.75 -35.51 -35.05
CA LYS B 211 -12.35 -35.16 -35.32
C LYS B 211 -12.11 -34.48 -36.66
N SER B 212 -12.93 -34.79 -37.65
CA SER B 212 -12.77 -34.20 -38.98
C SER B 212 -14.14 -33.95 -39.62
N VAL B 213 -14.19 -33.02 -40.56
CA VAL B 213 -15.44 -32.70 -41.23
C VAL B 213 -15.99 -33.88 -42.06
N GLU B 214 -15.10 -34.67 -42.64
CA GLU B 214 -15.53 -35.81 -43.45
C GLU B 214 -16.22 -36.86 -42.58
N GLU B 215 -16.03 -36.73 -41.27
CA GLU B 215 -16.61 -37.64 -40.29
C GLU B 215 -17.92 -37.10 -39.71
N LEU B 216 -18.15 -35.80 -39.89
CA LEU B 216 -19.33 -35.15 -39.35
C LEU B 216 -20.70 -35.74 -39.71
N PRO B 217 -20.94 -36.02 -41.00
CA PRO B 217 -22.25 -36.59 -41.35
C PRO B 217 -22.51 -37.94 -40.69
N LEU B 218 -21.50 -38.79 -40.64
CA LEU B 218 -21.64 -40.11 -40.04
C LEU B 218 -21.98 -40.00 -38.55
N ARG B 219 -21.29 -39.11 -37.84
CA ARG B 219 -21.54 -38.95 -36.41
C ARG B 219 -22.94 -38.41 -36.15
N ILE B 220 -23.41 -37.50 -37.01
CA ILE B 220 -24.74 -36.95 -36.83
C ILE B 220 -25.80 -38.04 -37.05
N ASN B 221 -25.58 -38.87 -38.06
CA ASN B 221 -26.52 -39.95 -38.36
C ASN B 221 -26.54 -41.01 -37.27
N GLU B 222 -25.38 -41.28 -36.67
CA GLU B 222 -25.32 -42.28 -35.60
C GLU B 222 -26.02 -41.70 -34.38
N ALA B 223 -25.77 -40.43 -34.10
CA ALA B 223 -26.37 -39.75 -32.95
C ALA B 223 -27.90 -39.85 -32.95
N PHE B 224 -28.52 -39.53 -34.08
CA PHE B 224 -29.98 -39.59 -34.18
C PHE B 224 -30.51 -41.01 -34.09
N GLU B 225 -29.78 -41.96 -34.70
CA GLU B 225 -30.20 -43.35 -34.68
C GLU B 225 -30.17 -43.90 -33.25
N ILE B 226 -29.05 -43.66 -32.55
CA ILE B 226 -28.89 -44.13 -31.18
C ILE B 226 -29.93 -43.50 -30.26
N ALA B 227 -30.11 -42.19 -30.39
CA ALA B 227 -31.05 -41.47 -29.54
C ALA B 227 -32.49 -41.93 -29.69
N THR B 228 -32.85 -42.42 -30.87
CA THR B 228 -34.23 -42.83 -31.10
C THR B 228 -34.50 -44.33 -31.14
N SER B 229 -33.50 -45.15 -30.91
CA SER B 229 -33.68 -46.60 -30.92
C SER B 229 -33.63 -47.20 -29.50
N GLY B 230 -33.92 -48.50 -29.39
CA GLY B 230 -33.92 -49.16 -28.09
C GLY B 230 -34.75 -48.32 -27.14
N ARG B 231 -34.20 -47.99 -25.98
CA ARG B 231 -34.92 -47.12 -25.07
C ARG B 231 -34.42 -45.74 -25.49
N PRO B 232 -35.33 -44.87 -25.95
CA PRO B 232 -34.89 -43.54 -26.37
C PRO B 232 -34.02 -42.91 -25.29
N GLY B 233 -33.15 -41.98 -25.68
CA GLY B 233 -32.29 -41.34 -24.71
C GLY B 233 -31.45 -40.23 -25.30
N PRO B 234 -30.69 -39.51 -24.46
CA PRO B 234 -29.83 -38.41 -24.90
C PRO B 234 -28.48 -38.88 -25.41
N VAL B 235 -27.91 -38.11 -26.34
CA VAL B 235 -26.60 -38.40 -26.90
C VAL B 235 -25.94 -37.04 -27.08
N LEU B 236 -24.61 -37.00 -27.06
CA LEU B 236 -23.91 -35.75 -27.22
C LEU B 236 -22.83 -35.82 -28.30
N VAL B 237 -22.78 -34.79 -29.14
CA VAL B 237 -21.79 -34.72 -30.22
C VAL B 237 -20.96 -33.45 -30.02
N ASP B 238 -19.68 -33.64 -29.71
CA ASP B 238 -18.75 -32.55 -29.46
C ASP B 238 -18.20 -32.04 -30.80
N LEU B 239 -18.34 -30.74 -31.04
CA LEU B 239 -17.91 -30.13 -32.30
C LEU B 239 -16.79 -29.09 -32.23
N PRO B 240 -15.52 -29.51 -32.39
CA PRO B 240 -14.39 -28.57 -32.34
C PRO B 240 -14.57 -27.45 -33.36
N LYS B 241 -14.21 -26.23 -32.98
CA LYS B 241 -14.36 -25.08 -33.87
C LYS B 241 -13.72 -25.27 -35.25
N ASP B 242 -12.50 -25.80 -35.29
CA ASP B 242 -11.82 -26.00 -36.57
C ASP B 242 -12.51 -27.03 -37.47
N VAL B 243 -13.23 -27.97 -36.87
CA VAL B 243 -13.95 -28.99 -37.64
C VAL B 243 -15.19 -28.38 -38.31
N THR B 244 -15.89 -27.52 -37.58
CA THR B 244 -17.09 -26.89 -38.13
C THR B 244 -16.74 -25.73 -39.05
N ALA B 245 -15.50 -25.27 -38.99
CA ALA B 245 -15.07 -24.17 -39.84
C ALA B 245 -14.39 -24.73 -41.08
N ALA B 246 -13.97 -25.98 -41.01
CA ALA B 246 -13.28 -26.65 -42.11
C ALA B 246 -14.21 -26.93 -43.28
N ILE B 247 -13.65 -26.94 -44.48
CA ILE B 247 -14.41 -27.20 -45.70
C ILE B 247 -14.11 -28.61 -46.20
N LEU B 248 -15.17 -29.37 -46.47
CA LEU B 248 -15.03 -30.73 -46.97
C LEU B 248 -14.47 -30.72 -48.39
N ARG B 249 -13.30 -31.32 -48.55
CA ARG B 249 -12.64 -31.39 -49.86
C ARG B 249 -12.90 -32.72 -50.54
N ASN B 250 -12.57 -33.81 -49.85
CA ASN B 250 -12.74 -35.14 -50.40
C ASN B 250 -14.15 -35.68 -50.19
N PRO B 251 -14.74 -36.26 -51.25
CA PRO B 251 -16.09 -36.81 -51.16
C PRO B 251 -16.12 -37.95 -50.14
N ILE B 252 -17.19 -38.01 -49.36
CA ILE B 252 -17.34 -39.04 -48.34
C ILE B 252 -18.16 -40.21 -48.87
N PRO B 253 -17.85 -41.43 -48.41
CA PRO B 253 -18.55 -42.65 -48.82
C PRO B 253 -20.07 -42.52 -48.75
N PHE B 274 -36.55 -66.94 -30.56
CA PHE B 274 -36.59 -67.06 -29.11
C PHE B 274 -37.75 -66.26 -28.51
N VAL B 275 -37.89 -65.02 -28.95
CA VAL B 275 -38.95 -64.15 -28.44
C VAL B 275 -40.30 -64.80 -28.70
N MET B 276 -40.45 -65.42 -29.86
CA MET B 276 -41.70 -66.09 -30.23
C MET B 276 -42.07 -67.09 -29.14
N GLN B 277 -41.05 -67.72 -28.55
CA GLN B 277 -41.26 -68.70 -27.48
C GLN B 277 -41.73 -67.98 -26.22
N SER B 278 -41.10 -66.85 -25.92
CA SER B 278 -41.45 -66.06 -24.74
C SER B 278 -42.87 -65.51 -24.88
N ILE B 279 -43.26 -65.21 -26.11
CA ILE B 279 -44.58 -64.66 -26.40
C ILE B 279 -45.66 -65.72 -26.18
N ASN B 280 -45.34 -66.97 -26.51
CA ASN B 280 -46.29 -68.06 -26.34
C ASN B 280 -46.39 -68.47 -24.88
N LYS B 281 -45.25 -68.50 -24.19
CA LYS B 281 -45.23 -68.85 -22.78
C LYS B 281 -45.93 -67.75 -21.98
N ALA B 282 -45.77 -66.52 -22.44
CA ALA B 282 -46.38 -65.37 -21.79
C ALA B 282 -47.90 -65.39 -21.95
N ALA B 283 -48.36 -65.78 -23.14
CA ALA B 283 -49.79 -65.84 -23.43
C ALA B 283 -50.48 -66.91 -22.58
N ASP B 284 -49.82 -68.05 -22.39
CA ASP B 284 -50.39 -69.12 -21.59
C ASP B 284 -50.61 -68.63 -20.16
N LEU B 285 -49.59 -68.01 -19.57
CA LEU B 285 -49.68 -67.50 -18.21
C LEU B 285 -50.86 -66.53 -18.07
N ILE B 286 -51.07 -65.70 -19.09
CA ILE B 286 -52.15 -64.74 -19.05
C ILE B 286 -53.51 -65.44 -19.13
N ASN B 287 -53.62 -66.43 -20.00
CA ASN B 287 -54.87 -67.16 -20.13
C ASN B 287 -55.21 -67.89 -18.83
N LEU B 288 -54.17 -68.14 -18.03
CA LEU B 288 -54.31 -68.86 -16.76
C LEU B 288 -54.60 -67.95 -15.56
N ALA B 289 -54.18 -66.69 -15.65
CA ALA B 289 -54.37 -65.74 -14.56
C ALA B 289 -55.83 -65.62 -14.11
N LYS B 290 -56.01 -65.53 -12.79
CA LYS B 290 -57.34 -65.41 -12.19
C LYS B 290 -57.53 -63.98 -11.67
N LYS B 291 -56.43 -63.37 -11.25
CA LYS B 291 -56.46 -62.00 -10.73
C LYS B 291 -55.27 -61.24 -11.34
N PRO B 292 -55.28 -61.06 -12.67
CA PRO B 292 -54.22 -60.35 -13.39
C PRO B 292 -54.33 -58.83 -13.31
N VAL B 293 -53.21 -58.15 -13.49
CA VAL B 293 -53.18 -56.70 -13.46
C VAL B 293 -52.13 -56.19 -14.45
N LEU B 294 -52.50 -55.19 -15.24
CA LEU B 294 -51.58 -54.60 -16.21
C LEU B 294 -50.85 -53.42 -15.58
N TYR B 295 -49.54 -53.57 -15.47
CA TYR B 295 -48.66 -52.55 -14.91
C TYR B 295 -47.98 -51.88 -16.12
N VAL B 296 -48.61 -50.80 -16.59
CA VAL B 296 -48.16 -50.07 -17.78
C VAL B 296 -47.30 -48.83 -17.51
N GLY B 297 -46.25 -48.68 -18.32
CA GLY B 297 -45.36 -47.53 -18.15
C GLY B 297 -45.12 -46.69 -19.39
N ALA B 298 -44.08 -45.87 -19.35
CA ALA B 298 -43.73 -44.98 -20.45
C ALA B 298 -43.43 -45.73 -21.74
N GLY B 299 -43.06 -47.00 -21.63
CA GLY B 299 -42.73 -47.77 -22.81
C GLY B 299 -43.85 -47.92 -23.82
N ILE B 300 -45.08 -47.99 -23.33
CA ILE B 300 -46.24 -48.14 -24.20
C ILE B 300 -46.50 -46.89 -25.03
N LEU B 301 -45.98 -45.76 -24.56
CA LEU B 301 -46.15 -44.49 -25.26
C LEU B 301 -45.05 -44.23 -26.29
N ASN B 302 -44.14 -45.17 -26.43
CA ASN B 302 -43.04 -45.02 -27.39
C ASN B 302 -43.40 -45.60 -28.76
N HIS B 303 -44.68 -45.87 -28.95
CA HIS B 303 -45.17 -46.40 -30.22
C HIS B 303 -46.57 -45.86 -30.47
N ALA B 304 -46.77 -45.30 -31.65
CA ALA B 304 -48.06 -44.71 -32.02
C ALA B 304 -49.27 -45.59 -31.72
N ASP B 305 -49.11 -46.90 -31.88
CA ASP B 305 -50.23 -47.81 -31.65
C ASP B 305 -50.26 -48.42 -30.24
N GLY B 306 -49.35 -47.98 -29.38
CA GLY B 306 -49.30 -48.48 -28.02
C GLY B 306 -50.61 -48.43 -27.26
N PRO B 307 -51.16 -47.23 -27.04
CA PRO B 307 -52.44 -47.08 -26.32
C PRO B 307 -53.57 -47.95 -26.87
N ARG B 308 -53.66 -48.04 -28.19
CA ARG B 308 -54.71 -48.82 -28.85
C ARG B 308 -54.62 -50.30 -28.48
N LEU B 309 -53.46 -50.89 -28.67
CA LEU B 309 -53.26 -52.29 -28.35
C LEU B 309 -53.41 -52.57 -26.87
N LEU B 310 -52.99 -51.63 -26.03
CA LEU B 310 -53.12 -51.79 -24.59
C LEU B 310 -54.60 -51.96 -24.26
N LYS B 311 -55.42 -51.07 -24.82
CA LYS B 311 -56.86 -51.10 -24.60
C LYS B 311 -57.46 -52.41 -25.13
N GLU B 312 -56.96 -52.85 -26.28
CA GLU B 312 -57.42 -54.07 -26.92
C GLU B 312 -57.22 -55.27 -25.99
N LEU B 313 -55.99 -55.41 -25.48
CA LEU B 313 -55.65 -56.51 -24.59
C LEU B 313 -56.43 -56.42 -23.28
N SER B 314 -56.68 -55.19 -22.82
CA SER B 314 -57.42 -54.99 -21.58
C SER B 314 -58.89 -55.40 -21.74
N ASP B 315 -59.49 -54.97 -22.84
CA ASP B 315 -60.89 -55.30 -23.11
C ASP B 315 -61.07 -56.77 -23.47
N ARG B 316 -60.12 -57.32 -24.21
CA ARG B 316 -60.17 -58.71 -24.64
C ARG B 316 -60.17 -59.68 -23.46
N ALA B 317 -59.18 -59.55 -22.58
CA ALA B 317 -59.06 -60.42 -21.43
C ALA B 317 -59.56 -59.78 -20.14
N GLN B 318 -60.24 -58.65 -20.26
CA GLN B 318 -60.78 -57.94 -19.10
C GLN B 318 -59.74 -57.82 -17.98
N ILE B 319 -58.67 -57.07 -18.25
CA ILE B 319 -57.60 -56.90 -17.27
C ILE B 319 -57.50 -55.44 -16.82
N PRO B 320 -57.62 -55.21 -15.50
CA PRO B 320 -57.54 -53.85 -14.96
C PRO B 320 -56.14 -53.27 -15.21
N VAL B 321 -56.08 -51.99 -15.54
CA VAL B 321 -54.80 -51.35 -15.84
C VAL B 321 -54.40 -50.22 -14.91
N THR B 322 -53.19 -50.31 -14.37
CA THR B 322 -52.63 -49.28 -13.51
C THR B 322 -51.44 -48.73 -14.27
N THR B 323 -51.15 -47.45 -14.11
CA THR B 323 -50.01 -46.86 -14.80
C THR B 323 -49.10 -46.10 -13.85
N THR B 324 -47.86 -45.93 -14.25
CA THR B 324 -46.87 -45.20 -13.48
C THR B 324 -47.07 -43.72 -13.79
N LEU B 325 -46.31 -42.86 -13.13
CA LEU B 325 -46.40 -41.42 -13.35
C LEU B 325 -46.15 -41.13 -14.83
N GLN B 326 -45.18 -41.84 -15.41
CA GLN B 326 -44.81 -41.66 -16.81
C GLN B 326 -45.72 -42.42 -17.77
N GLY B 327 -46.64 -43.19 -17.22
CA GLY B 327 -47.56 -43.94 -18.06
C GLY B 327 -48.91 -43.24 -18.20
N LEU B 328 -49.17 -42.26 -17.35
CA LEU B 328 -50.42 -41.52 -17.39
C LEU B 328 -50.71 -41.00 -18.80
N GLY B 329 -51.94 -41.22 -19.26
CA GLY B 329 -52.32 -40.77 -20.59
C GLY B 329 -52.38 -41.91 -21.58
N SER B 330 -51.71 -43.02 -21.26
CA SER B 330 -51.70 -44.16 -22.16
C SER B 330 -52.99 -44.98 -22.05
N PHE B 331 -53.71 -44.81 -20.95
CA PHE B 331 -54.96 -45.54 -20.73
C PHE B 331 -56.05 -44.56 -20.32
N ASP B 332 -57.27 -44.78 -20.82
CA ASP B 332 -58.38 -43.89 -20.47
C ASP B 332 -58.85 -44.14 -19.05
N GLN B 333 -58.64 -43.15 -18.18
CA GLN B 333 -59.03 -43.28 -16.78
C GLN B 333 -60.54 -43.26 -16.58
N GLU B 334 -61.28 -43.09 -17.67
CA GLU B 334 -62.75 -43.08 -17.61
C GLU B 334 -63.23 -44.53 -17.61
N ASP B 335 -62.45 -45.40 -18.24
CA ASP B 335 -62.76 -46.82 -18.32
C ASP B 335 -62.77 -47.44 -16.92
N PRO B 336 -63.80 -48.23 -16.61
CA PRO B 336 -63.95 -48.89 -15.30
C PRO B 336 -62.75 -49.76 -14.91
N LYS B 337 -62.05 -50.26 -15.91
CA LYS B 337 -60.88 -51.11 -15.68
C LYS B 337 -59.65 -50.34 -15.23
N SER B 338 -59.76 -49.01 -15.20
CA SER B 338 -58.63 -48.17 -14.80
C SER B 338 -58.43 -48.19 -13.30
N LEU B 339 -57.21 -48.51 -12.88
CA LEU B 339 -56.86 -48.56 -11.46
C LEU B 339 -56.18 -47.26 -11.05
N ASP B 340 -55.85 -46.44 -12.03
CA ASP B 340 -55.17 -45.16 -11.81
C ASP B 340 -53.67 -45.39 -11.55
N MET B 341 -53.01 -44.45 -10.88
CA MET B 341 -51.58 -44.57 -10.65
C MET B 341 -51.19 -45.37 -9.40
N LEU B 342 -50.13 -46.17 -9.51
CA LEU B 342 -49.64 -46.97 -8.39
C LEU B 342 -48.35 -46.38 -7.85
N GLY B 343 -47.85 -46.96 -6.77
CA GLY B 343 -46.59 -46.50 -6.20
C GLY B 343 -46.68 -45.70 -4.91
N MET B 344 -45.59 -45.01 -4.60
CA MET B 344 -45.46 -44.19 -3.40
C MET B 344 -46.68 -43.32 -3.12
N HIS B 345 -47.13 -42.60 -4.13
CA HIS B 345 -48.29 -41.73 -3.97
C HIS B 345 -49.43 -42.17 -4.88
N GLY B 346 -49.49 -43.47 -5.15
CA GLY B 346 -50.53 -43.99 -6.01
C GLY B 346 -51.83 -44.29 -5.30
N CYS B 347 -52.86 -44.55 -6.09
CA CYS B 347 -54.19 -44.89 -5.58
C CYS B 347 -54.12 -46.18 -4.75
N ALA B 348 -54.76 -46.19 -3.59
CA ALA B 348 -54.75 -47.36 -2.73
C ALA B 348 -55.26 -48.60 -3.47
N THR B 349 -56.28 -48.42 -4.28
CA THR B 349 -56.86 -49.52 -5.05
C THR B 349 -55.80 -50.12 -5.98
N ALA B 350 -55.08 -49.25 -6.68
CA ALA B 350 -54.04 -49.69 -7.59
C ALA B 350 -52.99 -50.52 -6.86
N ASN B 351 -52.51 -50.01 -5.74
CA ASN B 351 -51.50 -50.73 -4.97
C ASN B 351 -51.99 -52.06 -4.42
N LEU B 352 -53.24 -52.08 -3.94
CA LEU B 352 -53.82 -53.29 -3.38
C LEU B 352 -53.98 -54.34 -4.49
N ALA B 353 -54.40 -53.91 -5.66
CA ALA B 353 -54.57 -54.83 -6.78
C ALA B 353 -53.23 -55.50 -7.10
N VAL B 354 -52.18 -54.69 -7.20
CA VAL B 354 -50.85 -55.21 -7.49
C VAL B 354 -50.34 -56.19 -6.42
N GLN B 355 -50.62 -55.89 -5.16
CA GLN B 355 -50.18 -56.75 -4.07
C GLN B 355 -50.96 -58.07 -4.00
N ASN B 356 -52.19 -58.07 -4.51
CA ASN B 356 -53.04 -59.25 -4.49
C ASN B 356 -53.14 -60.00 -5.82
N ALA B 357 -52.51 -59.44 -6.86
CA ALA B 357 -52.54 -60.06 -8.17
C ALA B 357 -51.67 -61.32 -8.22
N ASP B 358 -52.14 -62.32 -8.96
CA ASP B 358 -51.40 -63.56 -9.11
C ASP B 358 -50.52 -63.47 -10.35
N LEU B 359 -50.78 -62.45 -11.16
CA LEU B 359 -50.02 -62.21 -12.39
C LEU B 359 -49.93 -60.73 -12.71
N ILE B 360 -48.70 -60.22 -12.76
CA ILE B 360 -48.48 -58.83 -13.07
C ILE B 360 -47.83 -58.71 -14.43
N ILE B 361 -48.55 -58.10 -15.37
CA ILE B 361 -48.04 -57.91 -16.72
C ILE B 361 -47.39 -56.53 -16.81
N ALA B 362 -46.06 -56.49 -16.74
CA ALA B 362 -45.32 -55.24 -16.81
C ALA B 362 -45.09 -54.82 -18.26
N VAL B 363 -45.66 -53.69 -18.65
CA VAL B 363 -45.55 -53.19 -20.01
C VAL B 363 -44.87 -51.83 -20.05
N GLY B 364 -43.63 -51.81 -20.54
CA GLY B 364 -42.89 -50.57 -20.64
C GLY B 364 -42.70 -49.85 -19.32
N ALA B 365 -42.38 -50.59 -18.27
CA ALA B 365 -42.17 -50.02 -16.94
C ALA B 365 -40.91 -50.67 -16.36
N ARG B 366 -40.14 -49.92 -15.57
CA ARG B 366 -38.90 -50.48 -15.02
C ARG B 366 -38.86 -50.79 -13.53
N PHE B 367 -40.02 -50.80 -12.88
CA PHE B 367 -40.08 -51.11 -11.46
C PHE B 367 -39.15 -50.22 -10.62
N ASP B 368 -39.20 -48.91 -10.84
CA ASP B 368 -38.34 -48.00 -10.08
C ASP B 368 -38.77 -48.00 -8.61
N ASP B 369 -37.89 -47.52 -7.73
CA ASP B 369 -38.20 -47.49 -6.30
C ASP B 369 -39.37 -46.61 -5.87
N ARG B 370 -39.91 -45.79 -6.78
CA ARG B 370 -41.06 -44.94 -6.42
C ARG B 370 -42.36 -45.71 -6.67
N VAL B 371 -42.25 -46.88 -7.30
CA VAL B 371 -43.40 -47.70 -7.64
C VAL B 371 -43.57 -48.98 -6.81
N THR B 372 -42.48 -49.71 -6.66
CA THR B 372 -42.51 -50.98 -5.92
C THR B 372 -42.65 -50.89 -4.41
N GLY B 373 -42.32 -49.75 -3.82
CA GLY B 373 -42.38 -49.66 -2.37
C GLY B 373 -41.26 -50.58 -1.90
N ASN B 374 -41.40 -51.18 -0.74
CA ASN B 374 -40.36 -52.10 -0.25
C ASN B 374 -40.32 -53.28 -1.20
N ILE B 375 -39.22 -53.40 -1.95
CA ILE B 375 -39.06 -54.46 -2.94
C ILE B 375 -39.31 -55.88 -2.43
N SER B 376 -38.90 -56.16 -1.19
CA SER B 376 -39.10 -57.50 -0.63
C SER B 376 -40.57 -57.76 -0.31
N LYS B 377 -41.35 -56.69 -0.17
CA LYS B 377 -42.77 -56.82 0.13
C LYS B 377 -43.61 -56.59 -1.12
N PHE B 378 -42.93 -56.46 -2.25
CA PHE B 378 -43.62 -56.20 -3.52
C PHE B 378 -44.27 -57.44 -4.13
N ALA B 379 -45.53 -57.27 -4.55
CA ALA B 379 -46.31 -58.33 -5.18
C ALA B 379 -46.16 -59.72 -4.56
N PRO B 380 -46.58 -59.89 -3.30
CA PRO B 380 -46.47 -61.19 -2.62
C PRO B 380 -47.29 -62.29 -3.30
N GLU B 381 -48.53 -61.98 -3.68
CA GLU B 381 -49.39 -62.95 -4.35
C GLU B 381 -48.81 -63.41 -5.68
N ALA B 382 -48.13 -62.51 -6.38
CA ALA B 382 -47.52 -62.85 -7.65
C ALA B 382 -46.35 -63.79 -7.42
N ARG B 383 -45.61 -63.55 -6.34
CA ARG B 383 -44.47 -64.37 -6.00
C ARG B 383 -44.93 -65.77 -5.60
N ARG B 384 -46.05 -65.82 -4.87
CA ARG B 384 -46.60 -67.10 -4.43
C ARG B 384 -47.13 -67.87 -5.63
N ALA B 385 -47.79 -67.16 -6.54
CA ALA B 385 -48.34 -67.77 -7.74
C ALA B 385 -47.22 -68.35 -8.60
N ALA B 386 -46.11 -67.62 -8.67
CA ALA B 386 -44.96 -68.06 -9.45
C ALA B 386 -44.34 -69.31 -8.83
N ALA B 387 -44.42 -69.41 -7.51
CA ALA B 387 -43.87 -70.55 -6.79
C ALA B 387 -44.70 -71.80 -7.10
N GLU B 388 -45.96 -71.58 -7.43
CA GLU B 388 -46.87 -72.68 -7.75
C GLU B 388 -47.02 -72.85 -9.27
N GLY B 389 -46.23 -72.10 -10.03
CA GLY B 389 -46.29 -72.20 -11.48
C GLY B 389 -47.65 -71.80 -12.04
N ARG B 390 -48.33 -70.90 -11.36
CA ARG B 390 -49.64 -70.43 -11.79
C ARG B 390 -49.71 -68.92 -11.90
N GLY B 391 -48.54 -68.29 -12.06
CA GLY B 391 -48.50 -66.84 -12.17
C GLY B 391 -47.11 -66.27 -12.05
N GLY B 392 -47.03 -65.04 -11.54
CA GLY B 392 -45.74 -64.39 -11.38
C GLY B 392 -45.68 -63.05 -12.10
N ILE B 393 -44.55 -62.76 -12.73
CA ILE B 393 -44.37 -61.49 -13.43
C ILE B 393 -43.93 -61.68 -14.88
N ILE B 394 -44.61 -60.97 -15.78
CA ILE B 394 -44.27 -61.00 -17.21
C ILE B 394 -43.78 -59.58 -17.51
N HIS B 395 -42.64 -59.47 -18.18
CA HIS B 395 -42.06 -58.16 -18.47
C HIS B 395 -41.82 -57.88 -19.96
N PHE B 396 -42.53 -56.90 -20.50
CA PHE B 396 -42.36 -56.51 -21.89
C PHE B 396 -41.38 -55.34 -21.87
N GLU B 397 -40.10 -55.66 -21.96
CA GLU B 397 -39.03 -54.67 -21.90
C GLU B 397 -38.18 -54.66 -23.16
N VAL B 398 -37.79 -53.47 -23.60
CA VAL B 398 -36.96 -53.32 -24.79
C VAL B 398 -35.48 -53.41 -24.45
N SER B 399 -35.12 -53.08 -23.21
CA SER B 399 -33.73 -53.13 -22.77
C SER B 399 -33.42 -54.31 -21.86
N PRO B 400 -32.60 -55.25 -22.33
CA PRO B 400 -32.23 -56.44 -21.57
C PRO B 400 -31.71 -56.14 -20.16
N LYS B 401 -30.99 -55.03 -20.01
CA LYS B 401 -30.43 -54.67 -18.71
C LYS B 401 -31.46 -54.26 -17.65
N ASN B 402 -32.70 -54.01 -18.07
CA ASN B 402 -33.75 -53.66 -17.13
C ASN B 402 -34.62 -54.88 -16.83
N ILE B 403 -34.21 -56.02 -17.37
CA ILE B 403 -34.93 -57.27 -17.16
C ILE B 403 -34.28 -57.99 -15.98
N ASN B 404 -35.09 -58.34 -14.98
CA ASN B 404 -34.59 -59.03 -13.79
C ASN B 404 -33.58 -58.17 -13.04
N LYS B 405 -33.66 -56.85 -13.21
CA LYS B 405 -32.73 -55.94 -12.54
C LYS B 405 -33.19 -55.64 -11.11
N VAL B 406 -34.50 -55.44 -10.94
CA VAL B 406 -35.07 -55.12 -9.63
C VAL B 406 -35.77 -56.31 -9.00
N VAL B 407 -36.52 -57.05 -9.81
CA VAL B 407 -37.25 -58.21 -9.32
C VAL B 407 -37.22 -59.34 -10.34
N GLN B 408 -36.99 -60.57 -9.86
CA GLN B 408 -36.95 -61.73 -10.76
C GLN B 408 -38.30 -61.94 -11.42
N THR B 409 -38.30 -62.02 -12.74
CA THR B 409 -39.53 -62.22 -13.48
C THR B 409 -39.59 -63.65 -14.01
N GLN B 410 -40.80 -64.14 -14.24
CA GLN B 410 -40.99 -65.48 -14.76
C GLN B 410 -40.83 -65.51 -16.29
N ILE B 411 -41.36 -64.49 -16.96
CA ILE B 411 -41.26 -64.40 -18.40
C ILE B 411 -40.84 -63.00 -18.86
N ALA B 412 -39.89 -62.95 -19.77
CA ALA B 412 -39.40 -61.68 -20.31
C ALA B 412 -39.53 -61.63 -21.83
N VAL B 413 -40.24 -60.62 -22.32
CA VAL B 413 -40.46 -60.46 -23.75
C VAL B 413 -39.64 -59.25 -24.22
N GLU B 414 -38.47 -59.51 -24.81
CA GLU B 414 -37.59 -58.45 -25.29
C GLU B 414 -38.05 -57.80 -26.58
N GLY B 415 -37.87 -56.48 -26.66
CA GLY B 415 -38.25 -55.75 -27.85
C GLY B 415 -39.27 -54.67 -27.56
N ASP B 416 -39.83 -54.11 -28.63
CA ASP B 416 -40.84 -53.07 -28.50
C ASP B 416 -42.10 -53.71 -27.94
N ALA B 417 -42.60 -53.16 -26.84
CA ALA B 417 -43.80 -53.68 -26.19
C ALA B 417 -45.00 -53.72 -27.13
N THR B 418 -45.31 -52.56 -27.71
CA THR B 418 -46.44 -52.46 -28.62
C THR B 418 -46.38 -53.55 -29.69
N THR B 419 -45.21 -53.70 -30.29
CA THR B 419 -45.00 -54.70 -31.33
C THR B 419 -45.29 -56.12 -30.83
N ASN B 420 -44.71 -56.47 -29.68
CA ASN B 420 -44.90 -57.80 -29.12
C ASN B 420 -46.33 -58.07 -28.63
N LEU B 421 -47.01 -57.04 -28.18
CA LEU B 421 -48.38 -57.19 -27.71
C LEU B 421 -49.27 -57.56 -28.89
N GLY B 422 -49.04 -56.90 -30.01
CA GLY B 422 -49.82 -57.18 -31.21
C GLY B 422 -49.60 -58.59 -31.69
N LYS B 423 -48.43 -59.15 -31.37
CA LYS B 423 -48.10 -60.51 -31.78
C LYS B 423 -48.79 -61.60 -30.97
N MET B 424 -48.95 -61.38 -29.66
CA MET B 424 -49.60 -62.39 -28.82
C MET B 424 -51.10 -62.18 -28.67
N MET B 425 -51.61 -61.11 -29.23
CA MET B 425 -53.03 -60.82 -29.12
C MET B 425 -53.87 -62.02 -29.54
N SER B 426 -53.56 -62.58 -30.71
CA SER B 426 -54.29 -63.72 -31.25
C SER B 426 -54.15 -64.97 -30.39
N LYS B 427 -53.24 -64.93 -29.42
CA LYS B 427 -53.02 -66.07 -28.54
C LYS B 427 -53.59 -65.81 -27.15
N ILE B 428 -54.57 -64.92 -27.06
CA ILE B 428 -55.19 -64.60 -25.78
C ILE B 428 -56.68 -64.95 -25.80
N PHE B 429 -57.08 -65.87 -24.92
CA PHE B 429 -58.48 -66.28 -24.85
C PHE B 429 -59.36 -65.17 -24.33
N PRO B 430 -60.37 -64.78 -25.13
CA PRO B 430 -61.30 -63.71 -24.73
C PRO B 430 -61.96 -64.02 -23.39
N VAL B 431 -61.88 -63.08 -22.46
CA VAL B 431 -62.48 -63.26 -21.14
C VAL B 431 -63.81 -62.53 -21.09
N LYS B 432 -64.86 -63.27 -20.77
CA LYS B 432 -66.20 -62.71 -20.70
C LYS B 432 -66.36 -61.79 -19.49
N GLU B 433 -66.01 -62.30 -18.32
CA GLU B 433 -66.12 -61.50 -17.10
C GLU B 433 -65.20 -61.97 -15.97
N ARG B 434 -64.96 -61.07 -15.01
CA ARG B 434 -64.13 -61.36 -13.84
C ARG B 434 -64.81 -60.78 -12.60
N SER B 435 -66.04 -61.22 -12.36
CA SER B 435 -66.82 -60.74 -11.22
C SER B 435 -66.07 -60.83 -9.89
N GLU B 436 -65.42 -61.96 -9.64
CA GLU B 436 -64.67 -62.14 -8.40
C GLU B 436 -63.59 -61.09 -8.23
N TRP B 437 -62.72 -60.96 -9.24
CA TRP B 437 -61.63 -59.99 -9.21
C TRP B 437 -62.16 -58.56 -9.19
N PHE B 438 -63.09 -58.26 -10.08
CA PHE B 438 -63.68 -56.93 -10.18
C PHE B 438 -64.48 -56.52 -8.94
N ALA B 439 -65.08 -57.48 -8.26
CA ALA B 439 -65.85 -57.18 -7.06
C ALA B 439 -64.91 -56.63 -5.99
N GLN B 440 -63.79 -57.30 -5.80
CA GLN B 440 -62.80 -56.87 -4.80
C GLN B 440 -62.27 -55.47 -5.13
N ILE B 441 -61.89 -55.28 -6.38
CA ILE B 441 -61.36 -53.99 -6.84
C ILE B 441 -62.34 -52.85 -6.63
N ASN B 442 -63.62 -53.09 -6.95
CA ASN B 442 -64.64 -52.06 -6.79
C ASN B 442 -64.89 -51.72 -5.33
N LYS B 443 -64.70 -52.70 -4.45
CA LYS B 443 -64.88 -52.47 -3.02
C LYS B 443 -63.78 -51.53 -2.55
N TRP B 444 -62.56 -51.78 -3.03
CA TRP B 444 -61.43 -50.93 -2.65
C TRP B 444 -61.65 -49.51 -3.16
N LYS B 445 -62.06 -49.38 -4.42
CA LYS B 445 -62.30 -48.06 -4.99
C LYS B 445 -63.20 -47.21 -4.10
N LYS B 446 -64.34 -47.78 -3.71
CA LYS B 446 -65.30 -47.07 -2.88
C LYS B 446 -64.72 -46.79 -1.49
N GLU B 447 -63.86 -47.69 -1.02
CA GLU B 447 -63.26 -47.54 0.30
C GLU B 447 -62.07 -46.59 0.34
N TYR B 448 -61.22 -46.64 -0.68
CA TYR B 448 -60.03 -45.79 -0.70
C TYR B 448 -59.93 -44.80 -1.86
N PRO B 449 -60.74 -43.73 -1.83
CA PRO B 449 -60.69 -42.73 -2.91
C PRO B 449 -59.63 -41.69 -2.57
N TYR B 450 -59.36 -40.79 -3.50
CA TYR B 450 -58.37 -39.73 -3.25
C TYR B 450 -58.96 -38.68 -2.31
N ALA B 451 -59.16 -39.07 -1.06
CA ALA B 451 -59.72 -38.17 -0.06
C ALA B 451 -58.71 -37.14 0.44
N TYR B 452 -59.22 -35.99 0.91
CA TYR B 452 -58.38 -34.93 1.42
C TYR B 452 -59.25 -33.86 2.09
N MET B 453 -58.65 -33.08 2.97
CA MET B 453 -59.37 -32.03 3.68
C MET B 453 -59.88 -31.00 2.66
N GLU B 454 -61.18 -31.00 2.42
CA GLU B 454 -61.78 -30.06 1.48
C GLU B 454 -62.02 -28.71 2.12
N GLU B 455 -62.25 -27.69 1.29
CA GLU B 455 -62.47 -26.34 1.77
C GLU B 455 -63.66 -26.18 2.71
N THR B 456 -63.58 -25.18 3.58
CA THR B 456 -64.62 -24.86 4.54
C THR B 456 -64.71 -23.34 4.57
N PRO B 457 -65.88 -22.79 4.92
CA PRO B 457 -66.06 -21.33 4.98
C PRO B 457 -64.93 -20.63 5.72
N GLY B 458 -64.22 -19.75 5.03
CA GLY B 458 -63.12 -19.04 5.64
C GLY B 458 -61.74 -19.66 5.54
N SER B 459 -61.67 -20.92 5.11
CA SER B 459 -60.39 -21.60 4.98
C SER B 459 -59.68 -21.22 3.69
N LYS B 460 -58.41 -21.61 3.57
CA LYS B 460 -57.65 -21.31 2.37
C LYS B 460 -58.01 -22.31 1.28
N ILE B 461 -57.73 -21.93 0.04
CA ILE B 461 -58.01 -22.79 -1.10
C ILE B 461 -57.13 -24.04 -0.96
N LYS B 462 -57.67 -25.19 -1.33
CA LYS B 462 -56.93 -26.44 -1.24
C LYS B 462 -56.34 -26.79 -2.60
N PRO B 463 -55.03 -27.14 -2.64
CA PRO B 463 -54.36 -27.49 -3.89
C PRO B 463 -55.05 -28.58 -4.71
N GLN B 464 -55.50 -29.63 -4.04
CA GLN B 464 -56.17 -30.73 -4.72
C GLN B 464 -57.40 -30.21 -5.48
N THR B 465 -58.15 -29.32 -4.82
CA THR B 465 -59.35 -28.75 -5.42
C THR B 465 -59.02 -27.97 -6.69
N VAL B 466 -57.94 -27.20 -6.65
CA VAL B 466 -57.54 -26.42 -7.82
C VAL B 466 -57.31 -27.32 -9.04
N ILE B 467 -56.64 -28.45 -8.82
CA ILE B 467 -56.37 -29.39 -9.90
C ILE B 467 -57.66 -29.93 -10.51
N LYS B 468 -58.59 -30.35 -9.66
CA LYS B 468 -59.87 -30.88 -10.11
C LYS B 468 -60.63 -29.85 -10.94
N LYS B 469 -60.78 -28.65 -10.39
CA LYS B 469 -61.46 -27.58 -11.09
C LYS B 469 -60.79 -27.27 -12.42
N LEU B 470 -59.47 -27.04 -12.39
CA LEU B 470 -58.73 -26.74 -13.61
C LEU B 470 -58.86 -27.84 -14.65
N SER B 471 -58.89 -29.09 -14.19
CA SER B 471 -59.02 -30.21 -15.09
C SER B 471 -60.30 -30.13 -15.92
N LYS B 472 -61.40 -29.78 -15.26
CA LYS B 472 -62.68 -29.67 -15.93
C LYS B 472 -62.72 -28.45 -16.86
N VAL B 473 -62.35 -27.29 -16.33
CA VAL B 473 -62.34 -26.07 -17.11
C VAL B 473 -61.51 -26.23 -18.38
N ALA B 474 -60.32 -26.81 -18.24
CA ALA B 474 -59.44 -27.02 -19.39
C ALA B 474 -60.15 -27.92 -20.40
N ASN B 475 -60.80 -28.96 -19.88
CA ASN B 475 -61.52 -29.90 -20.73
C ASN B 475 -62.70 -29.22 -21.40
N ASP B 476 -63.32 -28.26 -20.72
CA ASP B 476 -64.47 -27.54 -21.26
C ASP B 476 -64.09 -26.59 -22.38
N THR B 477 -62.87 -26.70 -22.90
CA THR B 477 -62.44 -25.82 -23.98
C THR B 477 -62.50 -26.60 -25.29
N GLY B 478 -62.49 -27.93 -25.18
CA GLY B 478 -62.54 -28.76 -26.36
C GLY B 478 -61.19 -28.84 -27.07
N ARG B 479 -60.25 -28.00 -26.62
CA ARG B 479 -58.91 -27.95 -27.21
C ARG B 479 -58.10 -29.15 -26.75
N HIS B 480 -57.02 -29.45 -27.48
CA HIS B 480 -56.14 -30.55 -27.09
C HIS B 480 -55.34 -30.03 -25.91
N VAL B 481 -55.21 -30.84 -24.86
CA VAL B 481 -54.50 -30.41 -23.67
C VAL B 481 -53.24 -31.18 -23.31
N ILE B 482 -52.19 -30.43 -23.01
CA ILE B 482 -50.90 -30.97 -22.61
C ILE B 482 -50.53 -30.33 -21.28
N VAL B 483 -50.17 -31.13 -20.30
CA VAL B 483 -49.81 -30.63 -18.99
C VAL B 483 -48.36 -30.93 -18.59
N THR B 484 -47.66 -29.90 -18.13
CA THR B 484 -46.29 -30.06 -17.66
C THR B 484 -46.35 -29.66 -16.19
N THR B 485 -45.32 -30.00 -15.42
CA THR B 485 -45.31 -29.65 -14.00
C THR B 485 -43.89 -29.47 -13.49
N GLY B 486 -43.79 -29.00 -12.25
CA GLY B 486 -42.50 -28.84 -11.63
C GLY B 486 -42.33 -30.13 -10.84
N VAL B 487 -41.60 -30.09 -9.74
CA VAL B 487 -41.39 -31.29 -8.95
C VAL B 487 -41.81 -31.04 -7.50
N GLY B 488 -42.67 -31.92 -6.98
CA GLY B 488 -43.14 -31.79 -5.62
C GLY B 488 -44.58 -32.23 -5.44
N GLN B 489 -45.21 -31.77 -4.37
CA GLN B 489 -46.59 -32.13 -4.09
C GLN B 489 -47.53 -31.76 -5.22
N HIS B 490 -47.41 -30.54 -5.74
CA HIS B 490 -48.25 -30.08 -6.84
C HIS B 490 -48.18 -31.06 -8.00
N GLN B 491 -46.99 -31.62 -8.20
CA GLN B 491 -46.78 -32.58 -9.28
C GLN B 491 -47.58 -33.85 -9.01
N MET B 492 -47.57 -34.31 -7.77
CA MET B 492 -48.31 -35.50 -7.40
C MET B 492 -49.81 -35.26 -7.49
N TRP B 493 -50.26 -34.12 -6.99
CA TRP B 493 -51.67 -33.79 -7.03
C TRP B 493 -52.18 -33.65 -8.46
N ALA B 494 -51.35 -33.07 -9.32
CA ALA B 494 -51.72 -32.91 -10.73
C ALA B 494 -51.90 -34.31 -11.31
N ALA B 495 -51.03 -35.22 -10.91
CA ALA B 495 -51.07 -36.60 -11.39
C ALA B 495 -52.32 -37.34 -10.93
N GLN B 496 -52.66 -37.20 -9.66
CA GLN B 496 -53.81 -37.88 -9.07
C GLN B 496 -55.19 -37.32 -9.44
N HIS B 497 -55.38 -36.03 -9.23
CA HIS B 497 -56.67 -35.38 -9.45
C HIS B 497 -57.05 -34.99 -10.86
N TRP B 498 -56.15 -35.12 -11.81
CA TRP B 498 -56.47 -34.78 -13.18
C TRP B 498 -56.98 -36.08 -13.80
N THR B 499 -57.82 -35.96 -14.82
CA THR B 499 -58.37 -37.15 -15.48
C THR B 499 -57.64 -37.35 -16.79
N TRP B 500 -56.75 -38.32 -16.82
CA TRP B 500 -55.95 -38.61 -18.02
C TRP B 500 -56.67 -39.56 -18.96
N ARG B 501 -56.66 -39.22 -20.25
CA ARG B 501 -57.32 -40.04 -21.26
C ARG B 501 -56.54 -40.08 -22.58
N ASN B 502 -55.79 -39.02 -22.84
CA ASN B 502 -55.02 -38.92 -24.08
C ASN B 502 -53.52 -39.12 -23.89
N PRO B 503 -52.89 -39.88 -24.80
CA PRO B 503 -51.45 -40.14 -24.72
C PRO B 503 -50.62 -38.90 -25.05
N HIS B 504 -49.43 -38.82 -24.45
CA HIS B 504 -48.52 -37.70 -24.66
C HIS B 504 -49.10 -36.36 -24.19
N THR B 505 -49.94 -36.39 -23.16
CA THR B 505 -50.51 -35.16 -22.63
C THR B 505 -50.02 -34.81 -21.22
N PHE B 506 -49.14 -35.66 -20.69
CA PHE B 506 -48.58 -35.40 -19.37
C PHE B 506 -47.06 -35.45 -19.48
N ILE B 507 -46.44 -34.28 -19.41
CA ILE B 507 -44.99 -34.16 -19.51
C ILE B 507 -44.43 -33.73 -18.16
N THR B 508 -43.80 -34.66 -17.45
CA THR B 508 -43.27 -34.40 -16.11
C THR B 508 -41.92 -35.07 -15.86
N SER B 509 -41.10 -34.48 -14.99
CA SER B 509 -39.79 -35.05 -14.67
C SER B 509 -39.94 -36.10 -13.57
N GLY B 510 -39.76 -37.37 -13.93
CA GLY B 510 -39.93 -38.44 -12.95
C GLY B 510 -38.68 -39.08 -12.33
N GLY B 511 -37.82 -39.63 -13.18
CA GLY B 511 -36.62 -40.27 -12.68
C GLY B 511 -35.67 -39.36 -11.93
N LEU B 512 -35.25 -38.28 -12.56
CA LEU B 512 -34.34 -37.35 -11.92
C LEU B 512 -35.12 -36.41 -10.99
N GLY B 513 -36.35 -36.06 -11.37
CA GLY B 513 -37.15 -35.18 -10.54
C GLY B 513 -36.52 -33.79 -10.48
N THR B 514 -36.36 -33.19 -11.64
CA THR B 514 -35.75 -31.86 -11.75
C THR B 514 -36.68 -30.68 -11.52
N MET B 515 -36.52 -29.99 -10.41
CA MET B 515 -37.32 -28.80 -10.13
C MET B 515 -36.99 -27.76 -11.19
N GLY B 516 -37.99 -27.02 -11.66
CA GLY B 516 -37.77 -26.00 -12.67
C GLY B 516 -38.00 -26.50 -14.09
N TYR B 517 -38.44 -27.76 -14.18
CA TYR B 517 -38.72 -28.42 -15.45
C TYR B 517 -39.99 -27.90 -16.14
N GLY B 518 -41.00 -27.59 -15.33
CA GLY B 518 -42.28 -27.13 -15.83
C GLY B 518 -42.38 -26.08 -16.93
N LEU B 519 -41.87 -24.88 -16.65
CA LEU B 519 -41.93 -23.80 -17.63
C LEU B 519 -41.22 -24.13 -18.94
N PRO B 520 -39.89 -24.37 -18.90
CA PRO B 520 -39.21 -24.68 -20.16
C PRO B 520 -39.80 -25.87 -20.91
N ALA B 521 -40.21 -26.91 -20.19
CA ALA B 521 -40.79 -28.08 -20.84
C ALA B 521 -42.11 -27.71 -21.53
N ALA B 522 -42.88 -26.82 -20.90
CA ALA B 522 -44.15 -26.38 -21.46
C ALA B 522 -43.92 -25.57 -22.73
N ILE B 523 -42.87 -24.73 -22.71
CA ILE B 523 -42.54 -23.92 -23.87
C ILE B 523 -42.17 -24.81 -25.04
N GLY B 524 -41.38 -25.84 -24.75
CA GLY B 524 -40.97 -26.75 -25.80
C GLY B 524 -42.15 -27.57 -26.32
N ALA B 525 -43.06 -27.94 -25.42
CA ALA B 525 -44.23 -28.71 -25.81
C ALA B 525 -45.13 -27.85 -26.69
N GLN B 526 -45.24 -26.56 -26.36
CA GLN B 526 -46.08 -25.64 -27.12
C GLN B 526 -45.57 -25.50 -28.54
N VAL B 527 -44.25 -25.54 -28.70
CA VAL B 527 -43.64 -25.44 -30.02
C VAL B 527 -43.94 -26.69 -30.82
N ALA B 528 -44.04 -27.83 -30.13
CA ALA B 528 -44.34 -29.10 -30.78
C ALA B 528 -45.79 -29.14 -31.25
N LYS B 529 -46.68 -28.59 -30.43
CA LYS B 529 -48.12 -28.55 -30.74
C LYS B 529 -48.61 -27.12 -30.56
N PRO B 530 -48.40 -26.27 -31.58
CA PRO B 530 -48.81 -24.86 -31.55
C PRO B 530 -50.29 -24.66 -31.27
N GLU B 531 -51.11 -25.62 -31.68
CA GLU B 531 -52.55 -25.54 -31.50
C GLU B 531 -53.03 -25.95 -30.13
N SER B 532 -52.22 -26.71 -29.40
CA SER B 532 -52.61 -27.17 -28.08
C SER B 532 -52.59 -26.10 -27.00
N LEU B 533 -53.38 -26.33 -25.95
CA LEU B 533 -53.45 -25.45 -24.80
C LEU B 533 -52.50 -26.01 -23.75
N VAL B 534 -51.24 -25.58 -23.78
CA VAL B 534 -50.24 -26.10 -22.85
C VAL B 534 -50.29 -25.44 -21.46
N ILE B 535 -50.47 -26.25 -20.44
CA ILE B 535 -50.54 -25.75 -19.07
C ILE B 535 -49.43 -26.30 -18.19
N ASP B 536 -48.75 -25.41 -17.48
CA ASP B 536 -47.69 -25.84 -16.57
C ASP B 536 -48.20 -25.69 -15.14
N ILE B 537 -48.44 -26.82 -14.48
CA ILE B 537 -48.90 -26.82 -13.08
C ILE B 537 -47.61 -26.87 -12.27
N ASP B 538 -47.22 -25.71 -11.75
CA ASP B 538 -45.98 -25.56 -11.02
C ASP B 538 -46.09 -25.25 -9.53
N GLY B 539 -44.96 -25.43 -8.84
CA GLY B 539 -44.87 -25.11 -7.43
C GLY B 539 -44.08 -23.83 -7.36
N ASP B 540 -44.13 -23.13 -6.23
CA ASP B 540 -43.39 -21.87 -6.12
C ASP B 540 -41.87 -22.07 -6.10
N ALA B 541 -41.38 -23.06 -5.35
CA ALA B 541 -39.94 -23.30 -5.28
C ALA B 541 -39.40 -23.76 -6.64
N SER B 542 -40.13 -24.65 -7.31
CA SER B 542 -39.70 -25.13 -8.61
C SER B 542 -39.65 -23.99 -9.62
N PHE B 543 -40.72 -23.20 -9.63
CA PHE B 543 -40.82 -22.08 -10.56
C PHE B 543 -39.63 -21.14 -10.43
N ASN B 544 -39.24 -20.84 -9.20
CA ASN B 544 -38.11 -19.95 -8.96
C ASN B 544 -36.82 -20.44 -9.61
N MET B 545 -36.71 -21.75 -9.81
CA MET B 545 -35.51 -22.33 -10.42
C MET B 545 -35.22 -21.83 -11.84
N THR B 546 -36.22 -21.85 -12.70
CA THR B 546 -36.03 -21.45 -14.09
C THR B 546 -36.98 -20.35 -14.58
N LEU B 547 -37.45 -19.51 -13.66
CA LEU B 547 -38.40 -18.47 -14.01
C LEU B 547 -37.90 -17.41 -15.00
N THR B 548 -36.61 -17.46 -15.35
CA THR B 548 -36.05 -16.50 -16.29
C THR B 548 -36.54 -16.80 -17.72
N GLU B 549 -36.95 -18.05 -17.97
CA GLU B 549 -37.43 -18.48 -19.28
C GLU B 549 -38.81 -17.87 -19.60
N LEU B 550 -39.36 -17.11 -18.66
CA LEU B 550 -40.64 -16.47 -18.85
C LEU B 550 -40.55 -15.57 -20.08
N SER B 551 -39.44 -14.83 -20.19
CA SER B 551 -39.24 -13.95 -21.33
C SER B 551 -39.03 -14.74 -22.61
N SER B 552 -38.56 -15.97 -22.47
CA SER B 552 -38.32 -16.84 -23.63
C SER B 552 -39.65 -17.26 -24.22
N ALA B 553 -40.66 -17.40 -23.36
CA ALA B 553 -42.00 -17.79 -23.80
C ALA B 553 -42.55 -16.71 -24.72
N VAL B 554 -42.42 -15.47 -24.29
CA VAL B 554 -42.90 -14.33 -25.06
C VAL B 554 -42.13 -14.18 -26.36
N GLN B 555 -40.83 -14.41 -26.33
CA GLN B 555 -40.01 -14.28 -27.53
C GLN B 555 -40.22 -15.41 -28.52
N ALA B 556 -40.62 -16.58 -28.03
CA ALA B 556 -40.86 -17.73 -28.90
C ALA B 556 -42.31 -17.77 -29.40
N GLY B 557 -43.14 -16.90 -28.83
CA GLY B 557 -44.54 -16.86 -29.23
C GLY B 557 -45.33 -18.07 -28.74
N THR B 558 -44.95 -18.60 -27.58
CA THR B 558 -45.63 -19.76 -27.01
C THR B 558 -46.57 -19.30 -25.90
N PRO B 559 -47.88 -19.28 -26.17
CA PRO B 559 -48.90 -18.86 -25.22
C PRO B 559 -49.17 -19.88 -24.11
N VAL B 560 -48.14 -20.22 -23.36
CA VAL B 560 -48.27 -21.19 -22.28
C VAL B 560 -49.00 -20.59 -21.09
N LYS B 561 -49.72 -21.45 -20.36
CA LYS B 561 -50.47 -21.02 -19.18
C LYS B 561 -49.71 -21.56 -17.97
N ILE B 562 -49.19 -20.66 -17.15
CA ILE B 562 -48.41 -21.04 -15.97
C ILE B 562 -49.23 -20.94 -14.69
N LEU B 563 -49.48 -22.09 -14.06
CA LEU B 563 -50.25 -22.13 -12.83
C LEU B 563 -49.32 -22.40 -11.66
N ILE B 564 -49.29 -21.50 -10.69
CA ILE B 564 -48.42 -21.66 -9.53
C ILE B 564 -49.21 -21.92 -8.26
N LEU B 565 -49.12 -23.15 -7.75
CA LEU B 565 -49.79 -23.49 -6.49
C LEU B 565 -48.82 -23.03 -5.43
N ASN B 566 -49.01 -21.80 -4.96
CA ASN B 566 -48.12 -21.22 -3.98
C ASN B 566 -48.43 -21.54 -2.52
N ASN B 567 -47.61 -22.41 -1.93
CA ASN B 567 -47.76 -22.78 -0.53
C ASN B 567 -46.57 -22.20 0.25
N GLU B 568 -45.83 -21.31 -0.42
CA GLU B 568 -44.64 -20.65 0.14
C GLU B 568 -43.74 -21.62 0.87
N GLU B 569 -43.49 -22.76 0.24
CA GLU B 569 -42.65 -23.77 0.84
C GLU B 569 -42.26 -24.80 -0.21
N GLN B 570 -41.21 -25.54 0.08
CA GLN B 570 -40.75 -26.62 -0.77
C GLN B 570 -41.52 -27.79 -0.16
N GLY B 571 -42.81 -27.82 -0.49
CA GLY B 571 -43.75 -28.81 0.00
C GLY B 571 -43.39 -30.28 0.17
N MET B 572 -42.87 -30.91 -0.87
CA MET B 572 -42.54 -32.32 -0.78
C MET B 572 -41.46 -32.57 0.28
N VAL B 573 -40.51 -31.65 0.41
CA VAL B 573 -39.45 -31.80 1.40
C VAL B 573 -40.02 -31.55 2.78
N THR B 574 -40.84 -30.50 2.88
CA THR B 574 -41.45 -30.14 4.15
C THR B 574 -42.33 -31.28 4.68
N GLN B 575 -42.96 -32.03 3.77
CA GLN B 575 -43.80 -33.15 4.17
C GLN B 575 -42.94 -34.23 4.83
N TRP B 576 -41.77 -34.48 4.26
CA TRP B 576 -40.86 -35.48 4.81
C TRP B 576 -40.29 -35.03 6.14
N GLN B 577 -40.10 -33.72 6.29
CA GLN B 577 -39.58 -33.19 7.54
C GLN B 577 -40.66 -33.33 8.61
N SER B 578 -41.91 -33.13 8.22
CA SER B 578 -43.03 -33.26 9.15
C SER B 578 -43.16 -34.71 9.62
N LEU B 579 -43.15 -35.63 8.67
CA LEU B 579 -43.31 -37.05 8.94
C LEU B 579 -42.12 -37.79 9.56
N PHE B 580 -40.92 -37.51 9.08
CA PHE B 580 -39.76 -38.22 9.60
C PHE B 580 -38.78 -37.38 10.42
N TYR B 581 -38.98 -36.06 10.46
CA TYR B 581 -38.06 -35.22 11.20
C TYR B 581 -38.69 -34.30 12.24
N GLU B 582 -39.66 -34.82 12.96
CA GLU B 582 -40.34 -34.08 14.04
C GLU B 582 -40.63 -32.63 13.71
N HIS B 583 -41.13 -32.39 12.51
CA HIS B 583 -41.49 -31.05 12.08
C HIS B 583 -40.37 -30.03 12.16
N ARG B 584 -39.14 -30.45 11.83
CA ARG B 584 -37.99 -29.54 11.83
C ARG B 584 -37.80 -29.12 10.38
N TYR B 585 -38.31 -27.94 10.05
CA TYR B 585 -38.21 -27.42 8.70
C TYR B 585 -36.89 -26.68 8.49
N SER B 586 -35.88 -27.43 8.08
CA SER B 586 -34.57 -26.88 7.85
C SER B 586 -34.37 -26.32 6.43
N HIS B 587 -34.41 -24.99 6.33
CA HIS B 587 -34.19 -24.27 5.08
C HIS B 587 -35.13 -24.67 3.93
N THR B 588 -36.40 -24.86 4.24
CA THR B 588 -37.36 -25.25 3.21
C THR B 588 -38.41 -24.16 2.90
N HIS B 589 -38.19 -22.95 3.41
CA HIS B 589 -39.09 -21.83 3.16
C HIS B 589 -38.33 -20.65 2.58
N GLN B 590 -38.39 -20.49 1.27
CA GLN B 590 -37.69 -19.41 0.59
C GLN B 590 -38.56 -18.19 0.42
N LEU B 591 -37.93 -17.06 0.18
CA LEU B 591 -38.63 -15.79 -0.03
C LEU B 591 -38.97 -15.65 -1.51
N ASN B 592 -40.26 -15.70 -1.82
CA ASN B 592 -40.73 -15.58 -3.20
C ASN B 592 -40.88 -14.14 -3.65
N PRO B 593 -40.73 -13.90 -4.96
CA PRO B 593 -40.86 -12.55 -5.50
C PRO B 593 -42.36 -12.39 -5.79
N ASP B 594 -42.81 -11.18 -6.11
CA ASP B 594 -44.21 -10.98 -6.43
C ASP B 594 -44.39 -11.61 -7.81
N PHE B 595 -45.06 -12.75 -7.88
CA PHE B 595 -45.23 -13.46 -9.14
C PHE B 595 -46.02 -12.71 -10.21
N ILE B 596 -47.03 -11.94 -9.80
CA ILE B 596 -47.83 -11.19 -10.76
C ILE B 596 -46.99 -10.09 -11.38
N LYS B 597 -46.28 -9.33 -10.56
CA LYS B 597 -45.43 -8.27 -11.07
C LYS B 597 -44.28 -8.83 -11.90
N LEU B 598 -43.84 -10.04 -11.53
CA LEU B 598 -42.77 -10.71 -12.26
C LEU B 598 -43.27 -11.03 -13.66
N ALA B 599 -44.45 -11.62 -13.74
CA ALA B 599 -45.07 -11.97 -15.01
C ALA B 599 -45.16 -10.74 -15.90
N GLU B 600 -45.67 -9.64 -15.34
CA GLU B 600 -45.81 -8.40 -16.09
C GLU B 600 -44.46 -7.87 -16.55
N ALA B 601 -43.45 -8.00 -15.69
CA ALA B 601 -42.11 -7.54 -16.02
C ALA B 601 -41.54 -8.34 -17.18
N MET B 602 -41.93 -9.61 -17.26
CA MET B 602 -41.45 -10.50 -18.31
C MET B 602 -42.24 -10.37 -19.61
N GLY B 603 -43.32 -9.59 -19.57
CA GLY B 603 -44.12 -9.40 -20.76
C GLY B 603 -45.36 -10.29 -20.84
N LEU B 604 -45.76 -10.86 -19.71
CA LEU B 604 -46.94 -11.73 -19.64
C LEU B 604 -48.04 -11.10 -18.82
N LYS B 605 -49.21 -11.71 -18.88
CA LYS B 605 -50.36 -11.27 -18.11
C LYS B 605 -50.29 -12.05 -16.78
N GLY B 606 -50.46 -11.33 -15.67
CA GLY B 606 -50.41 -11.98 -14.38
C GLY B 606 -51.73 -11.94 -13.65
N LEU B 607 -52.10 -13.05 -13.02
CA LEU B 607 -53.34 -13.16 -12.28
C LEU B 607 -53.07 -13.81 -10.92
N ARG B 608 -53.83 -13.43 -9.90
CA ARG B 608 -53.67 -13.99 -8.57
C ARG B 608 -55.02 -14.30 -7.92
N VAL B 609 -55.07 -15.42 -7.19
CA VAL B 609 -56.29 -15.85 -6.52
C VAL B 609 -56.00 -16.12 -5.05
N LYS B 610 -56.77 -15.49 -4.16
CA LYS B 610 -56.61 -15.68 -2.73
C LYS B 610 -57.85 -16.33 -2.12
N LYS B 611 -59.02 -15.83 -2.54
CA LYS B 611 -60.30 -16.30 -2.03
C LYS B 611 -60.93 -17.40 -2.88
N GLN B 612 -61.62 -18.32 -2.22
CA GLN B 612 -62.30 -19.42 -2.89
C GLN B 612 -63.33 -18.90 -3.88
N GLU B 613 -63.99 -17.80 -3.50
CA GLU B 613 -65.04 -17.21 -4.31
C GLU B 613 -64.58 -16.70 -5.67
N GLU B 614 -63.27 -16.57 -5.84
CA GLU B 614 -62.73 -16.07 -7.10
C GLU B 614 -62.02 -17.11 -7.94
N LEU B 615 -61.76 -18.28 -7.34
CA LEU B 615 -61.06 -19.33 -8.05
C LEU B 615 -61.71 -19.74 -9.36
N ASP B 616 -63.00 -20.04 -9.33
CA ASP B 616 -63.71 -20.47 -10.53
C ASP B 616 -63.62 -19.49 -11.69
N ALA B 617 -63.79 -18.20 -11.40
CA ALA B 617 -63.73 -17.17 -12.44
C ALA B 617 -62.31 -16.96 -12.96
N LYS B 618 -61.34 -16.98 -12.04
CA LYS B 618 -59.94 -16.79 -12.43
C LYS B 618 -59.47 -17.92 -13.34
N LEU B 619 -59.86 -19.15 -13.01
CA LEU B 619 -59.48 -20.30 -13.83
C LEU B 619 -60.03 -20.16 -15.23
N LYS B 620 -61.23 -19.61 -15.36
CA LYS B 620 -61.86 -19.41 -16.66
C LYS B 620 -61.03 -18.43 -17.48
N GLU B 621 -60.75 -17.27 -16.88
CA GLU B 621 -59.97 -16.23 -17.54
C GLU B 621 -58.57 -16.73 -17.89
N PHE B 622 -57.98 -17.49 -16.97
CA PHE B 622 -56.64 -18.05 -17.13
C PHE B 622 -56.55 -18.85 -18.44
N VAL B 623 -57.41 -19.86 -18.55
CA VAL B 623 -57.42 -20.73 -19.72
C VAL B 623 -57.91 -20.00 -20.98
N SER B 624 -58.71 -18.96 -20.79
CA SER B 624 -59.24 -18.20 -21.92
C SER B 624 -58.34 -17.08 -22.41
N THR B 625 -57.40 -16.66 -21.58
CA THR B 625 -56.48 -15.60 -21.95
C THR B 625 -55.74 -15.94 -23.23
N LYS B 626 -55.53 -14.95 -24.08
CA LYS B 626 -54.79 -15.15 -25.32
C LYS B 626 -53.35 -14.77 -25.02
N GLY B 627 -52.41 -15.59 -25.47
CA GLY B 627 -51.01 -15.29 -25.21
C GLY B 627 -50.57 -15.91 -23.89
N PRO B 628 -49.28 -15.79 -23.54
CA PRO B 628 -48.76 -16.34 -22.29
C PRO B 628 -49.36 -15.65 -21.07
N VAL B 629 -49.69 -16.43 -20.04
CA VAL B 629 -50.29 -15.89 -18.84
C VAL B 629 -49.89 -16.71 -17.61
N LEU B 630 -49.79 -16.04 -16.47
CA LEU B 630 -49.44 -16.70 -15.23
C LEU B 630 -50.50 -16.45 -14.17
N LEU B 631 -50.96 -17.53 -13.55
CA LEU B 631 -51.96 -17.44 -12.51
C LEU B 631 -51.42 -18.01 -11.20
N GLU B 632 -51.33 -17.18 -10.17
CA GLU B 632 -50.87 -17.62 -8.87
C GLU B 632 -52.07 -17.92 -7.98
N VAL B 633 -52.11 -19.11 -7.42
CA VAL B 633 -53.19 -19.50 -6.53
C VAL B 633 -52.60 -19.80 -5.16
N GLU B 634 -52.98 -19.00 -4.16
CA GLU B 634 -52.50 -19.21 -2.80
C GLU B 634 -53.26 -20.40 -2.24
N VAL B 635 -52.55 -21.48 -1.97
CA VAL B 635 -53.17 -22.69 -1.43
C VAL B 635 -52.71 -22.91 0.00
N ASP B 636 -53.44 -23.75 0.73
CA ASP B 636 -53.10 -24.03 2.12
C ASP B 636 -51.68 -24.59 2.22
N LYS B 637 -51.07 -24.43 3.39
CA LYS B 637 -49.71 -24.90 3.61
C LYS B 637 -49.66 -26.15 4.47
N LYS B 638 -48.54 -26.86 4.39
CA LYS B 638 -48.32 -28.08 5.17
C LYS B 638 -49.43 -29.11 4.96
N VAL B 639 -49.79 -29.31 3.70
CA VAL B 639 -50.82 -30.27 3.32
C VAL B 639 -50.10 -31.45 2.68
N PRO B 640 -50.12 -32.61 3.36
CA PRO B 640 -49.47 -33.83 2.85
C PRO B 640 -50.16 -34.49 1.67
N VAL B 641 -49.36 -35.14 0.82
CA VAL B 641 -49.89 -35.86 -0.33
C VAL B 641 -50.16 -37.29 0.13
N LEU B 642 -51.40 -37.72 -0.01
CA LEU B 642 -51.80 -39.07 0.40
C LEU B 642 -52.56 -39.76 -0.71
N PRO B 643 -52.54 -41.11 -0.73
CA PRO B 643 -51.82 -41.97 0.22
C PRO B 643 -50.31 -41.86 0.06
N MET B 644 -49.58 -42.48 0.98
CA MET B 644 -48.12 -42.47 0.92
C MET B 644 -47.50 -43.78 1.38
N VAL B 645 -46.61 -44.31 0.56
CA VAL B 645 -45.90 -45.55 0.85
C VAL B 645 -44.42 -45.21 0.83
N ALA B 646 -43.81 -45.12 2.01
CA ALA B 646 -42.39 -44.80 2.12
C ALA B 646 -41.69 -45.68 3.13
N GLY B 647 -40.36 -45.67 3.09
CA GLY B 647 -39.57 -46.45 4.02
C GLY B 647 -39.59 -47.94 3.71
N GLY B 648 -39.83 -48.74 4.74
CA GLY B 648 -39.86 -50.18 4.56
C GLY B 648 -41.27 -50.70 4.37
N SER B 649 -42.22 -49.79 4.18
CA SER B 649 -43.62 -50.15 3.98
C SER B 649 -43.87 -50.78 2.62
N GLY B 650 -44.82 -51.70 2.57
CA GLY B 650 -45.17 -52.35 1.32
C GLY B 650 -46.27 -51.53 0.67
N LEU B 651 -46.55 -51.78 -0.60
CA LEU B 651 -47.58 -51.02 -1.31
C LEU B 651 -48.94 -51.08 -0.61
N ASP B 652 -49.18 -52.14 0.16
CA ASP B 652 -50.44 -52.29 0.87
C ASP B 652 -50.41 -51.66 2.26
N GLU B 653 -49.23 -51.25 2.71
CA GLU B 653 -49.07 -50.63 4.03
C GLU B 653 -48.99 -49.11 3.93
N PHE B 654 -49.84 -48.54 3.09
CA PHE B 654 -49.88 -47.10 2.87
C PHE B 654 -50.51 -46.29 4.00
N ILE B 655 -50.19 -45.01 4.03
CA ILE B 655 -50.73 -44.08 5.01
C ILE B 655 -51.86 -43.34 4.29
N ASN B 656 -53.10 -43.60 4.70
CA ASN B 656 -54.26 -42.98 4.08
C ASN B 656 -54.68 -41.70 4.79
N PHE B 657 -55.51 -40.91 4.13
CA PHE B 657 -56.00 -39.65 4.68
C PHE B 657 -57.00 -39.86 5.82
N ASP B 658 -57.00 -38.94 6.77
CA ASP B 658 -57.89 -38.97 7.91
C ASP B 658 -57.98 -37.54 8.45
N PRO B 659 -59.17 -36.92 8.36
CA PRO B 659 -59.36 -35.54 8.83
C PRO B 659 -58.96 -35.27 10.27
N GLU B 660 -59.23 -36.21 11.16
CA GLU B 660 -58.89 -36.02 12.57
C GLU B 660 -57.38 -36.03 12.75
N VAL B 661 -56.69 -36.92 12.03
CA VAL B 661 -55.25 -37.01 12.13
C VAL B 661 -54.60 -35.70 11.67
N GLU B 662 -55.12 -35.14 10.58
CA GLU B 662 -54.56 -33.90 10.06
C GLU B 662 -54.67 -32.80 11.12
N ARG B 663 -55.84 -32.72 11.77
CA ARG B 663 -56.06 -31.72 12.81
C ARG B 663 -55.07 -31.89 13.97
N GLN B 664 -54.79 -33.12 14.35
CA GLN B 664 -53.85 -33.39 15.43
C GLN B 664 -52.44 -33.04 14.97
N GLN B 665 -52.17 -33.24 13.68
CA GLN B 665 -50.88 -32.94 13.10
C GLN B 665 -50.64 -31.44 13.08
N THR B 666 -51.69 -30.68 12.77
CA THR B 666 -51.60 -29.23 12.72
C THR B 666 -51.26 -28.66 14.10
N GLU B 667 -51.95 -29.16 15.13
CA GLU B 667 -51.71 -28.69 16.49
C GLU B 667 -50.28 -29.00 16.91
N LEU B 668 -49.84 -30.22 16.63
CA LEU B 668 -48.48 -30.64 16.97
C LEU B 668 -47.47 -29.75 16.24
N ARG B 669 -47.70 -29.52 14.95
CA ARG B 669 -46.81 -28.69 14.15
C ARG B 669 -46.69 -27.29 14.75
N HIS B 670 -47.83 -26.72 15.16
CA HIS B 670 -47.82 -25.39 15.75
C HIS B 670 -46.98 -25.36 17.01
N LYS B 671 -47.20 -26.33 17.90
CA LYS B 671 -46.46 -26.40 19.15
C LYS B 671 -44.96 -26.56 18.92
N ARG B 672 -44.59 -27.39 17.95
CA ARG B 672 -43.18 -27.63 17.66
C ARG B 672 -42.47 -26.50 16.92
N THR B 673 -43.22 -25.70 16.18
CA THR B 673 -42.63 -24.60 15.44
C THR B 673 -42.90 -23.26 16.11
N GLY B 674 -43.46 -23.32 17.32
CA GLY B 674 -43.76 -22.10 18.05
C GLY B 674 -44.87 -21.29 17.37
N GLY B 675 -45.79 -21.98 16.73
CA GLY B 675 -46.89 -21.30 16.06
C GLY B 675 -46.42 -20.58 14.82
N LYS B 676 -45.39 -21.11 14.18
CA LYS B 676 -44.85 -20.51 12.97
C LYS B 676 -45.37 -21.23 11.74
N HIS B 677 -45.68 -22.51 11.90
CA HIS B 677 -46.20 -23.34 10.83
C HIS B 677 -47.28 -24.27 11.35
N PHE C 79 10.90 55.73 29.62
CA PHE C 79 10.66 54.57 28.78
C PHE C 79 9.19 54.19 28.86
N VAL C 80 8.44 54.87 29.73
CA VAL C 80 7.03 54.59 29.90
C VAL C 80 6.26 54.80 28.60
N GLY C 81 5.50 53.77 28.20
CA GLY C 81 4.75 53.85 26.96
C GLY C 81 5.46 53.14 25.83
N LEU C 82 6.74 52.84 26.02
CA LEU C 82 7.53 52.15 25.00
C LEU C 82 7.47 50.63 25.19
N THR C 83 7.69 49.89 24.12
CA THR C 83 7.68 48.43 24.19
C THR C 83 9.08 47.99 24.60
N GLY C 84 9.22 46.72 24.99
CA GLY C 84 10.52 46.22 25.37
C GLY C 84 11.50 46.42 24.23
N GLY C 85 11.03 46.19 23.01
CA GLY C 85 11.88 46.36 21.85
C GLY C 85 12.34 47.80 21.66
N GLN C 86 11.43 48.74 21.90
CA GLN C 86 11.76 50.15 21.76
C GLN C 86 12.77 50.56 22.82
N ILE C 87 12.62 49.99 24.02
CA ILE C 87 13.54 50.27 25.10
C ILE C 87 14.92 49.75 24.70
N PHE C 88 14.95 48.56 24.11
CA PHE C 88 16.19 47.96 23.63
C PHE C 88 16.89 48.97 22.72
N ASN C 89 16.14 49.48 21.74
CA ASN C 89 16.66 50.45 20.79
C ASN C 89 17.31 51.62 21.52
N GLU C 90 16.60 52.18 22.49
CA GLU C 90 17.11 53.30 23.27
C GLU C 90 18.37 52.92 24.03
N MET C 91 18.32 51.80 24.74
CA MET C 91 19.45 51.31 25.53
C MET C 91 20.73 51.13 24.72
N MET C 92 20.59 50.81 23.44
CA MET C 92 21.78 50.63 22.59
C MET C 92 22.50 51.96 22.48
N SER C 93 21.71 53.03 22.36
CA SER C 93 22.25 54.38 22.25
C SER C 93 22.94 54.80 23.55
N ARG C 94 22.28 54.56 24.67
CA ARG C 94 22.85 54.93 25.97
C ARG C 94 24.13 54.16 26.25
N GLN C 95 24.27 52.99 25.62
CA GLN C 95 25.47 52.16 25.79
C GLN C 95 26.50 52.48 24.71
N ASN C 96 26.23 53.54 23.95
CA ASN C 96 27.14 53.96 22.89
C ASN C 96 27.43 52.85 21.90
N VAL C 97 26.38 52.12 21.52
CA VAL C 97 26.53 51.03 20.56
C VAL C 97 26.30 51.58 19.16
N ASP C 98 27.29 51.46 18.30
CA ASP C 98 27.15 51.98 16.94
C ASP C 98 27.04 50.88 15.89
N THR C 99 27.06 49.62 16.33
CA THR C 99 26.96 48.51 15.40
C THR C 99 26.35 47.29 16.07
N VAL C 100 25.39 46.67 15.40
CA VAL C 100 24.75 45.46 15.92
C VAL C 100 24.81 44.37 14.85
N PHE C 101 25.29 43.20 15.23
CA PHE C 101 25.37 42.07 14.30
C PHE C 101 24.26 41.10 14.65
N GLY C 102 23.44 40.75 13.67
CA GLY C 102 22.34 39.84 13.95
C GLY C 102 21.62 39.25 12.75
N TYR C 103 20.62 38.44 13.04
CA TYR C 103 19.80 37.77 12.04
C TYR C 103 18.42 37.63 12.67
N PRO C 104 17.36 38.05 11.95
CA PRO C 104 15.99 37.98 12.48
C PRO C 104 15.34 36.60 12.57
N GLY C 105 14.28 36.55 13.36
CA GLY C 105 13.52 35.32 13.58
C GLY C 105 12.25 35.60 14.35
N GLY C 106 11.29 34.69 14.25
CA GLY C 106 10.02 34.87 14.93
C GLY C 106 10.02 35.43 16.33
N ALA C 107 10.67 34.72 17.25
CA ALA C 107 10.71 35.14 18.66
C ALA C 107 11.30 36.52 18.93
N ILE C 108 12.21 36.96 18.06
CA ILE C 108 12.86 38.25 18.24
C ILE C 108 12.24 39.36 17.37
N LEU C 109 11.11 39.08 16.75
CA LEU C 109 10.45 40.06 15.89
C LEU C 109 10.09 41.40 16.55
N PRO C 110 9.65 41.39 17.82
CA PRO C 110 9.30 42.64 18.49
C PRO C 110 10.46 43.63 18.57
N VAL C 111 11.67 43.10 18.72
CA VAL C 111 12.86 43.94 18.81
C VAL C 111 13.28 44.44 17.42
N TYR C 112 13.19 43.57 16.43
CA TYR C 112 13.56 43.97 15.08
C TYR C 112 12.61 45.04 14.54
N ASP C 113 11.37 45.01 15.00
CA ASP C 113 10.41 46.00 14.56
C ASP C 113 10.78 47.34 15.17
N ALA C 114 11.21 47.31 16.43
CA ALA C 114 11.60 48.53 17.13
C ALA C 114 12.87 49.15 16.56
N ILE C 115 13.77 48.31 16.05
CA ILE C 115 15.00 48.83 15.48
C ILE C 115 14.93 49.00 13.96
N HIS C 116 13.74 48.90 13.40
CA HIS C 116 13.58 49.07 11.97
C HIS C 116 14.04 50.47 11.57
N ASN C 117 14.97 50.54 10.62
CA ASN C 117 15.50 51.83 10.16
C ASN C 117 16.00 52.70 11.30
N SER C 118 16.54 52.08 12.34
CA SER C 118 17.06 52.83 13.49
C SER C 118 18.24 53.68 13.05
N ASP C 119 18.38 54.85 13.67
CA ASP C 119 19.48 55.77 13.34
C ASP C 119 20.50 55.76 14.47
N LYS C 120 20.21 55.02 15.53
CA LYS C 120 21.11 54.95 16.67
C LYS C 120 22.32 54.06 16.43
N PHE C 121 22.23 53.18 15.44
CA PHE C 121 23.34 52.28 15.15
C PHE C 121 23.19 51.61 13.78
N ASN C 122 24.30 51.08 13.27
CA ASN C 122 24.30 50.38 12.00
C ASN C 122 24.07 48.89 12.24
N PHE C 123 23.46 48.23 11.27
CA PHE C 123 23.17 46.81 11.38
C PHE C 123 23.88 46.00 10.30
N VAL C 124 24.52 44.90 10.72
CA VAL C 124 25.23 44.04 9.79
C VAL C 124 24.54 42.67 9.77
N LEU C 125 24.06 42.27 8.60
CA LEU C 125 23.37 41.01 8.43
C LEU C 125 24.24 39.93 7.79
N PRO C 126 24.51 38.83 8.52
CA PRO C 126 25.33 37.75 7.99
C PRO C 126 24.43 36.73 7.30
N LYS C 127 25.01 35.60 6.90
CA LYS C 127 24.21 34.56 6.27
C LYS C 127 23.91 33.45 7.29
N HIS C 128 24.68 33.45 8.38
CA HIS C 128 24.55 32.46 9.44
C HIS C 128 24.89 33.14 10.78
N GLU C 129 24.12 32.86 11.82
CA GLU C 129 24.39 33.47 13.13
C GLU C 129 25.83 33.29 13.61
N GLN C 130 26.47 32.19 13.25
CA GLN C 130 27.85 31.99 13.67
C GLN C 130 28.67 33.15 13.09
N GLY C 131 28.28 33.58 11.90
CA GLY C 131 28.98 34.68 11.26
C GLY C 131 28.81 35.95 12.06
N ALA C 132 27.58 36.21 12.50
CA ALA C 132 27.30 37.40 13.30
C ALA C 132 28.18 37.39 14.54
N GLY C 133 28.28 36.22 15.16
CA GLY C 133 29.08 36.09 16.37
C GLY C 133 30.56 36.38 16.15
N HIS C 134 31.15 35.76 15.14
CA HIS C 134 32.56 35.98 14.86
C HIS C 134 32.82 37.40 14.37
N MET C 135 31.85 37.98 13.67
CA MET C 135 31.98 39.34 13.18
C MET C 135 32.06 40.27 14.38
N ALA C 136 31.16 40.06 15.34
CA ALA C 136 31.13 40.85 16.56
C ALA C 136 32.43 40.71 17.35
N GLU C 137 33.07 39.55 17.25
CA GLU C 137 34.32 39.33 17.96
C GLU C 137 35.43 40.14 17.30
N GLY C 138 35.45 40.12 15.97
CA GLY C 138 36.45 40.87 15.24
C GLY C 138 36.26 42.35 15.51
N TYR C 139 35.00 42.79 15.44
CA TYR C 139 34.67 44.18 15.69
C TYR C 139 35.19 44.60 17.06
N ALA C 140 34.89 43.78 18.07
CA ALA C 140 35.31 44.06 19.43
C ALA C 140 36.82 44.13 19.61
N ARG C 141 37.56 43.21 19.00
CA ARG C 141 39.00 43.20 19.13
C ARG C 141 39.67 44.39 18.42
N ALA C 142 39.04 44.89 17.37
CA ALA C 142 39.57 46.01 16.60
C ALA C 142 39.17 47.37 17.16
N SER C 143 37.95 47.46 17.70
CA SER C 143 37.44 48.71 18.23
C SER C 143 37.67 48.91 19.72
N GLY C 144 37.77 47.82 20.47
CA GLY C 144 37.97 47.92 21.90
C GLY C 144 36.61 47.99 22.56
N LYS C 145 35.57 48.09 21.74
CA LYS C 145 34.19 48.16 22.22
C LYS C 145 33.58 46.75 22.25
N PRO C 146 32.51 46.57 23.04
CA PRO C 146 31.87 45.25 23.13
C PRO C 146 31.06 44.90 21.87
N GLY C 147 31.19 43.66 21.42
CA GLY C 147 30.46 43.24 20.23
C GLY C 147 29.02 42.87 20.59
N VAL C 148 28.06 43.48 19.90
CA VAL C 148 26.66 43.21 20.18
C VAL C 148 26.00 42.32 19.13
N VAL C 149 25.42 41.22 19.59
CA VAL C 149 24.75 40.28 18.69
C VAL C 149 23.26 40.23 19.01
N LEU C 150 22.43 40.07 17.98
CA LEU C 150 20.99 40.00 18.15
C LEU C 150 20.41 38.93 17.24
N VAL C 151 20.07 37.78 17.82
CA VAL C 151 19.52 36.67 17.05
C VAL C 151 18.21 36.18 17.64
N THR C 152 17.56 35.28 16.94
CA THR C 152 16.28 34.75 17.40
C THR C 152 16.46 33.58 18.36
N SER C 153 15.36 32.94 18.74
CA SER C 153 15.41 31.81 19.67
C SER C 153 15.78 30.51 18.98
N GLY C 154 15.79 29.44 19.76
CA GLY C 154 16.10 28.12 19.24
C GLY C 154 17.39 28.01 18.44
N PRO C 155 17.27 27.68 17.14
CA PRO C 155 18.42 27.53 16.25
C PRO C 155 19.26 28.80 16.13
N GLY C 156 18.61 29.95 16.28
CA GLY C 156 19.33 31.20 16.17
C GLY C 156 20.34 31.31 17.31
N ALA C 157 19.90 30.90 18.51
CA ALA C 157 20.74 30.96 19.69
C ALA C 157 21.80 29.85 19.72
N THR C 158 21.41 28.63 19.35
CA THR C 158 22.38 27.55 19.35
C THR C 158 23.47 27.81 18.33
N ASN C 159 23.15 28.53 17.26
CA ASN C 159 24.11 28.84 16.22
C ASN C 159 25.20 29.81 16.65
N VAL C 160 25.05 30.42 17.82
CA VAL C 160 26.06 31.36 18.29
C VAL C 160 26.86 30.83 19.49
N VAL C 161 26.68 29.55 19.80
CA VAL C 161 27.40 28.95 20.91
C VAL C 161 28.91 28.92 20.67
N THR C 162 29.33 28.63 19.45
CA THR C 162 30.76 28.58 19.14
C THR C 162 31.41 29.96 19.33
N PRO C 163 30.79 31.03 18.79
CA PRO C 163 31.40 32.35 18.97
C PRO C 163 31.52 32.72 20.45
N MET C 164 30.50 32.39 21.23
CA MET C 164 30.53 32.69 22.67
C MET C 164 31.63 31.91 23.35
N ALA C 165 31.73 30.62 23.02
CA ALA C 165 32.77 29.78 23.61
C ALA C 165 34.12 30.30 23.17
N ASP C 166 34.19 30.81 21.94
CA ASP C 166 35.43 31.35 21.40
C ASP C 166 35.79 32.66 22.09
N ALA C 167 34.79 33.51 22.31
CA ALA C 167 35.02 34.78 22.98
C ALA C 167 35.29 34.57 24.46
N PHE C 168 34.80 33.47 25.00
CA PHE C 168 34.98 33.14 26.41
C PHE C 168 36.41 32.70 26.66
N ALA C 169 37.00 32.01 25.68
CA ALA C 169 38.36 31.52 25.78
C ALA C 169 39.39 32.64 25.63
N ASP C 170 39.14 33.55 24.69
CA ASP C 170 40.07 34.65 24.46
C ASP C 170 39.70 35.95 25.17
N GLY C 171 38.72 35.87 26.07
CA GLY C 171 38.31 37.05 26.82
C GLY C 171 37.93 38.26 25.97
N ILE C 172 36.96 38.07 25.08
CA ILE C 172 36.50 39.14 24.21
C ILE C 172 35.15 39.68 24.65
N PRO C 173 35.04 41.00 24.83
CA PRO C 173 33.78 41.63 25.27
C PRO C 173 32.67 41.44 24.23
N MET C 174 31.62 40.74 24.61
CA MET C 174 30.51 40.48 23.70
C MET C 174 29.18 40.37 24.44
N VAL C 175 28.18 41.08 23.96
CA VAL C 175 26.85 41.03 24.58
C VAL C 175 25.90 40.40 23.57
N VAL C 176 25.50 39.16 23.85
CA VAL C 176 24.61 38.43 22.96
C VAL C 176 23.16 38.51 23.42
N PHE C 177 22.28 38.93 22.51
CA PHE C 177 20.86 39.02 22.82
C PHE C 177 20.14 37.96 22.00
N THR C 178 19.41 37.09 22.69
CA THR C 178 18.70 36.04 21.99
C THR C 178 17.21 36.09 22.28
N GLY C 179 16.41 36.13 21.20
CA GLY C 179 14.97 36.15 21.39
C GLY C 179 14.62 34.82 22.02
N GLN C 180 13.47 34.76 22.69
CA GLN C 180 13.03 33.52 23.33
C GLN C 180 11.53 33.45 23.15
N VAL C 181 10.96 32.25 23.27
CA VAL C 181 9.52 32.10 23.12
C VAL C 181 8.83 32.81 24.28
N PRO C 182 7.53 33.07 24.18
CA PRO C 182 6.78 33.75 25.25
C PRO C 182 6.96 33.01 26.57
N THR C 183 7.08 33.75 27.66
CA THR C 183 7.26 33.16 28.98
C THR C 183 6.22 32.08 29.27
N SER C 184 5.04 32.21 28.67
CA SER C 184 3.97 31.26 28.88
C SER C 184 4.16 29.97 28.07
N ALA C 185 5.17 29.97 27.19
CA ALA C 185 5.45 28.81 26.36
C ALA C 185 6.71 28.10 26.83
N ILE C 186 7.52 28.81 27.62
CA ILE C 186 8.77 28.24 28.12
C ILE C 186 8.55 26.98 28.94
N GLY C 187 9.31 25.94 28.61
CA GLY C 187 9.20 24.68 29.32
C GLY C 187 8.12 23.76 28.79
N THR C 188 7.62 24.03 27.59
CA THR C 188 6.57 23.20 27.00
C THR C 188 7.04 22.57 25.70
N ASP C 189 8.33 22.68 25.40
CA ASP C 189 8.87 22.14 24.16
C ASP C 189 8.20 22.91 23.03
N ALA C 190 8.15 24.23 23.20
CA ALA C 190 7.54 25.14 22.24
C ALA C 190 8.32 25.30 20.95
N PHE C 191 7.64 25.83 19.94
CA PHE C 191 8.26 26.06 18.64
C PHE C 191 9.54 26.88 18.79
N GLN C 192 10.63 26.34 18.26
CA GLN C 192 11.93 26.98 18.31
C GLN C 192 12.39 27.36 19.73
N GLU C 193 12.09 26.51 20.70
CA GLU C 193 12.51 26.77 22.07
C GLU C 193 13.77 26.00 22.44
N ALA C 194 14.68 26.64 23.16
CA ALA C 194 15.91 26.00 23.60
C ALA C 194 16.25 26.55 24.99
N ASP C 195 16.96 25.75 25.78
CA ASP C 195 17.36 26.20 27.11
C ASP C 195 18.69 26.91 26.93
N VAL C 196 18.63 28.09 26.32
CA VAL C 196 19.80 28.92 26.02
C VAL C 196 20.61 29.31 27.25
N VAL C 197 19.92 29.70 28.32
CA VAL C 197 20.58 30.08 29.56
C VAL C 197 21.43 28.91 30.09
N GLY C 198 20.87 27.70 30.01
CA GLY C 198 21.60 26.53 30.48
C GLY C 198 22.70 26.12 29.52
N ILE C 199 22.39 26.12 28.22
CA ILE C 199 23.38 25.75 27.21
C ILE C 199 24.60 26.65 27.22
N SER C 200 24.39 27.96 27.37
CA SER C 200 25.49 28.92 27.36
C SER C 200 26.14 29.24 28.70
N ARG C 201 25.69 28.61 29.78
CA ARG C 201 26.23 28.88 31.10
C ARG C 201 27.75 28.76 31.23
N SER C 202 28.33 27.71 30.65
CA SER C 202 29.78 27.51 30.75
C SER C 202 30.60 28.31 29.75
N CYS C 203 29.93 28.96 28.80
CA CYS C 203 30.64 29.76 27.81
C CYS C 203 30.29 31.24 27.83
N THR C 204 29.80 31.71 28.98
CA THR C 204 29.46 33.11 29.18
C THR C 204 29.84 33.47 30.62
N LYS C 205 30.33 34.70 30.81
CA LYS C 205 30.72 35.16 32.14
C LYS C 205 29.47 35.28 33.00
N TRP C 206 28.34 35.52 32.34
CA TRP C 206 27.08 35.70 33.02
C TRP C 206 25.99 35.68 31.96
N ASN C 207 24.80 35.20 32.32
CA ASN C 207 23.67 35.20 31.41
C ASN C 207 22.40 35.33 32.22
N VAL C 208 21.29 35.63 31.56
CA VAL C 208 20.03 35.80 32.26
C VAL C 208 18.87 35.86 31.28
N MET C 209 17.68 35.52 31.77
CA MET C 209 16.48 35.60 30.95
C MET C 209 15.67 36.75 31.54
N VAL C 210 15.41 37.78 30.75
CA VAL C 210 14.64 38.92 31.22
C VAL C 210 13.21 38.45 31.49
N LYS C 211 12.73 38.69 32.71
CA LYS C 211 11.39 38.26 33.12
C LYS C 211 10.26 39.25 32.85
N SER C 212 10.59 40.54 32.77
CA SER C 212 9.57 41.56 32.52
C SER C 212 10.20 42.78 31.89
N VAL C 213 9.40 43.61 31.24
CA VAL C 213 9.90 44.82 30.60
C VAL C 213 10.55 45.78 31.58
N GLU C 214 9.95 45.94 32.75
CA GLU C 214 10.49 46.84 33.77
C GLU C 214 11.90 46.43 34.19
N GLU C 215 12.22 45.17 33.94
CA GLU C 215 13.50 44.59 34.29
C GLU C 215 14.51 44.75 33.15
N LEU C 216 14.01 44.87 31.93
CA LEU C 216 14.85 44.98 30.74
C LEU C 216 16.00 45.98 30.82
N PRO C 217 15.72 47.24 31.19
CA PRO C 217 16.80 48.23 31.27
C PRO C 217 17.94 47.80 32.19
N LEU C 218 17.57 47.36 33.39
CA LEU C 218 18.55 46.91 34.38
C LEU C 218 19.46 45.81 33.84
N ARG C 219 18.85 44.77 33.27
CA ARG C 219 19.62 43.65 32.74
C ARG C 219 20.61 44.07 31.67
N ILE C 220 20.17 44.94 30.76
CA ILE C 220 21.04 45.40 29.70
C ILE C 220 22.26 46.10 30.27
N ASN C 221 22.05 46.96 31.27
CA ASN C 221 23.17 47.67 31.88
C ASN C 221 24.12 46.71 32.57
N GLU C 222 23.57 45.67 33.18
CA GLU C 222 24.38 44.66 33.86
C GLU C 222 25.19 43.87 32.83
N ALA C 223 24.53 43.50 31.73
CA ALA C 223 25.17 42.74 30.67
C ALA C 223 26.42 43.44 30.14
N PHE C 224 26.29 44.72 29.81
CA PHE C 224 27.42 45.47 29.28
C PHE C 224 28.52 45.68 30.30
N GLU C 225 28.13 45.94 31.55
CA GLU C 225 29.09 46.17 32.62
C GLU C 225 29.97 44.94 32.81
N ILE C 226 29.33 43.79 33.03
CA ILE C 226 30.02 42.53 33.23
C ILE C 226 30.90 42.16 32.05
N ALA C 227 30.36 42.27 30.84
CA ALA C 227 31.11 41.92 29.65
C ALA C 227 32.39 42.72 29.49
N THR C 228 32.42 43.92 30.06
CA THR C 228 33.59 44.78 29.94
C THR C 228 34.51 44.93 31.15
N SER C 229 34.05 44.50 32.32
CA SER C 229 34.87 44.60 33.53
C SER C 229 35.79 43.39 33.72
N GLY C 230 36.71 43.47 34.67
CA GLY C 230 37.63 42.39 34.92
C GLY C 230 38.20 41.89 33.62
N ARG C 231 38.12 40.59 33.40
CA ARG C 231 38.60 40.02 32.14
C ARG C 231 37.43 40.04 31.19
N PRO C 232 37.51 40.85 30.12
CA PRO C 232 36.41 40.92 29.15
C PRO C 232 35.91 39.52 28.78
N GLY C 233 34.65 39.44 28.37
CA GLY C 233 34.09 38.14 28.00
C GLY C 233 32.67 38.25 27.51
N PRO C 234 32.09 37.15 27.01
CA PRO C 234 30.71 37.16 26.52
C PRO C 234 29.65 36.97 27.60
N VAL C 235 28.51 37.62 27.41
CA VAL C 235 27.39 37.50 28.33
C VAL C 235 26.17 37.35 27.44
N LEU C 236 25.15 36.67 27.94
CA LEU C 236 23.95 36.46 27.14
C LEU C 236 22.69 36.91 27.87
N VAL C 237 21.79 37.55 27.13
CA VAL C 237 20.54 38.04 27.68
C VAL C 237 19.39 37.47 26.86
N ASP C 238 18.61 36.60 27.48
CA ASP C 238 17.48 35.95 26.83
C ASP C 238 16.27 36.85 26.88
N LEU C 239 15.66 37.09 25.72
CA LEU C 239 14.51 37.99 25.61
C LEU C 239 13.18 37.38 25.19
N PRO C 240 12.33 37.01 26.17
CA PRO C 240 11.02 36.42 25.84
C PRO C 240 10.23 37.36 24.91
N LYS C 241 9.62 36.77 23.88
CA LYS C 241 8.83 37.53 22.91
C LYS C 241 7.74 38.39 23.53
N ASP C 242 7.08 37.87 24.57
CA ASP C 242 6.02 38.63 25.23
C ASP C 242 6.58 39.78 26.06
N VAL C 243 7.86 39.68 26.42
CA VAL C 243 8.52 40.71 27.20
C VAL C 243 8.90 41.90 26.30
N THR C 244 9.49 41.59 25.14
CA THR C 244 9.91 42.64 24.21
C THR C 244 8.72 43.32 23.54
N ALA C 245 7.58 42.62 23.53
CA ALA C 245 6.37 43.17 22.92
C ALA C 245 5.56 43.97 23.95
N ALA C 246 5.76 43.65 25.22
CA ALA C 246 5.04 44.33 26.30
C ALA C 246 5.41 45.81 26.38
N ILE C 247 4.51 46.62 26.93
CA ILE C 247 4.74 48.05 27.07
C ILE C 247 4.94 48.43 28.53
N LEU C 248 5.97 49.21 28.80
CA LEU C 248 6.27 49.66 30.16
C LEU C 248 5.20 50.65 30.63
N ARG C 249 4.45 50.28 31.66
CA ARG C 249 3.38 51.13 32.17
C ARG C 249 3.81 52.01 33.35
N ASN C 250 4.70 51.50 34.19
CA ASN C 250 5.16 52.25 35.35
C ASN C 250 6.65 52.55 35.28
N PRO C 251 7.07 53.71 35.80
CA PRO C 251 8.46 54.13 35.82
C PRO C 251 9.35 53.13 36.55
N ILE C 252 10.58 52.97 36.07
CA ILE C 252 11.53 52.05 36.67
C ILE C 252 12.47 52.82 37.60
N PRO C 253 13.07 52.14 38.59
CA PRO C 253 13.99 52.76 39.54
C PRO C 253 15.03 53.67 38.89
N THR C 254 15.10 54.90 39.39
CA THR C 254 16.04 55.90 38.86
C THR C 254 17.47 55.38 38.94
N LYS C 255 17.94 55.17 40.17
CA LYS C 255 19.30 54.69 40.40
C LYS C 255 19.46 53.26 39.87
N ASN C 280 55.43 47.34 45.13
CA ASN C 280 56.76 47.59 45.69
C ASN C 280 57.52 46.28 45.91
N LYS C 281 56.85 45.31 46.52
CA LYS C 281 57.47 44.01 46.79
C LYS C 281 58.03 43.42 45.50
N ALA C 282 57.38 43.73 44.39
CA ALA C 282 57.79 43.22 43.09
C ALA C 282 58.74 44.22 42.42
N ALA C 283 58.60 45.49 42.78
CA ALA C 283 59.45 46.54 42.22
C ALA C 283 60.90 46.33 42.61
N ASP C 284 61.11 45.84 43.83
CA ASP C 284 62.45 45.59 44.33
C ASP C 284 62.96 44.24 43.84
N LEU C 285 62.04 43.33 43.57
CA LEU C 285 62.39 41.99 43.09
C LEU C 285 63.00 42.08 41.70
N ILE C 286 62.56 43.07 40.92
CA ILE C 286 63.05 43.26 39.57
C ILE C 286 64.44 43.90 39.59
N ASN C 287 64.65 44.82 40.52
CA ASN C 287 65.94 45.50 40.64
C ASN C 287 67.02 44.52 41.11
N LEU C 288 66.60 43.31 41.42
CA LEU C 288 67.52 42.26 41.88
C LEU C 288 67.70 41.21 40.80
N ALA C 289 66.99 41.39 39.68
CA ALA C 289 67.05 40.46 38.56
C ALA C 289 68.31 40.68 37.72
N LYS C 290 68.91 39.59 37.26
CA LYS C 290 70.12 39.65 36.45
C LYS C 290 69.83 39.18 35.03
N LYS C 291 68.81 38.33 34.89
CA LYS C 291 68.41 37.79 33.60
C LYS C 291 66.89 37.78 33.47
N PRO C 292 66.27 38.97 33.54
CA PRO C 292 64.81 39.10 33.44
C PRO C 292 64.26 39.00 32.03
N VAL C 293 62.98 38.64 31.94
CA VAL C 293 62.28 38.52 30.66
C VAL C 293 60.83 38.97 30.86
N LEU C 294 60.34 39.81 29.96
CA LEU C 294 58.97 40.31 30.04
C LEU C 294 58.02 39.39 29.29
N TYR C 295 57.24 38.62 30.05
CA TYR C 295 56.27 37.69 29.49
C TYR C 295 54.92 38.40 29.37
N VAL C 296 54.75 39.13 28.28
CA VAL C 296 53.53 39.89 28.04
C VAL C 296 52.46 39.13 27.26
N GLY C 297 51.20 39.39 27.60
CA GLY C 297 50.09 38.74 26.92
C GLY C 297 49.00 39.69 26.48
N ALA C 298 47.85 39.14 26.10
CA ALA C 298 46.73 39.95 25.63
C ALA C 298 46.19 40.92 26.66
N GLY C 299 46.55 40.69 27.93
CA GLY C 299 46.06 41.57 28.98
C GLY C 299 46.48 43.02 28.84
N ILE C 300 47.69 43.24 28.32
CA ILE C 300 48.21 44.60 28.15
C ILE C 300 47.43 45.40 27.10
N LEU C 301 46.72 44.69 26.23
CA LEU C 301 45.95 45.34 25.17
C LEU C 301 44.54 45.75 25.60
N ASN C 302 44.21 45.53 26.87
CA ASN C 302 42.90 45.88 27.38
C ASN C 302 42.86 47.29 27.97
N HIS C 303 43.93 48.05 27.77
CA HIS C 303 44.03 49.41 28.26
C HIS C 303 44.77 50.27 27.23
N ALA C 304 44.25 51.46 26.97
CA ALA C 304 44.84 52.37 26.00
C ALA C 304 46.34 52.58 26.18
N ASP C 305 46.74 52.92 27.41
CA ASP C 305 48.16 53.16 27.71
C ASP C 305 48.93 51.87 27.96
N GLY C 306 48.37 50.75 27.52
CA GLY C 306 49.03 49.47 27.71
C GLY C 306 50.41 49.40 27.09
N PRO C 307 50.50 49.43 25.75
CA PRO C 307 51.79 49.37 25.05
C PRO C 307 52.78 50.44 25.52
N ARG C 308 52.28 51.65 25.71
CA ARG C 308 53.10 52.77 26.14
C ARG C 308 53.90 52.40 27.40
N LEU C 309 53.20 52.26 28.52
CA LEU C 309 53.86 51.92 29.78
C LEU C 309 54.67 50.64 29.67
N LEU C 310 54.26 49.75 28.76
CA LEU C 310 54.98 48.49 28.56
C LEU C 310 56.36 48.76 28.01
N LYS C 311 56.43 49.56 26.95
CA LYS C 311 57.70 49.90 26.31
C LYS C 311 58.58 50.69 27.29
N GLU C 312 57.95 51.58 28.05
CA GLU C 312 58.65 52.41 29.02
C GLU C 312 59.37 51.57 30.08
N LEU C 313 58.76 50.45 30.45
CA LEU C 313 59.33 49.55 31.45
C LEU C 313 60.51 48.77 30.91
N SER C 314 60.47 48.46 29.61
CA SER C 314 61.54 47.71 28.96
C SER C 314 62.77 48.58 28.77
N ASP C 315 62.56 49.89 28.66
CA ASP C 315 63.66 50.82 28.47
C ASP C 315 64.51 51.01 29.73
N ARG C 316 63.86 51.38 30.83
CA ARG C 316 64.57 51.60 32.10
C ARG C 316 65.28 50.34 32.60
N ALA C 317 64.50 49.35 33.02
CA ALA C 317 65.06 48.09 33.53
C ALA C 317 65.81 47.30 32.47
N GLN C 318 65.69 47.71 31.21
CA GLN C 318 66.35 47.01 30.11
C GLN C 318 66.03 45.53 30.12
N ILE C 319 64.74 45.21 30.01
CA ILE C 319 64.29 43.82 30.01
C ILE C 319 63.72 43.43 28.65
N PRO C 320 64.19 42.31 28.09
CA PRO C 320 63.71 41.84 26.78
C PRO C 320 62.23 41.50 26.86
N VAL C 321 61.48 41.81 25.80
CA VAL C 321 60.05 41.55 25.77
C VAL C 321 59.66 40.44 24.81
N THR C 322 58.88 39.49 25.32
CA THR C 322 58.37 38.38 24.52
C THR C 322 56.87 38.32 24.77
N THR C 323 56.11 38.11 23.70
CA THR C 323 54.66 38.05 23.84
C THR C 323 54.08 36.74 23.33
N THR C 324 52.82 36.48 23.68
CA THR C 324 52.13 35.28 23.25
C THR C 324 51.50 35.56 21.89
N LEU C 325 50.76 34.60 21.37
CA LEU C 325 50.10 34.77 20.09
C LEU C 325 49.11 35.93 20.17
N GLN C 326 48.47 36.06 21.34
CA GLN C 326 47.48 37.12 21.57
C GLN C 326 48.12 38.42 22.02
N GLY C 327 49.43 38.37 22.27
CA GLY C 327 50.13 39.57 22.71
C GLY C 327 50.75 40.34 21.56
N LEU C 328 50.88 39.68 20.42
CA LEU C 328 51.47 40.31 19.24
C LEU C 328 50.81 41.66 18.97
N GLY C 329 51.63 42.66 18.64
CA GLY C 329 51.10 43.99 18.37
C GLY C 329 51.18 44.93 19.55
N SER C 330 51.50 44.39 20.73
CA SER C 330 51.62 45.21 21.93
C SER C 330 53.03 45.74 22.08
N PHE C 331 53.99 45.02 21.50
CA PHE C 331 55.39 45.42 21.56
C PHE C 331 55.97 45.52 20.16
N ASP C 332 56.82 46.51 19.94
CA ASP C 332 57.45 46.71 18.64
C ASP C 332 58.52 45.64 18.43
N GLN C 333 58.34 44.81 17.40
CA GLN C 333 59.28 43.74 17.12
C GLN C 333 60.59 44.23 16.50
N GLU C 334 60.58 45.47 16.00
CA GLU C 334 61.77 46.05 15.38
C GLU C 334 62.83 46.32 16.45
N ASP C 335 62.37 46.61 17.67
CA ASP C 335 63.25 46.89 18.80
C ASP C 335 64.13 45.69 19.12
N PRO C 336 65.45 45.92 19.31
CA PRO C 336 66.44 44.89 19.62
C PRO C 336 66.06 43.99 20.81
N LYS C 337 65.25 44.52 21.72
CA LYS C 337 64.84 43.77 22.90
C LYS C 337 63.69 42.79 22.64
N SER C 338 63.06 42.91 21.48
CA SER C 338 61.96 42.02 21.14
C SER C 338 62.46 40.59 20.97
N LEU C 339 61.94 39.67 21.78
CA LEU C 339 62.32 38.27 21.71
C LEU C 339 61.37 37.48 20.82
N ASP C 340 60.38 38.17 20.27
CA ASP C 340 59.38 37.58 19.39
C ASP C 340 58.38 36.76 20.23
N MET C 341 57.76 35.75 19.62
CA MET C 341 56.78 34.92 20.30
C MET C 341 57.36 33.63 20.85
N LEU C 342 56.81 33.16 21.97
CA LEU C 342 57.28 31.92 22.60
C LEU C 342 56.16 30.90 22.58
N GLY C 343 56.47 29.67 23.00
CA GLY C 343 55.46 28.63 23.03
C GLY C 343 55.69 27.44 22.11
N MET C 344 54.61 26.70 21.87
CA MET C 344 54.66 25.51 21.01
C MET C 344 55.38 25.77 19.69
N HIS C 345 54.96 26.81 18.97
CA HIS C 345 55.59 27.14 17.70
C HIS C 345 56.29 28.49 17.81
N GLY C 346 56.72 28.84 19.01
CA GLY C 346 57.38 30.11 19.24
C GLY C 346 58.85 30.14 18.88
N CYS C 347 59.40 31.35 18.75
CA CYS C 347 60.81 31.53 18.42
C CYS C 347 61.68 30.81 19.45
N ALA C 348 62.66 30.06 18.96
CA ALA C 348 63.56 29.31 19.83
C ALA C 348 64.28 30.22 20.81
N THR C 349 64.61 31.43 20.37
CA THR C 349 65.30 32.41 21.19
C THR C 349 64.44 32.79 22.39
N ALA C 350 63.15 32.94 22.15
CA ALA C 350 62.21 33.31 23.21
C ALA C 350 62.03 32.19 24.22
N ASN C 351 61.88 30.96 23.75
CA ASN C 351 61.70 29.83 24.64
C ASN C 351 62.92 29.62 25.54
N LEU C 352 64.11 29.70 24.96
CA LEU C 352 65.35 29.54 25.72
C LEU C 352 65.48 30.67 26.73
N ALA C 353 65.12 31.88 26.30
CA ALA C 353 65.20 33.05 27.17
C ALA C 353 64.32 32.82 28.39
N VAL C 354 63.19 32.14 28.18
CA VAL C 354 62.26 31.84 29.25
C VAL C 354 62.79 30.72 30.13
N GLN C 355 63.46 29.75 29.50
CA GLN C 355 64.02 28.62 30.23
C GLN C 355 65.27 29.02 31.01
N ASN C 356 65.95 30.06 30.54
CA ASN C 356 67.15 30.53 31.21
C ASN C 356 66.98 31.92 31.82
N ALA C 357 65.94 32.08 32.62
CA ALA C 357 65.67 33.36 33.27
C ALA C 357 65.56 33.16 34.78
N ASP C 358 66.00 34.17 35.53
CA ASP C 358 65.94 34.10 36.98
C ASP C 358 64.65 34.77 37.45
N LEU C 359 64.11 35.63 36.61
CA LEU C 359 62.87 36.34 36.90
C LEU C 359 62.06 36.52 35.63
N ILE C 360 60.74 36.33 35.74
CA ILE C 360 59.84 36.47 34.61
C ILE C 360 58.69 37.38 35.02
N ILE C 361 58.48 38.45 34.25
CA ILE C 361 57.41 39.40 34.53
C ILE C 361 56.21 39.13 33.62
N ALA C 362 55.26 38.36 34.12
CA ALA C 362 54.05 38.02 33.38
C ALA C 362 53.05 39.17 33.44
N VAL C 363 52.77 39.76 32.28
CA VAL C 363 51.84 40.88 32.19
C VAL C 363 50.71 40.61 31.20
N GLY C 364 49.60 40.08 31.69
CA GLY C 364 48.47 39.79 30.83
C GLY C 364 48.52 38.45 30.12
N ALA C 365 49.11 37.45 30.78
CA ALA C 365 49.21 36.10 30.22
C ALA C 365 48.69 35.08 31.23
N ARG C 366 48.15 33.97 30.75
CA ARG C 366 47.61 32.95 31.64
C ARG C 366 48.30 31.59 31.56
N PHE C 367 49.53 31.58 31.08
CA PHE C 367 50.31 30.34 30.97
C PHE C 367 49.51 29.16 30.43
N ASP C 368 49.00 29.28 29.20
CA ASP C 368 48.22 28.20 28.60
C ASP C 368 49.14 27.07 28.17
N ASP C 369 48.57 25.88 28.01
CA ASP C 369 49.36 24.71 27.61
C ASP C 369 50.02 24.79 26.24
N ARG C 370 49.75 25.87 25.50
CA ARG C 370 50.37 26.06 24.19
C ARG C 370 51.63 26.90 24.35
N VAL C 371 51.81 27.46 25.55
CA VAL C 371 52.96 28.31 25.84
C VAL C 371 53.99 27.67 26.76
N THR C 372 53.54 27.17 27.91
CA THR C 372 54.42 26.56 28.90
C THR C 372 55.11 25.28 28.45
N GLY C 373 54.55 24.62 27.44
CA GLY C 373 55.13 23.37 26.99
C GLY C 373 54.87 22.34 28.08
N ASN C 374 55.93 21.95 28.80
CA ASN C 374 55.77 21.01 29.90
C ASN C 374 55.85 21.79 31.21
N ILE C 375 54.71 21.94 31.87
CA ILE C 375 54.62 22.68 33.14
C ILE C 375 55.75 22.36 34.11
N SER C 376 56.11 21.09 34.20
CA SER C 376 57.17 20.65 35.10
C SER C 376 58.54 21.14 34.64
N LYS C 377 58.73 21.23 33.33
CA LYS C 377 60.00 21.67 32.76
C LYS C 377 59.99 23.17 32.45
N PHE C 378 58.91 23.86 32.83
CA PHE C 378 58.78 25.28 32.56
C PHE C 378 59.59 26.16 33.50
N ALA C 379 60.31 27.12 32.90
CA ALA C 379 61.13 28.08 33.63
C ALA C 379 61.88 27.48 34.83
N PRO C 380 62.78 26.52 34.57
CA PRO C 380 63.56 25.89 35.65
C PRO C 380 64.50 26.87 36.37
N GLU C 381 65.09 27.79 35.60
CA GLU C 381 66.00 28.79 36.15
C GLU C 381 65.29 29.76 37.08
N ALA C 382 64.03 30.05 36.76
CA ALA C 382 63.24 30.96 37.58
C ALA C 382 62.78 30.24 38.84
N ARG C 383 62.82 28.91 38.80
CA ARG C 383 62.41 28.09 39.93
C ARG C 383 63.53 28.03 40.97
N ARG C 384 64.77 27.98 40.49
CA ARG C 384 65.93 27.94 41.38
C ARG C 384 66.12 29.30 42.05
N ALA C 385 66.08 30.35 41.23
CA ALA C 385 66.24 31.71 41.72
C ALA C 385 65.20 32.05 42.77
N ALA C 386 63.99 31.56 42.59
CA ALA C 386 62.91 31.82 43.54
C ALA C 386 63.16 31.08 44.84
N ALA C 387 64.03 30.08 44.80
CA ALA C 387 64.36 29.29 45.97
C ALA C 387 65.45 29.96 46.80
N GLU C 388 66.27 30.77 46.14
CA GLU C 388 67.36 31.47 46.80
C GLU C 388 67.03 32.93 47.07
N GLY C 389 65.76 33.28 46.98
CA GLY C 389 65.35 34.66 47.20
C GLY C 389 66.08 35.60 46.26
N ARG C 390 66.38 35.10 45.07
CA ARG C 390 67.08 35.88 44.06
C ARG C 390 66.27 36.01 42.78
N GLY C 391 65.14 35.30 42.72
CA GLY C 391 64.31 35.36 41.53
C GLY C 391 62.91 34.79 41.71
N GLY C 392 62.34 34.33 40.59
CA GLY C 392 61.00 33.77 40.61
C GLY C 392 60.18 34.27 39.44
N ILE C 393 58.88 34.48 39.66
CA ILE C 393 57.99 34.97 38.61
C ILE C 393 56.91 35.91 39.14
N ILE C 394 56.93 37.16 38.66
CA ILE C 394 55.93 38.15 39.07
C ILE C 394 54.72 37.96 38.16
N HIS C 395 53.52 38.26 38.66
CA HIS C 395 52.32 38.09 37.85
C HIS C 395 51.30 39.21 37.98
N PHE C 396 51.08 39.94 36.88
CA PHE C 396 50.11 41.03 36.85
C PHE C 396 48.82 40.49 36.27
N GLU C 397 47.90 40.12 37.16
CA GLU C 397 46.61 39.56 36.75
C GLU C 397 45.43 40.37 37.28
N VAL C 398 44.32 40.30 36.56
CA VAL C 398 43.11 41.02 36.95
C VAL C 398 42.10 40.03 37.53
N SER C 399 42.21 38.78 37.11
CA SER C 399 41.31 37.72 37.57
C SER C 399 42.03 36.78 38.53
N PRO C 400 41.77 36.91 39.84
CA PRO C 400 42.38 36.08 40.88
C PRO C 400 42.31 34.57 40.60
N LYS C 401 41.33 34.17 39.81
CA LYS C 401 41.15 32.77 39.46
C LYS C 401 42.32 32.22 38.66
N ASN C 402 42.97 33.09 37.89
CA ASN C 402 44.11 32.67 37.08
C ASN C 402 45.46 32.85 37.78
N ILE C 403 45.40 33.26 39.06
CA ILE C 403 46.62 33.45 39.83
C ILE C 403 47.01 32.10 40.46
N ASN C 404 48.24 31.67 40.18
CA ASN C 404 48.73 30.40 40.71
C ASN C 404 47.85 29.24 40.26
N LYS C 405 47.42 29.25 39.01
CA LYS C 405 46.57 28.19 38.49
C LYS C 405 47.38 27.09 37.82
N VAL C 406 48.36 27.48 37.04
CA VAL C 406 49.21 26.52 36.33
C VAL C 406 50.57 26.41 36.99
N VAL C 407 51.16 27.56 37.32
CA VAL C 407 52.47 27.60 37.96
C VAL C 407 52.40 28.44 39.24
N GLN C 408 53.27 28.14 40.19
CA GLN C 408 53.30 28.87 41.46
C GLN C 408 54.17 30.10 41.28
N THR C 409 53.64 31.26 41.67
CA THR C 409 54.37 32.52 41.55
C THR C 409 54.78 33.05 42.92
N GLN C 410 55.78 33.94 42.92
CA GLN C 410 56.28 34.53 44.16
C GLN C 410 55.49 35.79 44.50
N ILE C 411 55.23 36.62 43.50
CA ILE C 411 54.49 37.86 43.72
C ILE C 411 53.29 37.94 42.78
N ALA C 412 52.16 38.36 43.31
CA ALA C 412 50.93 38.50 42.53
C ALA C 412 50.37 39.90 42.68
N VAL C 413 50.12 40.55 41.55
CA VAL C 413 49.57 41.91 41.55
C VAL C 413 48.20 41.95 40.90
N GLU C 414 47.15 41.90 41.71
CA GLU C 414 45.79 41.92 41.20
C GLU C 414 45.40 43.28 40.64
N GLY C 415 44.40 43.29 39.76
CA GLY C 415 43.95 44.54 39.16
C GLY C 415 44.41 44.67 37.72
N ASP C 416 44.19 45.84 37.12
CA ASP C 416 44.59 46.08 35.75
C ASP C 416 46.12 46.13 35.66
N ALA C 417 46.66 45.62 34.56
CA ALA C 417 48.10 45.58 34.35
C ALA C 417 48.71 46.95 34.08
N THR C 418 48.17 47.64 33.08
CA THR C 418 48.66 48.97 32.72
C THR C 418 48.71 49.89 33.93
N THR C 419 47.72 49.76 34.81
CA THR C 419 47.63 50.59 36.01
C THR C 419 48.77 50.34 36.99
N ASN C 420 48.91 49.10 37.44
CA ASN C 420 49.94 48.73 38.40
C ASN C 420 51.33 48.70 37.76
N LEU C 421 51.38 48.93 36.46
CA LEU C 421 52.65 48.91 35.74
C LEU C 421 53.20 50.33 35.62
N GLY C 422 52.33 51.31 35.85
CA GLY C 422 52.74 52.70 35.77
C GLY C 422 53.09 53.28 37.12
N LYS C 423 52.76 52.54 38.17
CA LYS C 423 53.05 52.97 39.53
C LYS C 423 54.41 52.45 39.96
N MET C 424 54.67 51.19 39.62
CA MET C 424 55.94 50.54 39.94
C MET C 424 57.11 51.17 39.21
N MET C 425 56.82 51.79 38.07
CA MET C 425 57.84 52.42 37.24
C MET C 425 58.81 53.29 38.05
N SER C 426 58.26 54.13 38.92
CA SER C 426 59.08 55.02 39.74
C SER C 426 60.00 54.25 40.69
N LYS C 427 59.63 53.01 40.99
CA LYS C 427 60.42 52.18 41.89
C LYS C 427 61.42 51.31 41.12
N ILE C 428 61.66 51.66 39.86
CA ILE C 428 62.60 50.92 39.03
C ILE C 428 63.91 51.67 38.85
N PHE C 429 65.01 50.94 38.92
CA PHE C 429 66.35 51.51 38.79
C PHE C 429 66.81 51.49 37.34
N PRO C 430 67.07 52.67 36.75
CA PRO C 430 67.52 52.73 35.36
C PRO C 430 68.73 51.82 35.13
N VAL C 431 68.86 51.30 33.91
CA VAL C 431 69.96 50.40 33.57
C VAL C 431 70.65 50.82 32.27
N LYS C 432 71.97 50.74 32.26
CA LYS C 432 72.75 51.10 31.07
C LYS C 432 72.51 50.09 29.95
N GLU C 433 73.09 48.90 30.13
CA GLU C 433 72.95 47.84 29.13
C GLU C 433 73.45 46.51 29.69
N ARG C 434 72.57 45.51 29.70
CA ARG C 434 72.90 44.18 30.21
C ARG C 434 73.75 43.46 29.15
N SER C 435 75.05 43.73 29.15
CA SER C 435 75.96 43.13 28.19
C SER C 435 75.92 41.60 28.20
N GLU C 436 76.13 41.01 29.38
CA GLU C 436 76.11 39.55 29.50
C GLU C 436 74.80 38.93 29.06
N TRP C 437 73.69 39.50 29.53
CA TRP C 437 72.36 39.00 29.21
C TRP C 437 72.10 39.01 27.70
N PHE C 438 72.20 40.20 27.10
CA PHE C 438 71.98 40.35 25.66
C PHE C 438 73.01 39.61 24.82
N ALA C 439 74.18 39.36 25.40
CA ALA C 439 75.24 38.65 24.70
C ALA C 439 74.76 37.24 24.36
N GLN C 440 73.98 36.67 25.25
CA GLN C 440 73.43 35.32 25.08
C GLN C 440 72.23 35.36 24.14
N ILE C 441 71.38 36.37 24.32
CA ILE C 441 70.19 36.52 23.48
C ILE C 441 70.55 36.69 22.01
N ASN C 442 71.37 37.70 21.71
CA ASN C 442 71.78 37.96 20.34
C ASN C 442 72.44 36.73 19.73
N LYS C 443 73.04 35.92 20.59
CA LYS C 443 73.71 34.69 20.14
C LYS C 443 72.65 33.71 19.61
N TRP C 444 71.60 33.50 20.40
CA TRP C 444 70.53 32.61 19.98
C TRP C 444 69.83 33.14 18.74
N LYS C 445 69.61 34.46 18.71
CA LYS C 445 68.96 35.09 17.57
C LYS C 445 69.60 34.65 16.25
N LYS C 446 70.92 34.56 16.25
CA LYS C 446 71.66 34.16 15.06
C LYS C 446 71.76 32.64 14.90
N GLU C 447 71.58 31.92 16.00
CA GLU C 447 71.66 30.47 15.98
C GLU C 447 70.35 29.78 15.67
N TYR C 448 69.24 30.37 16.12
CA TYR C 448 67.92 29.78 15.88
C TYR C 448 66.89 30.74 15.29
N PRO C 449 67.04 31.12 14.01
CA PRO C 449 66.09 32.02 13.37
C PRO C 449 64.91 31.23 12.80
N TYR C 450 63.93 31.93 12.26
CA TYR C 450 62.77 31.28 11.66
C TYR C 450 63.14 30.69 10.30
N ALA C 451 64.08 29.75 10.32
CA ALA C 451 64.54 29.09 9.10
C ALA C 451 63.51 28.13 8.53
N TYR C 452 63.58 27.90 7.22
CA TYR C 452 62.66 27.00 6.55
C TYR C 452 63.10 26.76 5.11
N MET C 453 62.64 25.66 4.53
CA MET C 453 62.98 25.32 3.15
C MET C 453 62.43 26.36 2.21
N GLU C 454 63.31 27.19 1.63
CA GLU C 454 62.89 28.23 0.72
C GLU C 454 62.69 27.72 -0.71
N GLU C 455 62.04 28.53 -1.53
CA GLU C 455 61.79 28.15 -2.92
C GLU C 455 63.05 27.93 -3.73
N THR C 456 63.00 26.93 -4.59
CA THR C 456 64.11 26.60 -5.48
C THR C 456 63.57 26.67 -6.90
N PRO C 457 64.44 26.92 -7.89
CA PRO C 457 64.00 27.00 -9.28
C PRO C 457 63.12 25.82 -9.71
N GLY C 458 61.85 26.09 -9.93
CA GLY C 458 60.93 25.05 -10.35
C GLY C 458 60.05 24.49 -9.24
N SER C 459 60.40 24.77 -7.99
CA SER C 459 59.62 24.29 -6.86
C SER C 459 58.31 25.07 -6.73
N LYS C 460 57.56 24.77 -5.69
CA LYS C 460 56.30 25.47 -5.46
C LYS C 460 56.51 26.61 -4.48
N ILE C 461 55.57 27.54 -4.46
CA ILE C 461 55.66 28.68 -3.56
C ILE C 461 55.59 28.20 -2.11
N LYS C 462 56.45 28.77 -1.26
CA LYS C 462 56.47 28.39 0.15
C LYS C 462 55.55 29.34 0.92
N PRO C 463 54.67 28.78 1.75
CA PRO C 463 53.75 29.60 2.55
C PRO C 463 54.43 30.67 3.39
N GLN C 464 55.59 30.32 3.97
CA GLN C 464 56.32 31.28 4.80
C GLN C 464 56.72 32.51 3.98
N THR C 465 57.13 32.27 2.73
CA THR C 465 57.54 33.35 1.84
C THR C 465 56.40 34.31 1.54
N VAL C 466 55.19 33.75 1.37
CA VAL C 466 54.03 34.57 1.08
C VAL C 466 53.78 35.56 2.21
N ILE C 467 53.89 35.09 3.44
CA ILE C 467 53.68 35.93 4.60
C ILE C 467 54.73 37.04 4.63
N LYS C 468 55.98 36.67 4.38
CA LYS C 468 57.09 37.62 4.34
C LYS C 468 56.74 38.76 3.38
N LYS C 469 56.58 38.42 2.12
CA LYS C 469 56.27 39.38 1.08
C LYS C 469 55.02 40.20 1.35
N LEU C 470 53.90 39.53 1.58
CA LEU C 470 52.64 40.22 1.85
C LEU C 470 52.81 41.23 2.97
N SER C 471 53.62 40.87 3.96
CA SER C 471 53.86 41.74 5.10
C SER C 471 54.41 43.09 4.63
N LYS C 472 55.49 43.06 3.84
CA LYS C 472 56.12 44.27 3.34
C LYS C 472 55.19 45.03 2.39
N VAL C 473 54.59 44.30 1.45
CA VAL C 473 53.67 44.89 0.47
C VAL C 473 52.56 45.64 1.17
N ALA C 474 52.08 45.10 2.28
CA ALA C 474 51.02 45.73 3.04
C ALA C 474 51.57 46.92 3.80
N ASN C 475 52.85 46.83 4.15
CA ASN C 475 53.52 47.90 4.89
C ASN C 475 53.84 49.08 3.97
N ASP C 476 54.10 48.80 2.70
CA ASP C 476 54.42 49.85 1.74
C ASP C 476 53.19 50.60 1.26
N THR C 477 52.03 50.33 1.85
CA THR C 477 50.80 51.01 1.46
C THR C 477 50.65 52.26 2.31
N GLY C 478 51.32 52.26 3.46
CA GLY C 478 51.23 53.38 4.37
C GLY C 478 49.90 53.45 5.07
N ARG C 479 49.09 52.39 4.91
CA ARG C 479 47.77 52.33 5.53
C ARG C 479 47.82 51.56 6.84
N HIS C 480 46.77 51.71 7.65
CA HIS C 480 46.68 51.00 8.92
C HIS C 480 46.22 49.59 8.58
N VAL C 481 47.05 48.61 8.89
CA VAL C 481 46.76 47.22 8.58
C VAL C 481 46.27 46.38 9.75
N ILE C 482 45.19 45.63 9.52
CA ILE C 482 44.64 44.73 10.53
C ILE C 482 44.64 43.35 9.91
N VAL C 483 45.13 42.36 10.66
CA VAL C 483 45.19 40.99 10.16
C VAL C 483 44.39 40.01 11.00
N THR C 484 43.62 39.18 10.30
CA THR C 484 42.83 38.12 10.94
C THR C 484 43.34 36.85 10.28
N THR C 485 43.05 35.71 10.87
CA THR C 485 43.49 34.44 10.31
C THR C 485 42.52 33.32 10.65
N GLY C 486 42.74 32.16 10.03
CA GLY C 486 41.94 31.00 10.31
C GLY C 486 42.70 30.29 11.40
N VAL C 487 42.63 28.96 11.44
CA VAL C 487 43.33 28.19 12.45
C VAL C 487 44.15 27.10 11.79
N GLY C 488 45.42 27.00 12.17
CA GLY C 488 46.29 25.99 11.59
C GLY C 488 47.69 26.49 11.32
N GLN C 489 48.38 25.86 10.37
CA GLN C 489 49.74 26.23 10.00
C GLN C 489 49.83 27.68 9.52
N HIS C 490 48.97 28.03 8.57
CA HIS C 490 48.96 29.37 8.01
C HIS C 490 48.81 30.41 9.12
N GLN C 491 48.16 30.03 10.20
CA GLN C 491 47.94 30.91 11.34
C GLN C 491 49.26 31.16 12.08
N MET C 492 50.05 30.11 12.21
CA MET C 492 51.33 30.19 12.89
C MET C 492 52.36 30.94 12.07
N TRP C 493 52.45 30.62 10.78
CA TRP C 493 53.39 31.28 9.90
C TRP C 493 53.08 32.78 9.84
N ALA C 494 51.81 33.12 9.92
CA ALA C 494 51.40 34.52 9.89
C ALA C 494 51.94 35.22 11.12
N ALA C 495 51.83 34.57 12.27
CA ALA C 495 52.29 35.12 13.53
C ALA C 495 53.82 35.20 13.59
N GLN C 496 54.50 34.24 12.98
CA GLN C 496 55.96 34.20 12.98
C GLN C 496 56.61 35.17 12.00
N HIS C 497 56.29 34.99 10.72
CA HIS C 497 56.88 35.78 9.65
C HIS C 497 56.34 37.18 9.38
N TRP C 498 55.53 37.71 10.28
CA TRP C 498 54.98 39.04 10.06
C TRP C 498 55.54 39.97 11.13
N THR C 499 55.83 41.22 10.76
CA THR C 499 56.37 42.18 11.69
C THR C 499 55.26 42.98 12.35
N TRP C 500 55.08 42.77 13.65
CA TRP C 500 54.04 43.49 14.39
C TRP C 500 54.60 44.70 15.12
N ARG C 501 53.92 45.84 14.97
CA ARG C 501 54.35 47.07 15.59
C ARG C 501 53.22 47.78 16.32
N ASN C 502 52.05 47.83 15.69
CA ASN C 502 50.90 48.49 16.29
C ASN C 502 49.95 47.50 16.98
N PRO C 503 49.29 47.94 18.05
CA PRO C 503 48.36 47.10 18.81
C PRO C 503 46.98 46.99 18.16
N HIS C 504 46.27 45.91 18.48
CA HIS C 504 44.93 45.66 17.94
C HIS C 504 44.96 45.49 16.44
N THR C 505 46.04 44.92 15.92
CA THR C 505 46.19 44.70 14.49
C THR C 505 46.28 43.21 14.15
N PHE C 506 46.29 42.37 15.17
CA PHE C 506 46.34 40.93 14.96
C PHE C 506 45.15 40.30 15.65
N ILE C 507 44.17 39.87 14.86
CA ILE C 507 42.94 39.28 15.38
C ILE C 507 42.85 37.81 14.98
N THR C 508 43.12 36.93 15.93
CA THR C 508 43.08 35.49 15.67
C THR C 508 42.49 34.71 16.83
N SER C 509 41.90 33.55 16.52
CA SER C 509 41.30 32.69 17.54
C SER C 509 42.36 31.77 18.13
N GLY C 510 42.77 32.06 19.37
CA GLY C 510 43.79 31.25 20.01
C GLY C 510 43.33 30.23 21.03
N GLY C 511 42.54 30.69 22.00
CA GLY C 511 42.07 29.79 23.04
C GLY C 511 41.30 28.57 22.56
N LEU C 512 40.27 28.78 21.77
CA LEU C 512 39.44 27.68 21.26
C LEU C 512 39.93 27.22 19.89
N GLY C 513 40.53 28.13 19.13
CA GLY C 513 41.04 27.77 17.81
C GLY C 513 39.92 27.36 16.88
N THR C 514 39.01 28.31 16.62
CA THR C 514 37.86 28.06 15.75
C THR C 514 38.14 28.27 14.27
N MET C 515 38.18 27.19 13.50
CA MET C 515 38.39 27.31 12.07
C MET C 515 37.22 28.08 11.48
N GLY C 516 37.50 28.91 10.48
CA GLY C 516 36.46 29.70 9.84
C GLY C 516 36.29 31.07 10.48
N TYR C 517 37.12 31.35 11.47
CA TYR C 517 37.09 32.62 12.20
C TYR C 517 37.57 33.78 11.32
N GLY C 518 38.55 33.49 10.47
CA GLY C 518 39.16 34.49 9.60
C GLY C 518 38.28 35.47 8.84
N LEU C 519 37.43 34.97 7.95
CA LEU C 519 36.56 35.82 7.15
C LEU C 519 35.58 36.67 7.96
N PRO C 520 34.72 36.02 8.78
CA PRO C 520 33.79 36.85 9.55
C PRO C 520 34.47 37.85 10.48
N ALA C 521 35.60 37.48 11.05
CA ALA C 521 36.32 38.38 11.94
C ALA C 521 36.84 39.59 11.15
N ALA C 522 37.30 39.35 9.93
CA ALA C 522 37.80 40.42 9.07
C ALA C 522 36.68 41.42 8.79
N ILE C 523 35.52 40.88 8.42
CA ILE C 523 34.37 41.73 8.13
C ILE C 523 34.06 42.58 9.36
N GLY C 524 34.02 41.94 10.52
CA GLY C 524 33.74 42.65 11.74
C GLY C 524 34.81 43.70 12.02
N ALA C 525 36.05 43.36 11.73
CA ALA C 525 37.16 44.29 11.94
C ALA C 525 37.02 45.48 11.02
N GLN C 526 36.70 45.23 9.75
CA GLN C 526 36.55 46.30 8.78
C GLN C 526 35.48 47.30 9.21
N VAL C 527 34.38 46.81 9.75
CA VAL C 527 33.31 47.68 10.20
C VAL C 527 33.83 48.58 11.32
N ALA C 528 34.71 48.04 12.16
CA ALA C 528 35.27 48.80 13.26
C ALA C 528 36.20 49.90 12.73
N LYS C 529 37.09 49.52 11.82
CA LYS C 529 38.04 50.45 11.21
C LYS C 529 37.84 50.47 9.70
N PRO C 530 36.80 51.19 9.25
CA PRO C 530 36.46 51.32 7.82
C PRO C 530 37.61 51.77 6.95
N GLU C 531 38.55 52.50 7.53
CA GLU C 531 39.68 53.03 6.79
C GLU C 531 40.88 52.08 6.68
N SER C 532 40.98 51.16 7.64
CA SER C 532 42.09 50.21 7.64
C SER C 532 42.05 49.20 6.50
N LEU C 533 43.21 48.61 6.23
CA LEU C 533 43.33 47.58 5.20
C LEU C 533 43.20 46.28 6.00
N VAL C 534 42.05 45.63 5.89
CA VAL C 534 41.83 44.40 6.63
C VAL C 534 42.16 43.17 5.78
N ILE C 535 43.15 42.42 6.24
CA ILE C 535 43.59 41.23 5.55
C ILE C 535 43.32 39.97 6.36
N ASP C 536 42.85 38.93 5.68
CA ASP C 536 42.56 37.66 6.33
C ASP C 536 43.45 36.58 5.74
N ILE C 537 44.41 36.12 6.53
CA ILE C 537 45.31 35.07 6.09
C ILE C 537 44.61 33.77 6.49
N ASP C 538 44.10 33.05 5.50
CA ASP C 538 43.35 31.83 5.76
C ASP C 538 43.89 30.56 5.13
N GLY C 539 43.39 29.42 5.61
CA GLY C 539 43.77 28.13 5.08
C GLY C 539 42.58 27.66 4.26
N ASP C 540 42.78 26.69 3.37
CA ASP C 540 41.67 26.22 2.56
C ASP C 540 40.58 25.52 3.38
N ALA C 541 40.99 24.66 4.32
CA ALA C 541 40.02 23.97 5.16
C ALA C 541 39.26 24.97 6.03
N SER C 542 39.98 25.87 6.70
CA SER C 542 39.33 26.87 7.56
C SER C 542 38.32 27.69 6.79
N PHE C 543 38.75 28.20 5.63
CA PHE C 543 37.90 29.04 4.79
C PHE C 543 36.58 28.37 4.46
N ASN C 544 36.63 27.10 4.08
CA ASN C 544 35.44 26.32 3.71
C ASN C 544 34.36 26.33 4.79
N MET C 545 34.77 26.46 6.04
CA MET C 545 33.83 26.45 7.16
C MET C 545 32.80 27.58 7.11
N THR C 546 33.26 28.80 6.86
CA THR C 546 32.36 29.95 6.84
C THR C 546 32.42 30.80 5.58
N LEU C 547 32.86 30.22 4.46
CA LEU C 547 32.96 30.99 3.22
C LEU C 547 31.64 31.62 2.77
N THR C 548 30.54 31.18 3.36
CA THR C 548 29.24 31.72 2.96
C THR C 548 29.15 33.21 3.28
N GLU C 549 29.94 33.67 4.25
CA GLU C 549 29.91 35.08 4.62
C GLU C 549 30.56 35.97 3.56
N LEU C 550 30.99 35.36 2.46
CA LEU C 550 31.61 36.10 1.38
C LEU C 550 30.60 37.15 0.90
N SER C 551 29.35 36.72 0.70
CA SER C 551 28.30 37.62 0.23
C SER C 551 27.96 38.69 1.27
N SER C 552 28.23 38.40 2.53
CA SER C 552 27.98 39.33 3.62
C SER C 552 28.95 40.51 3.57
N ALA C 553 30.15 40.25 3.06
CA ALA C 553 31.18 41.29 2.94
C ALA C 553 30.72 42.30 1.88
N VAL C 554 30.23 41.77 0.77
CA VAL C 554 29.74 42.60 -0.32
C VAL C 554 28.56 43.43 0.15
N GLN C 555 27.59 42.77 0.79
CA GLN C 555 26.39 43.45 1.28
C GLN C 555 26.69 44.48 2.36
N ALA C 556 27.68 44.20 3.21
CA ALA C 556 28.04 45.12 4.29
C ALA C 556 28.98 46.23 3.81
N GLY C 557 29.46 46.11 2.57
CA GLY C 557 30.35 47.12 2.04
C GLY C 557 31.73 47.12 2.67
N THR C 558 32.19 45.95 3.12
CA THR C 558 33.50 45.83 3.74
C THR C 558 34.49 45.22 2.75
N PRO C 559 35.42 46.04 2.22
CA PRO C 559 36.46 45.65 1.26
C PRO C 559 37.59 44.81 1.84
N VAL C 560 37.24 43.75 2.56
CA VAL C 560 38.24 42.87 3.16
C VAL C 560 39.08 42.16 2.11
N LYS C 561 40.34 41.88 2.44
CA LYS C 561 41.22 41.18 1.53
C LYS C 561 41.41 39.77 2.06
N ILE C 562 40.97 38.77 1.29
CA ILE C 562 41.07 37.38 1.71
C ILE C 562 42.19 36.65 1.01
N LEU C 563 43.15 36.17 1.78
CA LEU C 563 44.27 35.42 1.24
C LEU C 563 44.14 33.96 1.66
N ILE C 564 44.15 33.07 0.68
CA ILE C 564 44.04 31.64 0.97
C ILE C 564 45.32 30.91 0.62
N LEU C 565 46.05 30.47 1.64
CA LEU C 565 47.27 29.71 1.41
C LEU C 565 46.76 28.29 1.19
N ASN C 566 46.51 27.97 -0.06
CA ASN C 566 45.97 26.67 -0.42
C ASN C 566 46.97 25.52 -0.56
N ASN C 567 47.02 24.67 0.47
CA ASN C 567 47.90 23.50 0.46
C ASN C 567 47.02 22.25 0.29
N GLU C 568 45.73 22.47 0.04
CA GLU C 568 44.76 21.42 -0.15
C GLU C 568 44.76 20.36 0.96
N GLU C 569 44.87 20.81 2.21
CA GLU C 569 44.90 19.88 3.33
C GLU C 569 44.69 20.62 4.66
N GLN C 570 44.49 19.85 5.72
CA GLN C 570 44.33 20.41 7.06
C GLN C 570 45.75 20.40 7.62
N GLY C 571 46.58 21.30 7.10
CA GLY C 571 47.97 21.40 7.51
C GLY C 571 48.36 21.00 8.92
N MET C 572 47.77 21.67 9.91
CA MET C 572 48.12 21.36 11.30
C MET C 572 47.83 19.91 11.70
N VAL C 573 46.72 19.35 11.24
CA VAL C 573 46.39 17.98 11.57
C VAL C 573 47.33 17.02 10.86
N THR C 574 47.54 17.24 9.56
CA THR C 574 48.43 16.39 8.78
C THR C 574 49.83 16.38 9.40
N GLN C 575 50.25 17.53 9.91
CA GLN C 575 51.56 17.66 10.54
C GLN C 575 51.66 16.74 11.76
N TRP C 576 50.60 16.67 12.54
CA TRP C 576 50.60 15.82 13.71
C TRP C 576 50.49 14.36 13.29
N GLN C 577 49.86 14.12 12.14
CA GLN C 577 49.72 12.77 11.63
C GLN C 577 51.06 12.30 11.08
N SER C 578 51.86 13.25 10.57
CA SER C 578 53.18 12.93 10.03
C SER C 578 54.14 12.60 11.17
N LEU C 579 54.09 13.42 12.21
CA LEU C 579 54.97 13.25 13.37
C LEU C 579 54.59 12.15 14.35
N PHE C 580 53.31 12.06 14.71
CA PHE C 580 52.89 11.06 15.69
C PHE C 580 52.11 9.86 15.18
N TYR C 581 51.65 9.89 13.94
CA TYR C 581 50.88 8.75 13.43
C TYR C 581 51.43 8.16 12.14
N GLU C 582 52.76 8.07 12.07
CA GLU C 582 53.47 7.51 10.93
C GLU C 582 52.88 7.83 9.57
N HIS C 583 52.64 9.11 9.31
CA HIS C 583 52.10 9.59 8.05
C HIS C 583 50.77 8.95 7.64
N ARG C 584 49.91 8.68 8.61
CA ARG C 584 48.60 8.09 8.35
C ARG C 584 47.60 9.23 8.33
N TYR C 585 47.40 9.81 7.14
CA TYR C 585 46.48 10.93 6.97
C TYR C 585 45.04 10.48 6.88
N SER C 586 44.38 10.44 8.03
CA SER C 586 43.00 10.02 8.11
C SER C 586 42.00 11.17 7.98
N HIS C 587 41.39 11.26 6.79
CA HIS C 587 40.38 12.27 6.50
C HIS C 587 40.83 13.71 6.68
N THR C 588 42.07 14.00 6.32
CA THR C 588 42.59 15.35 6.46
C THR C 588 42.74 16.07 5.11
N HIS C 589 42.17 15.48 4.07
CA HIS C 589 42.22 16.07 2.72
C HIS C 589 40.82 16.19 2.12
N GLN C 590 40.28 17.40 2.10
CA GLN C 590 38.94 17.64 1.58
C GLN C 590 38.98 18.18 0.14
N LEU C 591 37.86 18.05 -0.55
CA LEU C 591 37.73 18.53 -1.92
C LEU C 591 37.38 20.02 -1.87
N ASN C 592 38.29 20.86 -2.38
CA ASN C 592 38.09 22.30 -2.38
C ASN C 592 37.30 22.79 -3.58
N PRO C 593 36.50 23.85 -3.39
CA PRO C 593 35.76 24.37 -4.53
C PRO C 593 36.72 25.29 -5.29
N ASP C 594 36.35 25.73 -6.48
CA ASP C 594 37.20 26.65 -7.22
C ASP C 594 37.08 27.99 -6.48
N PHE C 595 38.11 28.36 -5.74
CA PHE C 595 38.08 29.61 -4.97
C PHE C 595 37.89 30.89 -5.79
N ILE C 596 38.43 30.93 -7.00
CA ILE C 596 38.28 32.11 -7.83
C ILE C 596 36.85 32.21 -8.34
N LYS C 597 36.33 31.11 -8.87
CA LYS C 597 34.96 31.13 -9.37
C LYS C 597 33.99 31.39 -8.22
N LEU C 598 34.33 30.88 -7.04
CA LEU C 598 33.50 31.07 -5.86
C LEU C 598 33.45 32.55 -5.51
N ALA C 599 34.61 33.19 -5.48
CA ALA C 599 34.72 34.61 -5.17
C ALA C 599 33.83 35.42 -6.11
N GLU C 600 33.94 35.14 -7.40
CA GLU C 600 33.15 35.83 -8.41
C GLU C 600 31.65 35.64 -8.20
N ALA C 601 31.25 34.41 -7.90
CA ALA C 601 29.84 34.10 -7.69
C ALA C 601 29.30 34.86 -6.48
N MET C 602 30.16 35.11 -5.49
CA MET C 602 29.75 35.84 -4.29
C MET C 602 29.75 37.35 -4.54
N GLY C 603 30.31 37.78 -5.67
CA GLY C 603 30.35 39.19 -5.99
C GLY C 603 31.67 39.87 -5.70
N LEU C 604 32.74 39.10 -5.61
CA LEU C 604 34.07 39.65 -5.34
C LEU C 604 35.03 39.39 -6.49
N LYS C 605 36.18 40.05 -6.43
CA LYS C 605 37.21 39.87 -7.43
C LYS C 605 38.03 38.65 -7.01
N GLY C 606 38.31 37.77 -7.95
CA GLY C 606 39.08 36.57 -7.63
C GLY C 606 40.43 36.51 -8.32
N LEU C 607 41.46 36.19 -7.55
CA LEU C 607 42.82 36.09 -8.08
C LEU C 607 43.48 34.80 -7.62
N ARG C 608 44.29 34.19 -8.49
CA ARG C 608 45.00 32.96 -8.17
C ARG C 608 46.46 33.08 -8.58
N VAL C 609 47.34 32.44 -7.81
CA VAL C 609 48.77 32.46 -8.07
C VAL C 609 49.32 31.04 -8.01
N LYS C 610 49.99 30.61 -9.08
CA LYS C 610 50.56 29.27 -9.12
C LYS C 610 52.08 29.33 -9.20
N LYS C 611 52.59 30.23 -10.05
CA LYS C 611 54.03 30.36 -10.24
C LYS C 611 54.70 31.40 -9.35
N GLN C 612 55.92 31.11 -8.94
CA GLN C 612 56.68 32.03 -8.09
C GLN C 612 56.89 33.35 -8.81
N GLU C 613 57.12 33.26 -10.13
CA GLU C 613 57.36 34.44 -10.96
C GLU C 613 56.35 35.57 -10.83
N GLU C 614 55.09 35.24 -10.53
CA GLU C 614 54.07 36.28 -10.42
C GLU C 614 53.47 36.50 -9.04
N LEU C 615 54.12 35.99 -8.00
CA LEU C 615 53.63 36.17 -6.64
C LEU C 615 53.70 37.64 -6.22
N ASP C 616 54.77 38.31 -6.62
CA ASP C 616 54.95 39.72 -6.28
C ASP C 616 53.91 40.62 -6.93
N ALA C 617 53.61 40.35 -8.20
CA ALA C 617 52.63 41.15 -8.92
C ALA C 617 51.23 40.96 -8.32
N LYS C 618 50.84 39.70 -8.14
CA LYS C 618 49.53 39.39 -7.58
C LYS C 618 49.33 40.03 -6.21
N LEU C 619 50.32 39.90 -5.34
CA LEU C 619 50.23 40.49 -4.00
C LEU C 619 49.97 41.99 -4.11
N LYS C 620 50.65 42.65 -5.04
CA LYS C 620 50.49 44.08 -5.24
C LYS C 620 49.06 44.40 -5.68
N GLU C 621 48.59 43.72 -6.72
CA GLU C 621 47.24 43.93 -7.24
C GLU C 621 46.20 43.58 -6.18
N PHE C 622 46.46 42.51 -5.44
CA PHE C 622 45.56 42.04 -4.38
C PHE C 622 45.26 43.15 -3.38
N VAL C 623 46.31 43.72 -2.81
CA VAL C 623 46.15 44.79 -1.84
C VAL C 623 45.61 46.08 -2.45
N SER C 624 46.11 46.42 -3.64
CA SER C 624 45.69 47.64 -4.33
C SER C 624 44.23 47.64 -4.76
N THR C 625 43.65 46.46 -4.90
CA THR C 625 42.26 46.34 -5.34
C THR C 625 41.31 47.15 -4.47
N LYS C 626 40.31 47.74 -5.12
CA LYS C 626 39.31 48.53 -4.42
C LYS C 626 38.10 47.63 -4.19
N GLY C 627 37.70 47.47 -2.94
CA GLY C 627 36.57 46.61 -2.63
C GLY C 627 37.04 45.25 -2.14
N PRO C 628 36.11 44.32 -1.88
CA PRO C 628 36.47 42.99 -1.39
C PRO C 628 37.15 42.15 -2.48
N VAL C 629 38.20 41.43 -2.10
CA VAL C 629 38.93 40.63 -3.05
C VAL C 629 39.51 39.37 -2.41
N LEU C 630 39.63 38.31 -3.21
CA LEU C 630 40.18 37.06 -2.71
C LEU C 630 41.36 36.63 -3.56
N LEU C 631 42.47 36.32 -2.89
CA LEU C 631 43.68 35.87 -3.56
C LEU C 631 44.03 34.48 -3.08
N GLU C 632 44.05 33.52 -4.00
CA GLU C 632 44.39 32.15 -3.66
C GLU C 632 45.81 31.88 -4.12
N VAL C 633 46.66 31.46 -3.19
CA VAL C 633 48.04 31.16 -3.53
C VAL C 633 48.28 29.68 -3.31
N GLU C 634 48.66 28.97 -4.37
CA GLU C 634 48.94 27.55 -4.25
C GLU C 634 50.32 27.41 -3.63
N VAL C 635 50.38 26.82 -2.44
CA VAL C 635 51.65 26.64 -1.74
C VAL C 635 52.03 25.16 -1.62
N ASP C 636 53.29 24.91 -1.30
CA ASP C 636 53.77 23.54 -1.17
C ASP C 636 53.00 22.84 -0.06
N LYS C 637 52.84 21.53 -0.21
CA LYS C 637 52.09 20.73 0.75
C LYS C 637 52.97 19.97 1.73
N LYS C 638 52.37 19.57 2.85
CA LYS C 638 53.06 18.82 3.90
C LYS C 638 54.29 19.55 4.44
N VAL C 639 54.19 20.88 4.53
CA VAL C 639 55.28 21.69 5.05
C VAL C 639 55.03 21.93 6.53
N PRO C 640 55.91 21.42 7.39
CA PRO C 640 55.77 21.58 8.84
C PRO C 640 56.12 22.96 9.39
N VAL C 641 55.46 23.32 10.48
CA VAL C 641 55.69 24.59 11.15
C VAL C 641 56.75 24.36 12.23
N LEU C 642 57.90 25.01 12.09
CA LEU C 642 58.98 24.87 13.06
C LEU C 642 59.43 26.24 13.55
N PRO C 643 59.98 26.31 14.77
CA PRO C 643 60.21 25.17 15.68
C PRO C 643 58.90 24.62 16.24
N MET C 644 59.00 23.51 16.96
CA MET C 644 57.83 22.88 17.57
C MET C 644 58.15 22.21 18.89
N VAL C 645 57.28 22.44 19.88
CA VAL C 645 57.45 21.85 21.20
C VAL C 645 56.15 21.12 21.54
N ALA C 646 56.14 19.81 21.35
CA ALA C 646 54.95 19.02 21.65
C ALA C 646 55.23 17.84 22.57
N GLY C 647 54.16 17.30 23.15
CA GLY C 647 54.30 16.18 24.07
C GLY C 647 54.89 16.58 25.40
N GLY C 648 55.78 15.74 25.92
CA GLY C 648 56.41 16.03 27.20
C GLY C 648 57.63 16.89 27.02
N SER C 649 57.91 17.26 25.77
CA SER C 649 59.06 18.10 25.46
C SER C 649 58.98 19.43 26.19
N GLY C 650 60.14 20.00 26.52
CA GLY C 650 60.16 21.28 27.21
C GLY C 650 60.36 22.40 26.20
N LEU C 651 60.16 23.64 26.64
CA LEU C 651 60.33 24.79 25.75
C LEU C 651 61.73 24.88 25.14
N ASP C 652 62.68 24.20 25.75
CA ASP C 652 64.05 24.20 25.25
C ASP C 652 64.37 22.92 24.49
N GLU C 653 63.48 21.93 24.61
CA GLU C 653 63.64 20.66 23.92
C GLU C 653 62.79 20.65 22.66
N PHE C 654 62.90 21.72 21.88
CA PHE C 654 62.14 21.88 20.65
C PHE C 654 62.74 21.14 19.45
N ILE C 655 62.01 21.18 18.34
CA ILE C 655 62.43 20.55 17.10
C ILE C 655 62.65 21.67 16.10
N ASN C 656 63.90 21.86 15.68
CA ASN C 656 64.23 22.93 14.73
C ASN C 656 64.21 22.43 13.29
N PHE C 657 64.30 23.36 12.34
CA PHE C 657 64.29 23.03 10.92
C PHE C 657 65.61 22.42 10.47
N ASP C 658 65.52 21.46 9.56
CA ASP C 658 66.68 20.78 9.01
C ASP C 658 66.34 20.38 7.58
N PRO C 659 66.93 21.05 6.58
CA PRO C 659 66.70 20.80 5.15
C PRO C 659 66.91 19.35 4.73
N GLU C 660 67.90 18.71 5.33
CA GLU C 660 68.24 17.32 5.02
C GLU C 660 67.21 16.36 5.62
N VAL C 661 66.58 16.77 6.72
CA VAL C 661 65.58 15.95 7.38
C VAL C 661 64.25 15.99 6.61
N GLU C 662 63.92 17.15 6.06
CA GLU C 662 62.70 17.33 5.29
C GLU C 662 62.75 16.49 4.01
N ARG C 663 63.94 16.43 3.41
CA ARG C 663 64.15 15.67 2.18
C ARG C 663 63.91 14.19 2.43
N GLN C 664 64.43 13.69 3.55
CA GLN C 664 64.26 12.28 3.91
C GLN C 664 62.83 12.03 4.37
N GLN C 665 62.22 13.04 4.99
CA GLN C 665 60.84 12.94 5.45
C GLN C 665 59.94 12.82 4.23
N THR C 666 60.27 13.57 3.19
CA THR C 666 59.51 13.57 1.95
C THR C 666 59.51 12.18 1.31
N GLU C 667 60.68 11.59 1.17
CA GLU C 667 60.80 10.27 0.56
C GLU C 667 60.07 9.25 1.42
N LEU C 668 60.19 9.39 2.74
CA LEU C 668 59.53 8.48 3.67
C LEU C 668 58.01 8.63 3.59
N ARG C 669 57.56 9.86 3.38
CA ARG C 669 56.13 10.14 3.27
C ARG C 669 55.58 9.55 1.98
N HIS C 670 56.42 9.49 0.94
CA HIS C 670 55.99 8.93 -0.34
C HIS C 670 55.84 7.42 -0.29
N LYS C 671 56.79 6.73 0.33
CA LYS C 671 56.75 5.28 0.42
C LYS C 671 55.54 4.78 1.23
N ARG C 672 55.19 5.53 2.28
CA ARG C 672 54.07 5.16 3.13
C ARG C 672 52.71 5.45 2.52
N THR C 673 52.62 6.54 1.76
CA THR C 673 51.36 6.92 1.13
C THR C 673 51.27 6.43 -0.31
N GLY C 674 52.30 5.72 -0.75
CA GLY C 674 52.31 5.22 -2.12
C GLY C 674 52.46 6.33 -3.15
N GLY C 675 53.18 7.39 -2.79
CA GLY C 675 53.40 8.49 -3.70
C GLY C 675 52.27 9.50 -3.74
N LYS C 676 51.14 9.19 -3.11
CA LYS C 676 50.00 10.09 -3.09
C LYS C 676 50.28 11.38 -2.34
N HIS C 677 51.13 11.32 -1.33
CA HIS C 677 51.48 12.50 -0.55
C HIS C 677 52.99 12.56 -0.29
N MET D 75 34.26 -12.24 32.69
CA MET D 75 35.15 -11.24 32.11
C MET D 75 35.47 -11.52 30.65
N ASP D 76 35.86 -10.46 29.94
CA ASP D 76 36.21 -10.56 28.53
C ASP D 76 37.61 -9.97 28.34
N THR D 77 38.47 -10.72 27.67
CA THR D 77 39.84 -10.29 27.46
C THR D 77 40.15 -10.02 25.99
N SER D 78 39.18 -10.24 25.13
CA SER D 78 39.35 -10.06 23.69
C SER D 78 39.84 -8.68 23.25
N PHE D 79 39.58 -7.64 24.06
CA PHE D 79 40.03 -6.30 23.68
C PHE D 79 41.36 -5.93 24.32
N VAL D 80 41.88 -6.81 25.18
CA VAL D 80 43.13 -6.52 25.84
C VAL D 80 44.25 -6.37 24.82
N GLY D 81 44.98 -5.27 24.91
CA GLY D 81 46.06 -5.01 23.98
C GLY D 81 45.71 -3.96 22.94
N LEU D 82 44.42 -3.65 22.82
CA LEU D 82 43.96 -2.65 21.85
C LEU D 82 43.84 -1.27 22.46
N THR D 83 43.96 -0.25 21.62
CA THR D 83 43.83 1.14 22.06
C THR D 83 42.33 1.47 22.13
N GLY D 84 41.99 2.60 22.76
CA GLY D 84 40.60 2.97 22.85
C GLY D 84 40.05 3.23 21.45
N GLY D 85 40.89 3.79 20.58
CA GLY D 85 40.47 4.06 19.22
C GLY D 85 40.10 2.78 18.51
N GLN D 86 40.98 1.78 18.63
CA GLN D 86 40.76 0.49 17.99
C GLN D 86 39.51 -0.20 18.54
N ILE D 87 39.24 0.02 19.83
CA ILE D 87 38.05 -0.58 20.43
C ILE D 87 36.83 0.16 19.90
N PHE D 88 36.96 1.46 19.67
CA PHE D 88 35.87 2.26 19.14
C PHE D 88 35.51 1.68 17.78
N ASN D 89 36.54 1.52 16.94
CA ASN D 89 36.41 0.98 15.59
C ASN D 89 35.69 -0.36 15.64
N GLU D 90 36.12 -1.23 16.56
CA GLU D 90 35.53 -2.56 16.73
C GLU D 90 34.08 -2.50 17.15
N MET D 91 33.75 -1.57 18.04
CA MET D 91 32.38 -1.41 18.54
C MET D 91 31.41 -0.92 17.46
N MET D 92 31.92 -0.14 16.51
CA MET D 92 31.08 0.38 15.44
C MET D 92 30.45 -0.75 14.63
N SER D 93 31.23 -1.76 14.27
CA SER D 93 30.68 -2.87 13.50
C SER D 93 29.79 -3.75 14.38
N ARG D 94 30.02 -3.70 15.69
CA ARG D 94 29.21 -4.49 16.61
C ARG D 94 27.84 -3.81 16.79
N GLN D 95 27.79 -2.52 16.50
CA GLN D 95 26.55 -1.75 16.60
C GLN D 95 25.89 -1.62 15.23
N ASN D 96 26.41 -2.35 14.26
CA ASN D 96 25.86 -2.33 12.91
C ASN D 96 25.95 -0.95 12.25
N VAL D 97 27.03 -0.23 12.52
CA VAL D 97 27.22 1.09 11.95
C VAL D 97 27.93 0.98 10.59
N ASP D 98 27.31 1.47 9.53
CA ASP D 98 27.93 1.40 8.21
C ASP D 98 28.37 2.77 7.68
N THR D 99 28.01 3.82 8.43
CA THR D 99 28.35 5.17 8.03
C THR D 99 28.66 6.08 9.21
N VAL D 100 29.72 6.86 9.08
CA VAL D 100 30.11 7.81 10.11
C VAL D 100 30.35 9.18 9.48
N PHE D 101 29.75 10.21 10.06
CA PHE D 101 29.91 11.58 9.57
C PHE D 101 30.78 12.33 10.57
N GLY D 102 31.84 12.97 10.09
CA GLY D 102 32.70 13.70 11.01
C GLY D 102 33.78 14.54 10.37
N TYR D 103 34.52 15.25 11.22
CA TYR D 103 35.60 16.11 10.81
C TYR D 103 36.71 15.89 11.83
N PRO D 104 37.92 15.55 11.36
CA PRO D 104 39.04 15.30 12.29
C PRO D 104 39.55 16.53 13.05
N GLY D 105 40.26 16.26 14.13
CA GLY D 105 40.81 17.31 14.97
C GLY D 105 41.85 16.70 15.90
N GLY D 106 42.60 17.55 16.60
CA GLY D 106 43.63 17.07 17.50
C GLY D 106 43.20 16.09 18.57
N ALA D 107 42.26 16.49 19.41
CA ALA D 107 41.78 15.66 20.50
C ALA D 107 41.22 14.31 20.06
N ILE D 108 40.66 14.25 18.86
CA ILE D 108 40.06 13.02 18.36
C ILE D 108 40.96 12.22 17.42
N LEU D 109 42.23 12.60 17.31
CA LEU D 109 43.17 11.90 16.42
C LEU D 109 43.35 10.40 16.68
N PRO D 110 43.46 10.00 17.97
CA PRO D 110 43.63 8.56 18.24
C PRO D 110 42.52 7.71 17.63
N VAL D 111 41.31 8.27 17.59
CA VAL D 111 40.18 7.53 17.03
C VAL D 111 40.30 7.53 15.51
N TYR D 112 40.66 8.68 14.93
CA TYR D 112 40.81 8.77 13.48
C TYR D 112 41.93 7.86 12.99
N ASP D 113 43.02 7.79 13.75
CA ASP D 113 44.13 6.94 13.34
C ASP D 113 43.67 5.48 13.34
N ALA D 114 42.74 5.15 14.23
CA ALA D 114 42.24 3.78 14.33
C ALA D 114 41.19 3.44 13.25
N ILE D 115 40.52 4.45 12.72
CA ILE D 115 39.52 4.18 11.69
C ILE D 115 40.07 4.49 10.31
N HIS D 116 41.36 4.77 10.24
CA HIS D 116 42.03 5.07 8.98
C HIS D 116 41.90 3.90 8.00
N ASN D 117 41.33 4.17 6.83
CA ASN D 117 41.15 3.15 5.79
C ASN D 117 40.31 1.97 6.25
N SER D 118 39.60 2.13 7.36
CA SER D 118 38.77 1.05 7.87
C SER D 118 37.72 0.66 6.85
N ASP D 119 37.48 -0.63 6.72
CA ASP D 119 36.48 -1.14 5.78
C ASP D 119 35.16 -1.37 6.51
N LYS D 120 35.15 -1.15 7.81
CA LYS D 120 33.94 -1.36 8.61
C LYS D 120 32.81 -0.40 8.27
N PHE D 121 33.13 0.73 7.65
CA PHE D 121 32.09 1.70 7.33
C PHE D 121 32.55 2.85 6.45
N ASN D 122 31.59 3.48 5.77
CA ASN D 122 31.87 4.62 4.90
C ASN D 122 31.97 5.86 5.78
N PHE D 123 32.99 6.68 5.54
CA PHE D 123 33.16 7.90 6.30
C PHE D 123 32.79 9.08 5.41
N VAL D 124 31.96 9.98 5.92
CA VAL D 124 31.56 11.14 5.14
C VAL D 124 32.11 12.42 5.77
N LEU D 125 32.86 13.16 4.96
CA LEU D 125 33.50 14.38 5.41
C LEU D 125 32.78 15.63 4.90
N PRO D 126 32.40 16.54 5.82
CA PRO D 126 31.71 17.78 5.47
C PRO D 126 32.76 18.90 5.53
N LYS D 127 32.32 20.14 5.35
CA LYS D 127 33.24 21.27 5.43
C LYS D 127 33.10 21.93 6.79
N HIS D 128 31.99 21.63 7.46
CA HIS D 128 31.67 22.19 8.78
C HIS D 128 30.96 21.12 9.61
N GLU D 129 31.30 21.01 10.89
CA GLU D 129 30.69 20.01 11.76
C GLU D 129 29.14 20.06 11.77
N GLN D 130 28.57 21.25 11.62
CA GLN D 130 27.12 21.37 11.60
C GLN D 130 26.60 20.52 10.44
N GLY D 131 27.38 20.49 9.36
CA GLY D 131 26.99 19.70 8.20
C GLY D 131 26.98 18.23 8.55
N ALA D 132 27.98 17.80 9.30
CA ALA D 132 28.09 16.40 9.72
C ALA D 132 26.86 16.05 10.54
N GLY D 133 26.48 16.96 11.44
CA GLY D 133 25.33 16.74 12.28
C GLY D 133 24.03 16.60 11.49
N HIS D 134 23.74 17.57 10.62
CA HIS D 134 22.51 17.52 9.84
C HIS D 134 22.52 16.36 8.84
N MET D 135 23.69 15.98 8.36
CA MET D 135 23.79 14.86 7.44
C MET D 135 23.41 13.59 8.19
N ALA D 136 23.87 13.48 9.43
CA ALA D 136 23.58 12.32 10.26
C ALA D 136 22.07 12.26 10.51
N GLU D 137 21.45 13.43 10.71
CA GLU D 137 20.01 13.45 10.94
C GLU D 137 19.27 12.97 9.70
N GLY D 138 19.66 13.48 8.53
CA GLY D 138 19.01 13.06 7.30
C GLY D 138 19.20 11.58 7.08
N TYR D 139 20.40 11.10 7.38
CA TYR D 139 20.72 9.68 7.23
C TYR D 139 19.81 8.83 8.13
N ALA D 140 19.65 9.24 9.38
CA ALA D 140 18.82 8.52 10.33
C ALA D 140 17.35 8.54 9.98
N ARG D 141 16.87 9.68 9.52
CA ARG D 141 15.47 9.81 9.16
C ARG D 141 15.14 9.00 7.91
N ALA D 142 16.14 8.78 7.06
CA ALA D 142 15.90 8.03 5.83
C ALA D 142 16.13 6.53 5.97
N SER D 143 17.02 6.12 6.87
CA SER D 143 17.32 4.71 7.03
C SER D 143 16.67 4.02 8.23
N GLY D 144 16.39 4.80 9.27
CA GLY D 144 15.81 4.21 10.46
C GLY D 144 16.92 3.79 11.42
N LYS D 145 18.17 4.00 11.01
CA LYS D 145 19.31 3.67 11.85
C LYS D 145 19.81 4.95 12.50
N PRO D 146 20.50 4.85 13.64
CA PRO D 146 21.01 6.06 14.29
C PRO D 146 22.15 6.73 13.52
N GLY D 147 22.14 8.06 13.48
CA GLY D 147 23.19 8.79 12.80
C GLY D 147 24.38 8.90 13.72
N VAL D 148 25.58 8.62 13.21
CA VAL D 148 26.79 8.69 14.03
C VAL D 148 27.69 9.85 13.62
N VAL D 149 28.10 10.64 14.60
CA VAL D 149 28.94 11.79 14.35
C VAL D 149 30.24 11.67 15.14
N LEU D 150 31.35 12.02 14.49
CA LEU D 150 32.66 11.96 15.12
C LEU D 150 33.42 13.25 14.89
N VAL D 151 33.48 14.11 15.89
CA VAL D 151 34.18 15.38 15.75
C VAL D 151 35.20 15.57 16.88
N THR D 152 36.02 16.60 16.76
CA THR D 152 37.04 16.87 17.77
C THR D 152 36.48 17.70 18.90
N SER D 153 37.34 18.05 19.86
CA SER D 153 36.96 18.83 21.03
C SER D 153 36.74 20.31 20.72
N GLY D 154 36.41 21.06 21.77
CA GLY D 154 36.21 22.49 21.63
C GLY D 154 35.24 22.93 20.54
N PRO D 155 35.72 23.69 19.55
CA PRO D 155 34.92 24.19 18.42
C PRO D 155 34.24 23.09 17.63
N GLY D 156 34.87 21.92 17.55
CA GLY D 156 34.26 20.82 16.84
C GLY D 156 32.97 20.41 17.52
N ALA D 157 32.98 20.40 18.86
CA ALA D 157 31.83 20.00 19.64
C ALA D 157 30.74 21.09 19.69
N THR D 158 31.15 22.33 19.90
CA THR D 158 30.17 23.41 19.95
C THR D 158 29.47 23.54 18.60
N ASN D 159 30.17 23.20 17.52
CA ASN D 159 29.61 23.27 16.18
C ASN D 159 28.52 22.26 15.89
N VAL D 160 28.34 21.26 16.75
CA VAL D 160 27.28 20.27 16.54
C VAL D 160 26.12 20.45 17.50
N VAL D 161 26.13 21.53 18.28
CA VAL D 161 25.06 21.79 19.23
C VAL D 161 23.71 21.98 18.56
N THR D 162 23.67 22.77 17.49
CA THR D 162 22.42 23.01 16.77
C THR D 162 21.83 21.71 16.25
N PRO D 163 22.65 20.86 15.60
CA PRO D 163 22.13 19.58 15.09
C PRO D 163 21.58 18.71 16.24
N MET D 164 22.22 18.75 17.40
CA MET D 164 21.75 17.94 18.53
C MET D 164 20.42 18.49 19.03
N ALA D 165 20.34 19.80 19.18
CA ALA D 165 19.10 20.44 19.64
C ALA D 165 17.99 20.13 18.63
N ASP D 166 18.38 20.06 17.36
CA ASP D 166 17.43 19.78 16.28
C ASP D 166 16.92 18.33 16.37
N ALA D 167 17.83 17.39 16.57
CA ALA D 167 17.48 15.98 16.69
C ALA D 167 16.68 15.75 17.98
N PHE D 168 16.99 16.52 19.02
CA PHE D 168 16.29 16.41 20.30
C PHE D 168 14.84 16.82 20.13
N ALA D 169 14.62 17.89 19.37
CA ALA D 169 13.29 18.41 19.12
C ALA D 169 12.43 17.48 18.26
N ASP D 170 13.03 16.88 17.23
CA ASP D 170 12.28 15.99 16.35
C ASP D 170 12.40 14.48 16.64
N GLY D 171 13.00 14.12 17.77
CA GLY D 171 13.15 12.73 18.12
C GLY D 171 13.92 11.90 17.10
N ILE D 172 15.12 12.35 16.76
CA ILE D 172 15.95 11.66 15.78
C ILE D 172 17.13 10.95 16.46
N PRO D 173 17.25 9.63 16.25
CA PRO D 173 18.34 8.85 16.86
C PRO D 173 19.70 9.27 16.33
N MET D 174 20.58 9.69 17.22
CA MET D 174 21.91 10.11 16.84
C MET D 174 22.88 9.92 18.01
N VAL D 175 24.08 9.46 17.70
CA VAL D 175 25.10 9.26 18.71
C VAL D 175 26.27 10.17 18.33
N VAL D 176 26.47 11.22 19.11
CA VAL D 176 27.56 12.15 18.84
C VAL D 176 28.80 11.85 19.68
N PHE D 177 29.92 11.60 19.02
CA PHE D 177 31.18 11.33 19.70
C PHE D 177 32.07 12.57 19.56
N THR D 178 32.44 13.16 20.69
CA THR D 178 33.29 14.35 20.66
C THR D 178 34.62 14.09 21.33
N GLY D 179 35.70 14.50 20.66
CA GLY D 179 37.01 14.33 21.23
C GLY D 179 37.09 15.31 22.38
N GLN D 180 37.92 15.01 23.37
CA GLN D 180 38.07 15.89 24.51
C GLN D 180 39.54 15.94 24.88
N VAL D 181 39.97 17.01 25.53
CA VAL D 181 41.36 17.13 25.93
C VAL D 181 41.62 16.04 26.98
N PRO D 182 42.90 15.67 27.18
CA PRO D 182 43.27 14.63 28.16
C PRO D 182 42.61 14.85 29.51
N THR D 183 42.31 13.77 30.21
CA THR D 183 41.68 13.86 31.52
C THR D 183 42.45 14.77 32.48
N SER D 184 43.77 14.76 32.37
CA SER D 184 44.62 15.57 33.23
C SER D 184 44.55 17.06 32.92
N ALA D 185 44.00 17.41 31.76
CA ALA D 185 43.90 18.81 31.36
C ALA D 185 42.48 19.37 31.55
N ILE D 186 41.51 18.48 31.72
CA ILE D 186 40.13 18.89 31.91
C ILE D 186 39.96 19.81 33.12
N GLY D 187 39.45 21.01 32.88
CA GLY D 187 39.25 21.96 33.96
C GLY D 187 40.37 22.97 34.11
N THR D 188 41.36 22.92 33.23
CA THR D 188 42.49 23.84 33.29
C THR D 188 42.41 24.87 32.18
N ASP D 189 41.24 24.99 31.56
CA ASP D 189 41.06 25.94 30.46
C ASP D 189 42.07 25.57 29.38
N ALA D 190 42.16 24.27 29.10
CA ALA D 190 43.07 23.73 28.11
C ALA D 190 42.74 24.14 26.68
N PHE D 191 43.71 23.94 25.79
CA PHE D 191 43.55 24.28 24.39
C PHE D 191 42.38 23.50 23.78
N GLN D 192 41.46 24.23 23.16
CA GLN D 192 40.28 23.62 22.53
C GLN D 192 39.44 22.78 23.50
N GLU D 193 39.30 23.28 24.72
CA GLU D 193 38.50 22.59 25.74
C GLU D 193 37.17 23.28 25.89
N ALA D 194 36.12 22.50 26.08
CA ALA D 194 34.78 23.03 26.28
C ALA D 194 34.01 22.07 27.16
N ASP D 195 33.13 22.60 27.99
CA ASP D 195 32.31 21.76 28.86
C ASP D 195 31.16 21.24 27.99
N VAL D 196 31.52 20.33 27.08
CA VAL D 196 30.56 19.74 26.14
C VAL D 196 29.44 18.98 26.83
N VAL D 197 29.77 18.29 27.92
CA VAL D 197 28.78 17.54 28.67
C VAL D 197 27.77 18.49 29.31
N GLY D 198 28.25 19.64 29.79
CA GLY D 198 27.35 20.60 30.40
C GLY D 198 26.53 21.32 29.35
N ILE D 199 27.21 21.79 28.31
CA ILE D 199 26.56 22.50 27.21
C ILE D 199 25.41 21.71 26.60
N SER D 200 25.66 20.44 26.29
CA SER D 200 24.67 19.59 25.65
C SER D 200 23.69 18.82 26.52
N ARG D 201 23.65 19.10 27.82
CA ARG D 201 22.73 18.38 28.69
C ARG D 201 21.27 18.56 28.34
N SER D 202 20.88 19.80 28.03
CA SER D 202 19.50 20.07 27.67
C SER D 202 19.09 19.63 26.26
N CYS D 203 20.06 19.28 25.42
CA CYS D 203 19.72 18.87 24.06
C CYS D 203 20.09 17.44 23.67
N THR D 204 20.23 16.57 24.66
CA THR D 204 20.52 15.16 24.43
C THR D 204 19.69 14.36 25.43
N LYS D 205 19.35 13.13 25.09
CA LYS D 205 18.56 12.29 26.00
C LYS D 205 19.47 11.87 27.14
N TRP D 206 20.78 11.94 26.88
CA TRP D 206 21.77 11.52 27.85
C TRP D 206 23.15 11.77 27.27
N ASN D 207 24.12 12.01 28.14
CA ASN D 207 25.49 12.21 27.69
C ASN D 207 26.45 11.77 28.79
N VAL D 208 27.71 11.56 28.42
CA VAL D 208 28.69 11.10 29.38
C VAL D 208 30.10 11.33 28.88
N MET D 209 31.04 11.42 29.81
CA MET D 209 32.43 11.56 29.45
C MET D 209 33.10 10.28 29.91
N VAL D 210 33.65 9.53 28.95
CA VAL D 210 34.32 8.28 29.27
C VAL D 210 35.59 8.62 30.05
N LYS D 211 35.73 8.03 31.23
CA LYS D 211 36.89 8.31 32.09
C LYS D 211 38.04 7.33 31.97
N SER D 212 37.78 6.14 31.43
CA SER D 212 38.83 5.14 31.26
C SER D 212 38.51 4.28 30.05
N VAL D 213 39.53 3.71 29.45
CA VAL D 213 39.34 2.86 28.29
C VAL D 213 38.54 1.62 28.67
N GLU D 214 38.62 1.23 29.95
CA GLU D 214 37.89 0.05 30.41
C GLU D 214 36.37 0.20 30.25
N GLU D 215 35.86 1.41 30.36
CA GLU D 215 34.41 1.60 30.24
C GLU D 215 33.94 2.15 28.91
N LEU D 216 34.85 2.23 27.95
CA LEU D 216 34.48 2.75 26.63
C LEU D 216 33.40 1.90 25.98
N PRO D 217 33.55 0.57 26.01
CA PRO D 217 32.54 -0.30 25.40
C PRO D 217 31.17 -0.14 26.07
N LEU D 218 31.18 -0.04 27.40
CA LEU D 218 29.94 0.11 28.16
C LEU D 218 29.21 1.39 27.75
N ARG D 219 29.94 2.49 27.72
CA ARG D 219 29.33 3.76 27.36
C ARG D 219 28.81 3.77 25.94
N ILE D 220 29.55 3.15 25.03
CA ILE D 220 29.13 3.09 23.64
C ILE D 220 27.80 2.35 23.53
N ASN D 221 27.69 1.21 24.19
CA ASN D 221 26.46 0.42 24.16
C ASN D 221 25.27 1.12 24.79
N GLU D 222 25.51 1.83 25.90
CA GLU D 222 24.43 2.55 26.56
C GLU D 222 23.96 3.69 25.65
N ALA D 223 24.92 4.35 24.99
CA ALA D 223 24.60 5.46 24.09
C ALA D 223 23.68 5.03 22.96
N PHE D 224 24.04 3.96 22.27
CA PHE D 224 23.21 3.49 21.15
C PHE D 224 21.85 2.99 21.60
N GLU D 225 21.78 2.42 22.79
CA GLU D 225 20.51 1.91 23.30
C GLU D 225 19.55 3.04 23.65
N ILE D 226 20.07 4.04 24.35
CA ILE D 226 19.27 5.18 24.75
C ILE D 226 18.78 5.99 23.54
N ALA D 227 19.69 6.21 22.59
CA ALA D 227 19.34 6.98 21.40
C ALA D 227 18.27 6.30 20.55
N THR D 228 18.24 4.98 20.56
CA THR D 228 17.27 4.25 19.73
C THR D 228 16.01 3.75 20.42
N SER D 229 15.93 3.87 21.74
CA SER D 229 14.76 3.39 22.48
C SER D 229 13.78 4.51 22.87
N GLY D 230 12.63 4.12 23.42
CA GLY D 230 11.61 5.08 23.81
C GLY D 230 11.39 6.03 22.63
N ARG D 231 11.43 7.33 22.88
CA ARG D 231 11.32 8.26 21.77
C ARG D 231 12.77 8.43 21.32
N PRO D 232 13.09 8.05 20.07
CA PRO D 232 14.48 8.19 19.61
C PRO D 232 15.00 9.60 19.87
N GLY D 233 16.32 9.73 20.01
CA GLY D 233 16.90 11.03 20.26
C GLY D 233 18.41 11.02 20.23
N PRO D 234 19.05 12.19 20.37
CA PRO D 234 20.51 12.26 20.36
C PRO D 234 21.14 12.05 21.73
N VAL D 235 22.36 11.52 21.72
CA VAL D 235 23.14 11.29 22.94
C VAL D 235 24.57 11.71 22.58
N LEU D 236 25.33 12.15 23.57
CA LEU D 236 26.70 12.56 23.32
C LEU D 236 27.69 11.82 24.22
N VAL D 237 28.79 11.37 23.62
CA VAL D 237 29.83 10.65 24.33
C VAL D 237 31.15 11.41 24.19
N ASP D 238 31.63 11.96 25.30
CA ASP D 238 32.87 12.74 25.32
C ASP D 238 34.04 11.77 25.45
N LEU D 239 35.01 11.89 24.53
CA LEU D 239 36.17 10.99 24.50
C LEU D 239 37.52 11.66 24.73
N PRO D 240 38.00 11.68 25.99
CA PRO D 240 39.30 12.29 26.27
C PRO D 240 40.41 11.61 25.46
N LYS D 241 41.32 12.41 24.91
CA LYS D 241 42.41 11.89 24.10
C LYS D 241 43.23 10.79 24.76
N ASP D 242 43.55 10.97 26.04
CA ASP D 242 44.34 9.97 26.75
C ASP D 242 43.59 8.64 26.88
N VAL D 243 42.26 8.73 26.90
CA VAL D 243 41.43 7.53 27.01
C VAL D 243 41.39 6.75 25.70
N THR D 244 41.35 7.46 24.58
CA THR D 244 41.29 6.81 23.28
C THR D 244 42.68 6.38 22.79
N ALA D 245 43.72 7.03 23.30
CA ALA D 245 45.08 6.69 22.93
C ALA D 245 45.57 5.55 23.83
N ALA D 246 44.95 5.40 24.99
CA ALA D 246 45.35 4.36 25.94
C ALA D 246 45.10 2.94 25.42
N ILE D 247 45.89 2.01 25.94
CA ILE D 247 45.77 0.59 25.58
C ILE D 247 45.05 -0.13 26.72
N LEU D 248 44.07 -0.97 26.39
CA LEU D 248 43.33 -1.71 27.40
C LEU D 248 44.24 -2.82 27.96
N ARG D 249 44.58 -2.72 29.23
CA ARG D 249 45.46 -3.70 29.86
C ARG D 249 44.75 -4.53 30.94
N ASN D 250 43.44 -4.40 31.02
CA ASN D 250 42.66 -5.14 32.02
C ASN D 250 41.44 -5.78 31.37
N PRO D 251 41.10 -7.01 31.78
CA PRO D 251 39.92 -7.63 31.17
C PRO D 251 38.72 -6.80 31.64
N ILE D 252 37.61 -6.91 30.93
CA ILE D 252 36.41 -6.15 31.29
C ILE D 252 35.19 -7.04 31.19
N PRO D 253 34.13 -6.74 31.97
CA PRO D 253 32.89 -7.51 31.98
C PRO D 253 32.34 -7.78 30.58
N THR D 254 32.06 -9.04 30.29
CA THR D 254 31.53 -9.43 28.99
C THR D 254 30.19 -8.73 28.72
N LYS D 255 29.45 -8.44 29.79
CA LYS D 255 28.15 -7.80 29.67
C LYS D 255 28.24 -6.36 29.17
N THR D 256 29.44 -5.76 29.27
CA THR D 256 29.63 -4.38 28.83
C THR D 256 30.14 -4.28 27.39
N THR D 257 30.37 -5.41 26.74
CA THR D 257 30.86 -5.40 25.37
C THR D 257 29.82 -5.87 24.35
N LEU D 258 28.72 -6.45 24.83
CA LEU D 258 27.67 -6.91 23.94
C LEU D 258 26.46 -5.99 23.88
N PRO D 259 26.10 -5.52 22.68
CA PRO D 259 24.95 -4.63 22.49
C PRO D 259 23.64 -5.23 22.99
N SER D 260 22.59 -4.41 22.99
CA SER D 260 21.27 -4.84 23.45
C SER D 260 21.30 -5.43 24.85
N SER D 268 7.17 -6.84 32.33
CA SER D 268 6.32 -7.00 33.52
C SER D 268 4.90 -7.39 33.12
N ARG D 269 4.44 -8.54 33.61
CA ARG D 269 3.10 -9.03 33.33
C ARG D 269 2.04 -8.04 33.78
N ALA D 270 2.25 -7.41 34.93
CA ALA D 270 1.30 -6.42 35.44
C ALA D 270 1.22 -5.22 34.50
N GLN D 271 2.34 -4.92 33.84
CA GLN D 271 2.39 -3.80 32.91
C GLN D 271 1.67 -4.16 31.62
N ASP D 272 1.92 -5.37 31.11
CA ASP D 272 1.27 -5.82 29.89
C ASP D 272 -0.24 -5.86 30.11
N GLU D 273 -0.64 -6.28 31.30
CA GLU D 273 -2.05 -6.35 31.65
C GLU D 273 -2.64 -4.93 31.72
N PHE D 274 -1.84 -4.00 32.23
CA PHE D 274 -2.27 -2.60 32.35
C PHE D 274 -2.43 -1.95 30.97
N VAL D 275 -1.51 -2.25 30.07
CA VAL D 275 -1.58 -1.68 28.72
C VAL D 275 -2.76 -2.27 27.98
N MET D 276 -2.93 -3.58 28.10
CA MET D 276 -4.03 -4.25 27.43
C MET D 276 -5.35 -3.73 28.00
N GLN D 277 -5.28 -3.25 29.23
CA GLN D 277 -6.44 -2.70 29.91
C GLN D 277 -6.78 -1.36 29.26
N SER D 278 -5.78 -0.52 29.06
CA SER D 278 -6.00 0.78 28.44
C SER D 278 -6.43 0.59 26.99
N ILE D 279 -5.91 -0.46 26.34
CA ILE D 279 -6.25 -0.75 24.96
C ILE D 279 -7.74 -1.07 24.83
N ASN D 280 -8.24 -1.91 25.73
CA ASN D 280 -9.66 -2.27 25.69
C ASN D 280 -10.51 -1.02 25.90
N LYS D 281 -10.04 -0.11 26.74
CA LYS D 281 -10.78 1.13 27.00
C LYS D 281 -10.80 1.99 25.74
N ALA D 282 -9.65 2.09 25.08
CA ALA D 282 -9.55 2.89 23.86
C ALA D 282 -10.50 2.34 22.80
N ALA D 283 -10.55 1.01 22.70
CA ALA D 283 -11.41 0.35 21.73
C ALA D 283 -12.88 0.62 22.00
N ASP D 284 -13.27 0.55 23.27
CA ASP D 284 -14.67 0.81 23.63
C ASP D 284 -15.04 2.22 23.20
N LEU D 285 -14.16 3.17 23.50
CA LEU D 285 -14.41 4.56 23.14
C LEU D 285 -14.46 4.75 21.63
N ILE D 286 -13.58 4.07 20.89
CA ILE D 286 -13.59 4.19 19.44
C ILE D 286 -14.87 3.60 18.84
N ASN D 287 -15.32 2.47 19.37
CA ASN D 287 -16.54 1.83 18.88
C ASN D 287 -17.80 2.66 19.15
N LEU D 288 -17.66 3.66 20.00
CA LEU D 288 -18.77 4.53 20.38
C LEU D 288 -18.79 5.85 19.59
N ALA D 289 -17.67 6.19 18.95
CA ALA D 289 -17.54 7.43 18.20
C ALA D 289 -18.41 7.53 16.95
N LYS D 290 -18.90 8.74 16.67
CA LYS D 290 -19.75 9.00 15.51
C LYS D 290 -19.02 9.90 14.52
N LYS D 291 -18.06 10.67 15.02
CA LYS D 291 -17.27 11.59 14.19
C LYS D 291 -15.79 11.50 14.63
N PRO D 292 -15.17 10.33 14.44
CA PRO D 292 -13.77 10.15 14.82
C PRO D 292 -12.76 10.71 13.82
N VAL D 293 -11.58 11.04 14.35
CA VAL D 293 -10.49 11.55 13.53
C VAL D 293 -9.17 11.01 14.07
N LEU D 294 -8.35 10.49 13.16
CA LEU D 294 -7.04 9.99 13.53
C LEU D 294 -6.05 11.13 13.31
N TYR D 295 -5.40 11.54 14.40
CA TYR D 295 -4.42 12.62 14.39
C TYR D 295 -3.07 11.91 14.52
N VAL D 296 -2.45 11.67 13.36
CA VAL D 296 -1.19 10.93 13.25
C VAL D 296 0.10 11.71 13.12
N GLY D 297 1.11 11.31 13.88
CA GLY D 297 2.40 11.99 13.84
C GLY D 297 3.58 11.09 13.53
N ALA D 298 4.79 11.63 13.73
CA ALA D 298 6.04 10.91 13.47
C ALA D 298 6.14 9.54 14.15
N GLY D 299 5.48 9.39 15.30
CA GLY D 299 5.54 8.13 16.02
C GLY D 299 5.11 6.88 15.26
N ILE D 300 4.18 7.03 14.33
CA ILE D 300 3.70 5.89 13.56
C ILE D 300 4.76 5.42 12.57
N LEU D 301 5.75 6.27 12.32
CA LEU D 301 6.83 5.95 11.39
C LEU D 301 8.02 5.31 12.09
N ASN D 302 7.98 5.22 13.41
CA ASN D 302 9.09 4.61 14.12
C ASN D 302 8.95 3.09 14.17
N HIS D 303 8.08 2.55 13.33
CA HIS D 303 7.89 1.11 13.21
C HIS D 303 7.57 0.79 11.76
N ALA D 304 8.23 -0.23 11.22
CA ALA D 304 8.04 -0.62 9.83
C ALA D 304 6.57 -0.89 9.48
N ASP D 305 5.82 -1.46 10.40
CA ASP D 305 4.41 -1.78 10.16
C ASP D 305 3.44 -0.66 10.53
N GLY D 306 3.96 0.46 10.99
CA GLY D 306 3.10 1.57 11.38
C GLY D 306 2.07 1.98 10.33
N PRO D 307 2.52 2.39 9.14
CA PRO D 307 1.61 2.80 8.06
C PRO D 307 0.55 1.76 7.72
N ARG D 308 0.95 0.50 7.62
CA ARG D 308 0.02 -0.57 7.29
C ARG D 308 -1.08 -0.71 8.34
N LEU D 309 -0.71 -0.74 9.61
CA LEU D 309 -1.72 -0.87 10.67
C LEU D 309 -2.60 0.35 10.77
N LEU D 310 -2.01 1.54 10.55
CA LEU D 310 -2.78 2.78 10.60
C LEU D 310 -3.87 2.69 9.55
N LYS D 311 -3.50 2.22 8.36
CA LYS D 311 -4.43 2.08 7.25
C LYS D 311 -5.50 1.06 7.56
N GLU D 312 -5.11 -0.07 8.16
CA GLU D 312 -6.07 -1.11 8.51
C GLU D 312 -7.11 -0.54 9.47
N LEU D 313 -6.66 0.14 10.52
CA LEU D 313 -7.58 0.74 11.48
C LEU D 313 -8.50 1.73 10.77
N SER D 314 -7.88 2.61 9.99
CA SER D 314 -8.64 3.62 9.25
C SER D 314 -9.73 3.00 8.38
N ASP D 315 -9.39 1.92 7.68
CA ASP D 315 -10.36 1.25 6.81
C ASP D 315 -11.40 0.47 7.60
N ARG D 316 -10.94 -0.26 8.61
CA ARG D 316 -11.82 -1.07 9.44
C ARG D 316 -12.94 -0.26 10.10
N ALA D 317 -12.59 0.88 10.71
CA ALA D 317 -13.58 1.70 11.39
C ALA D 317 -14.01 2.94 10.60
N GLN D 318 -13.56 3.04 9.35
CA GLN D 318 -13.91 4.18 8.50
C GLN D 318 -13.59 5.51 9.18
N ILE D 319 -12.34 5.67 9.57
CA ILE D 319 -11.90 6.88 10.26
C ILE D 319 -11.00 7.73 9.38
N PRO D 320 -11.37 9.01 9.16
CA PRO D 320 -10.56 9.91 8.32
C PRO D 320 -9.22 10.19 9.01
N VAL D 321 -8.18 10.38 8.22
CA VAL D 321 -6.84 10.59 8.76
C VAL D 321 -6.14 11.91 8.41
N THR D 322 -5.66 12.60 9.43
CA THR D 322 -4.92 13.83 9.24
C THR D 322 -3.55 13.58 9.88
N THR D 323 -2.49 14.17 9.32
CA THR D 323 -1.16 14.00 9.87
C THR D 323 -0.49 15.34 10.12
N THR D 324 0.50 15.33 11.01
CA THR D 324 1.28 16.52 11.30
C THR D 324 2.31 16.61 10.17
N LEU D 325 3.13 17.66 10.21
CA LEU D 325 4.17 17.84 9.22
C LEU D 325 5.12 16.65 9.25
N GLN D 326 5.43 16.17 10.46
CA GLN D 326 6.34 15.04 10.65
C GLN D 326 5.69 13.67 10.43
N GLY D 327 4.40 13.65 10.14
CA GLY D 327 3.70 12.41 9.89
C GLY D 327 3.42 12.25 8.40
N LEU D 328 3.75 13.28 7.62
CA LEU D 328 3.52 13.22 6.17
C LEU D 328 4.22 12.01 5.58
N GLY D 329 3.48 11.27 4.74
CA GLY D 329 4.04 10.07 4.13
C GLY D 329 3.61 8.80 4.84
N SER D 330 3.05 8.93 6.04
CA SER D 330 2.61 7.75 6.79
C SER D 330 1.24 7.32 6.31
N PHE D 331 0.53 8.20 5.63
CA PHE D 331 -0.79 7.89 5.11
C PHE D 331 -0.84 8.29 3.63
N ASP D 332 -1.39 7.42 2.80
CA ASP D 332 -1.50 7.68 1.38
C ASP D 332 -2.55 8.76 1.11
N GLN D 333 -2.09 9.95 0.76
CA GLN D 333 -2.99 11.08 0.50
C GLN D 333 -3.89 10.89 -0.72
N GLU D 334 -3.73 9.76 -1.42
CA GLU D 334 -4.56 9.47 -2.59
C GLU D 334 -5.86 8.84 -2.08
N ASP D 335 -5.84 8.34 -0.85
CA ASP D 335 -7.02 7.71 -0.23
C ASP D 335 -8.06 8.78 0.11
N PRO D 336 -9.33 8.48 -0.17
CA PRO D 336 -10.43 9.42 0.11
C PRO D 336 -10.52 9.82 1.59
N LYS D 337 -10.02 8.95 2.46
CA LYS D 337 -10.08 9.23 3.89
C LYS D 337 -8.97 10.15 4.39
N SER D 338 -8.11 10.59 3.47
CA SER D 338 -7.03 11.48 3.85
C SER D 338 -7.58 12.89 4.04
N LEU D 339 -7.15 13.55 5.10
CA LEU D 339 -7.59 14.90 5.41
C LEU D 339 -6.42 15.86 5.18
N ASP D 340 -5.27 15.31 4.82
CA ASP D 340 -4.06 16.07 4.59
C ASP D 340 -3.51 16.58 5.92
N MET D 341 -2.64 17.58 5.87
CA MET D 341 -2.03 18.13 7.07
C MET D 341 -2.90 19.10 7.88
N LEU D 342 -2.72 19.09 9.20
CA LEU D 342 -3.48 19.98 10.07
C LEU D 342 -2.54 20.99 10.71
N GLY D 343 -3.08 21.94 11.45
CA GLY D 343 -2.24 22.93 12.12
C GLY D 343 -2.21 24.34 11.54
N MET D 344 -1.25 25.11 12.01
CA MET D 344 -1.05 26.49 11.60
C MET D 344 -1.22 26.73 10.11
N HIS D 345 -0.70 25.83 9.29
CA HIS D 345 -0.81 25.97 7.85
C HIS D 345 -1.42 24.72 7.23
N GLY D 346 -2.21 24.01 8.02
CA GLY D 346 -2.83 22.80 7.52
C GLY D 346 -4.08 23.04 6.71
N CYS D 347 -4.48 22.01 5.97
CA CYS D 347 -5.68 22.05 5.14
C CYS D 347 -6.84 22.45 6.05
N ALA D 348 -7.72 23.31 5.56
CA ALA D 348 -8.85 23.75 6.36
C ALA D 348 -9.76 22.59 6.73
N THR D 349 -9.87 21.61 5.84
CA THR D 349 -10.71 20.45 6.10
C THR D 349 -10.18 19.65 7.29
N ALA D 350 -8.85 19.49 7.35
CA ALA D 350 -8.24 18.76 8.45
C ALA D 350 -8.51 19.47 9.77
N ASN D 351 -8.29 20.78 9.79
CA ASN D 351 -8.51 21.57 11.01
C ASN D 351 -9.97 21.56 11.43
N LEU D 352 -10.89 21.61 10.46
CA LEU D 352 -12.32 21.62 10.77
C LEU D 352 -12.77 20.26 11.28
N ALA D 353 -12.24 19.19 10.69
CA ALA D 353 -12.62 17.86 11.14
C ALA D 353 -12.20 17.72 12.60
N VAL D 354 -11.00 18.20 12.93
CA VAL D 354 -10.47 18.11 14.29
C VAL D 354 -11.27 18.92 15.31
N GLN D 355 -11.80 20.07 14.86
CA GLN D 355 -12.58 20.94 15.73
C GLN D 355 -13.99 20.42 15.95
N ASN D 356 -14.47 19.57 15.04
CA ASN D 356 -15.82 19.04 15.13
C ASN D 356 -15.93 17.56 15.51
N ALA D 357 -14.79 16.89 15.63
CA ALA D 357 -14.78 15.47 15.97
C ALA D 357 -15.18 15.24 17.41
N ASP D 358 -15.84 14.13 17.67
CA ASP D 358 -16.24 13.79 19.03
C ASP D 358 -15.15 12.95 19.66
N LEU D 359 -14.28 12.39 18.82
CA LEU D 359 -13.16 11.59 19.31
C LEU D 359 -11.89 11.83 18.51
N ILE D 360 -10.82 12.14 19.21
CA ILE D 360 -9.53 12.36 18.57
C ILE D 360 -8.57 11.27 19.01
N ILE D 361 -8.14 10.47 18.04
CA ILE D 361 -7.22 9.39 18.30
C ILE D 361 -5.82 9.84 17.90
N ALA D 362 -5.06 10.33 18.88
CA ALA D 362 -3.70 10.82 18.66
C ALA D 362 -2.71 9.65 18.60
N VAL D 363 -2.09 9.48 17.45
CA VAL D 363 -1.14 8.39 17.23
C VAL D 363 0.27 8.90 16.93
N GLY D 364 1.14 8.84 17.94
CA GLY D 364 2.50 9.28 17.76
C GLY D 364 2.63 10.75 17.38
N ALA D 365 1.93 11.62 18.11
CA ALA D 365 1.96 13.06 17.87
C ALA D 365 1.98 13.73 19.24
N ARG D 366 2.70 14.84 19.37
CA ARG D 366 2.79 15.49 20.68
C ARG D 366 1.99 16.77 20.93
N PHE D 367 1.02 17.08 20.08
CA PHE D 367 0.20 18.28 20.27
C PHE D 367 1.07 19.54 20.41
N ASP D 368 2.07 19.72 19.57
CA ASP D 368 2.92 20.91 19.67
C ASP D 368 2.12 22.16 19.32
N ASP D 369 2.65 23.33 19.66
CA ASP D 369 1.94 24.57 19.41
C ASP D 369 1.76 25.00 17.95
N ARG D 370 2.39 24.28 17.01
CA ARG D 370 2.22 24.61 15.59
C ARG D 370 1.02 23.83 15.07
N VAL D 371 0.50 22.92 15.88
CA VAL D 371 -0.63 22.07 15.49
C VAL D 371 -1.96 22.39 16.17
N THR D 372 -1.92 22.63 17.47
CA THR D 372 -3.14 22.89 18.24
C THR D 372 -3.81 24.25 18.06
N GLY D 373 -3.04 25.27 17.66
CA GLY D 373 -3.62 26.58 17.54
C GLY D 373 -3.91 26.99 18.97
N ASN D 374 -4.80 27.94 19.19
CA ASN D 374 -5.13 28.36 20.56
C ASN D 374 -5.58 27.10 21.30
N ILE D 375 -4.76 26.66 22.25
CA ILE D 375 -5.05 25.45 23.01
C ILE D 375 -6.42 25.40 23.71
N SER D 376 -6.90 26.54 24.19
CA SER D 376 -8.20 26.55 24.86
C SER D 376 -9.36 26.38 23.88
N LYS D 377 -9.10 26.65 22.60
CA LYS D 377 -10.13 26.50 21.58
C LYS D 377 -9.95 25.19 20.81
N PHE D 378 -8.97 24.41 21.21
CA PHE D 378 -8.65 23.15 20.55
C PHE D 378 -9.68 22.05 20.77
N ALA D 379 -10.10 21.41 19.67
CA ALA D 379 -11.06 20.32 19.73
C ALA D 379 -12.21 20.52 20.73
N PRO D 380 -13.03 21.57 20.55
CA PRO D 380 -14.14 21.81 21.47
C PRO D 380 -15.17 20.67 21.49
N GLU D 381 -15.39 20.04 20.35
CA GLU D 381 -16.34 18.94 20.28
C GLU D 381 -15.84 17.69 21.01
N ALA D 382 -14.53 17.47 20.99
CA ALA D 382 -13.98 16.31 21.68
C ALA D 382 -14.10 16.54 23.18
N ARG D 383 -13.90 17.78 23.60
CA ARG D 383 -13.99 18.13 25.01
C ARG D 383 -15.44 17.96 25.49
N ARG D 384 -16.40 18.33 24.65
CA ARG D 384 -17.80 18.21 25.02
C ARG D 384 -18.15 16.73 25.13
N ALA D 385 -17.67 15.94 24.17
CA ALA D 385 -17.92 14.51 24.16
C ALA D 385 -17.34 13.86 25.43
N ALA D 386 -16.17 14.32 25.85
CA ALA D 386 -15.55 13.78 27.06
C ALA D 386 -16.38 14.13 28.29
N ALA D 387 -16.91 15.35 28.33
CA ALA D 387 -17.73 15.80 29.43
C ALA D 387 -18.96 14.90 29.57
N GLU D 388 -19.46 14.44 28.44
CA GLU D 388 -20.64 13.58 28.41
C GLU D 388 -20.28 12.09 28.35
N GLY D 389 -19.02 11.77 28.64
CA GLY D 389 -18.56 10.40 28.63
C GLY D 389 -18.80 9.63 27.34
N ARG D 390 -18.79 10.31 26.20
CA ARG D 390 -19.00 9.64 24.92
C ARG D 390 -17.90 9.94 23.90
N GLY D 391 -16.74 10.36 24.36
CA GLY D 391 -15.66 10.66 23.44
C GLY D 391 -14.49 11.37 24.09
N GLY D 392 -13.77 12.17 23.31
CA GLY D 392 -12.64 12.87 23.87
C GLY D 392 -11.35 12.60 23.11
N ILE D 393 -10.28 12.37 23.84
CA ILE D 393 -8.98 12.14 23.23
C ILE D 393 -8.25 10.89 23.72
N ILE D 394 -7.86 10.04 22.78
CA ILE D 394 -7.11 8.83 23.09
C ILE D 394 -5.69 9.15 22.61
N HIS D 395 -4.68 8.77 23.38
CA HIS D 395 -3.31 9.09 23.02
C HIS D 395 -2.34 7.91 23.07
N PHE D 396 -1.89 7.45 21.90
CA PHE D 396 -0.91 6.38 21.83
C PHE D 396 0.46 7.06 21.89
N GLU D 397 1.05 7.08 23.08
CA GLU D 397 2.33 7.74 23.31
C GLU D 397 3.37 6.85 23.98
N VAL D 398 4.60 6.94 23.51
CA VAL D 398 5.69 6.12 24.04
C VAL D 398 6.44 6.77 25.22
N SER D 399 6.46 8.10 25.23
CA SER D 399 7.16 8.82 26.30
C SER D 399 6.22 9.38 27.37
N PRO D 400 6.48 9.03 28.64
CA PRO D 400 5.65 9.50 29.76
C PRO D 400 5.66 11.03 29.90
N LYS D 401 6.71 11.68 29.45
CA LYS D 401 6.77 13.13 29.58
C LYS D 401 5.85 13.87 28.62
N ASN D 402 5.33 13.16 27.61
CA ASN D 402 4.43 13.78 26.64
C ASN D 402 2.99 13.33 26.83
N ILE D 403 2.71 12.63 27.92
CA ILE D 403 1.36 12.19 28.22
C ILE D 403 0.74 13.23 29.16
N ASN D 404 -0.39 13.80 28.76
CA ASN D 404 -1.08 14.81 29.53
C ASN D 404 -0.20 16.04 29.78
N LYS D 405 0.60 16.39 28.79
CA LYS D 405 1.48 17.54 28.92
C LYS D 405 0.85 18.82 28.36
N VAL D 406 0.08 18.69 27.28
CA VAL D 406 -0.54 19.85 26.64
C VAL D 406 -2.06 19.91 26.91
N VAL D 407 -2.73 18.80 26.70
CA VAL D 407 -4.17 18.70 26.93
C VAL D 407 -4.48 17.46 27.76
N GLN D 408 -5.58 17.51 28.49
CA GLN D 408 -5.99 16.37 29.30
C GLN D 408 -6.60 15.32 28.38
N THR D 409 -6.06 14.10 28.43
CA THR D 409 -6.58 13.05 27.56
C THR D 409 -7.39 12.07 28.38
N GLN D 410 -8.40 11.46 27.76
CA GLN D 410 -9.25 10.52 28.44
C GLN D 410 -8.61 9.14 28.60
N ILE D 411 -7.85 8.72 27.60
CA ILE D 411 -7.19 7.41 27.66
C ILE D 411 -5.80 7.46 27.05
N ALA D 412 -4.79 7.12 27.83
CA ALA D 412 -3.43 7.10 27.32
C ALA D 412 -2.97 5.65 27.15
N VAL D 413 -2.55 5.30 25.94
CA VAL D 413 -2.07 3.95 25.67
C VAL D 413 -0.56 4.05 25.55
N GLU D 414 0.14 3.63 26.60
CA GLU D 414 1.60 3.71 26.63
C GLU D 414 2.32 2.64 25.84
N GLY D 415 3.44 3.02 25.24
CA GLY D 415 4.22 2.09 24.46
C GLY D 415 4.26 2.44 23.00
N ASP D 416 4.87 1.56 22.21
CA ASP D 416 4.99 1.76 20.78
C ASP D 416 3.59 1.76 20.17
N ALA D 417 3.28 2.83 19.45
CA ALA D 417 1.96 3.00 18.84
C ALA D 417 1.56 1.87 17.91
N THR D 418 2.44 1.52 16.99
CA THR D 418 2.17 0.47 16.02
C THR D 418 1.82 -0.83 16.74
N THR D 419 2.66 -1.21 17.70
CA THR D 419 2.44 -2.44 18.46
C THR D 419 1.07 -2.44 19.12
N ASN D 420 0.71 -1.32 19.75
CA ASN D 420 -0.58 -1.23 20.42
C ASN D 420 -1.75 -1.22 19.44
N LEU D 421 -1.55 -0.67 18.25
CA LEU D 421 -2.62 -0.67 17.26
C LEU D 421 -2.87 -2.12 16.82
N GLY D 422 -1.78 -2.88 16.73
CA GLY D 422 -1.90 -4.28 16.33
C GLY D 422 -2.72 -5.08 17.34
N LYS D 423 -2.49 -4.84 18.62
CA LYS D 423 -3.20 -5.55 19.68
C LYS D 423 -4.65 -5.14 19.80
N MET D 424 -4.95 -3.89 19.44
CA MET D 424 -6.31 -3.39 19.56
C MET D 424 -7.22 -3.70 18.37
N MET D 425 -6.63 -3.92 17.20
CA MET D 425 -7.40 -4.17 15.99
C MET D 425 -8.63 -5.08 16.16
N SER D 426 -8.42 -6.31 16.62
CA SER D 426 -9.51 -7.26 16.79
C SER D 426 -10.66 -6.78 17.69
N LYS D 427 -10.39 -5.81 18.55
CA LYS D 427 -11.43 -5.29 19.44
C LYS D 427 -12.24 -4.14 18.80
N ILE D 428 -11.81 -3.69 17.62
CA ILE D 428 -12.49 -2.61 16.91
C ILE D 428 -13.62 -3.16 16.05
N PHE D 429 -14.83 -2.66 16.23
CA PHE D 429 -15.98 -3.11 15.47
C PHE D 429 -15.91 -2.59 14.03
N PRO D 430 -16.05 -3.47 13.03
CA PRO D 430 -16.00 -3.02 11.63
C PRO D 430 -17.15 -2.07 11.36
N VAL D 431 -16.89 -0.98 10.65
CA VAL D 431 -17.90 0.01 10.34
C VAL D 431 -18.22 0.02 8.84
N LYS D 432 -19.51 -0.12 8.52
CA LYS D 432 -19.96 -0.14 7.14
C LYS D 432 -19.78 1.22 6.48
N GLU D 433 -20.18 2.28 7.18
CA GLU D 433 -20.04 3.62 6.63
C GLU D 433 -20.36 4.71 7.65
N ARG D 434 -19.98 5.93 7.30
CA ARG D 434 -20.24 7.11 8.13
C ARG D 434 -20.68 8.18 7.14
N SER D 435 -21.85 7.95 6.55
CA SER D 435 -22.42 8.86 5.54
C SER D 435 -22.41 10.33 5.91
N GLU D 436 -23.01 10.65 7.06
CA GLU D 436 -23.09 12.03 7.52
C GLU D 436 -21.73 12.67 7.73
N TRP D 437 -20.88 12.01 8.53
CA TRP D 437 -19.55 12.50 8.83
C TRP D 437 -18.76 12.78 7.56
N PHE D 438 -18.73 11.80 6.65
CA PHE D 438 -18.00 11.96 5.39
C PHE D 438 -18.60 13.04 4.50
N ALA D 439 -19.91 13.19 4.53
CA ALA D 439 -20.57 14.20 3.72
C ALA D 439 -20.09 15.58 4.16
N GLN D 440 -20.05 15.79 5.48
CA GLN D 440 -19.61 17.06 6.02
C GLN D 440 -18.15 17.30 5.64
N ILE D 441 -17.34 16.25 5.70
CA ILE D 441 -15.93 16.37 5.36
C ILE D 441 -15.76 16.71 3.88
N ASN D 442 -16.55 16.08 3.02
CA ASN D 442 -16.45 16.34 1.59
C ASN D 442 -16.92 17.75 1.24
N LYS D 443 -17.90 18.27 1.98
CA LYS D 443 -18.38 19.62 1.72
C LYS D 443 -17.23 20.57 2.00
N TRP D 444 -16.53 20.35 3.11
CA TRP D 444 -15.40 21.18 3.48
C TRP D 444 -14.29 21.11 2.42
N LYS D 445 -13.99 19.89 1.96
CA LYS D 445 -12.94 19.72 0.96
C LYS D 445 -13.21 20.53 -0.30
N LYS D 446 -14.45 20.48 -0.80
CA LYS D 446 -14.80 21.21 -2.00
C LYS D 446 -14.81 22.71 -1.74
N GLU D 447 -15.06 23.09 -0.49
CA GLU D 447 -15.10 24.50 -0.15
C GLU D 447 -13.75 25.12 0.20
N TYR D 448 -12.83 24.32 0.71
CA TYR D 448 -11.53 24.87 1.10
C TYR D 448 -10.29 24.20 0.53
N PRO D 449 -10.14 24.21 -0.80
CA PRO D 449 -8.94 23.58 -1.38
C PRO D 449 -7.72 24.43 -1.06
N TYR D 450 -6.54 23.92 -1.38
CA TYR D 450 -5.30 24.67 -1.16
C TYR D 450 -5.22 25.69 -2.30
N ALA D 451 -6.08 26.70 -2.26
CA ALA D 451 -6.11 27.72 -3.30
C ALA D 451 -5.02 28.78 -3.16
N TYR D 452 -4.63 29.35 -4.29
CA TYR D 452 -3.61 30.39 -4.33
C TYR D 452 -3.70 31.14 -5.65
N MET D 453 -2.99 32.25 -5.75
CA MET D 453 -3.01 33.05 -6.98
C MET D 453 -2.15 32.38 -8.05
N GLU D 454 -2.80 31.77 -9.04
CA GLU D 454 -2.08 31.09 -10.11
C GLU D 454 -1.44 32.08 -11.07
N GLU D 455 -0.51 31.58 -11.90
CA GLU D 455 0.17 32.43 -12.86
C GLU D 455 -0.76 33.09 -13.87
N THR D 456 -0.30 34.22 -14.42
CA THR D 456 -1.02 34.96 -15.45
C THR D 456 0.07 35.35 -16.43
N PRO D 457 -0.29 35.61 -17.70
CA PRO D 457 0.73 35.98 -18.69
C PRO D 457 1.73 37.00 -18.17
N GLY D 458 3.02 36.64 -18.25
CA GLY D 458 4.08 37.53 -17.81
C GLY D 458 4.42 37.52 -16.33
N SER D 459 3.51 37.03 -15.48
CA SER D 459 3.77 37.02 -14.04
C SER D 459 4.95 36.11 -13.70
N LYS D 460 5.56 36.37 -12.55
CA LYS D 460 6.68 35.53 -12.12
C LYS D 460 6.09 34.17 -11.81
N ILE D 461 6.94 33.16 -11.73
CA ILE D 461 6.47 31.82 -11.42
C ILE D 461 6.01 31.76 -9.96
N LYS D 462 4.90 31.07 -9.71
CA LYS D 462 4.37 30.93 -8.36
C LYS D 462 5.05 29.74 -7.67
N PRO D 463 5.51 29.92 -6.42
CA PRO D 463 6.18 28.83 -5.70
C PRO D 463 5.32 27.57 -5.53
N GLN D 464 4.03 27.74 -5.27
CA GLN D 464 3.13 26.60 -5.10
C GLN D 464 3.06 25.77 -6.38
N THR D 465 3.07 26.45 -7.52
CA THR D 465 3.01 25.80 -8.83
C THR D 465 4.24 24.93 -9.06
N VAL D 466 5.40 25.44 -8.66
CA VAL D 466 6.64 24.68 -8.83
C VAL D 466 6.55 23.35 -8.06
N ILE D 467 6.08 23.42 -6.83
CA ILE D 467 5.93 22.22 -6.01
C ILE D 467 5.02 21.19 -6.67
N LYS D 468 3.87 21.65 -7.14
CA LYS D 468 2.92 20.73 -7.79
C LYS D 468 3.51 20.09 -9.02
N LYS D 469 4.20 20.87 -9.85
CA LYS D 469 4.80 20.32 -11.07
C LYS D 469 5.93 19.35 -10.76
N LEU D 470 6.80 19.71 -9.81
CA LEU D 470 7.91 18.84 -9.45
C LEU D 470 7.40 17.54 -8.84
N SER D 471 6.37 17.64 -8.01
CA SER D 471 5.77 16.47 -7.38
C SER D 471 5.41 15.46 -8.44
N LYS D 472 4.75 15.92 -9.51
CA LYS D 472 4.37 15.03 -10.58
C LYS D 472 5.56 14.54 -11.39
N VAL D 473 6.48 15.44 -11.71
CA VAL D 473 7.67 15.07 -12.48
C VAL D 473 8.51 14.01 -11.75
N ALA D 474 8.73 14.22 -10.45
CA ALA D 474 9.52 13.28 -9.65
C ALA D 474 8.80 11.94 -9.55
N ASN D 475 7.51 11.98 -9.26
CA ASN D 475 6.69 10.78 -9.13
C ASN D 475 6.69 9.91 -10.38
N ASP D 476 6.50 10.53 -11.54
CA ASP D 476 6.46 9.78 -12.79
C ASP D 476 7.78 9.10 -13.16
N THR D 477 8.85 9.39 -12.44
CA THR D 477 10.13 8.75 -12.75
C THR D 477 10.06 7.28 -12.36
N GLY D 478 9.20 6.97 -11.40
CA GLY D 478 9.06 5.59 -10.96
C GLY D 478 10.13 5.23 -9.94
N ARG D 479 10.99 6.18 -9.61
CA ARG D 479 12.05 5.94 -8.64
C ARG D 479 11.56 6.29 -7.23
N HIS D 480 12.27 5.82 -6.22
CA HIS D 480 11.91 6.12 -4.86
C HIS D 480 12.39 7.55 -4.62
N VAL D 481 11.48 8.42 -4.19
CA VAL D 481 11.80 9.82 -3.96
C VAL D 481 11.82 10.23 -2.49
N ILE D 482 12.87 10.95 -2.11
CA ILE D 482 13.00 11.44 -0.76
C ILE D 482 13.11 12.96 -0.85
N VAL D 483 12.35 13.65 -0.02
CA VAL D 483 12.34 15.10 -0.02
C VAL D 483 12.80 15.72 1.29
N THR D 484 13.77 16.64 1.21
CA THR D 484 14.26 17.36 2.37
C THR D 484 13.93 18.82 2.05
N THR D 485 14.00 19.69 3.06
CA THR D 485 13.70 21.11 2.84
C THR D 485 14.44 21.96 3.84
N GLY D 486 14.33 23.27 3.65
CA GLY D 486 14.94 24.21 4.57
C GLY D 486 13.76 24.59 5.46
N VAL D 487 13.83 25.76 6.07
CA VAL D 487 12.75 26.22 6.95
C VAL D 487 12.16 27.52 6.41
N GLY D 488 10.84 27.55 6.26
CA GLY D 488 10.19 28.75 5.76
C GLY D 488 8.96 28.44 4.93
N GLN D 489 8.58 29.37 4.05
CA GLN D 489 7.41 29.20 3.20
C GLN D 489 7.54 28.03 2.21
N HIS D 490 8.71 27.91 1.61
CA HIS D 490 8.96 26.84 0.66
C HIS D 490 8.73 25.49 1.35
N GLN D 491 9.08 25.42 2.63
CA GLN D 491 8.90 24.22 3.42
C GLN D 491 7.42 23.89 3.56
N MET D 492 6.63 24.89 3.92
CA MET D 492 5.19 24.72 4.08
C MET D 492 4.52 24.41 2.75
N TRP D 493 5.00 25.04 1.68
CA TRP D 493 4.40 24.79 0.36
C TRP D 493 4.74 23.39 -0.11
N ALA D 494 5.93 22.92 0.24
CA ALA D 494 6.35 21.57 -0.13
C ALA D 494 5.42 20.59 0.60
N ALA D 495 5.18 20.88 1.87
CA ALA D 495 4.32 20.04 2.69
C ALA D 495 2.91 19.96 2.14
N GLN D 496 2.33 21.11 1.81
CA GLN D 496 0.96 21.18 1.31
C GLN D 496 0.70 20.68 -0.10
N HIS D 497 1.53 21.09 -1.06
CA HIS D 497 1.30 20.74 -2.45
C HIS D 497 1.94 19.47 -3.02
N TRP D 498 2.80 18.83 -2.23
CA TRP D 498 3.40 17.59 -2.70
C TRP D 498 2.36 16.53 -2.30
N THR D 499 2.24 15.48 -3.10
CA THR D 499 1.28 14.42 -2.78
C THR D 499 2.03 13.31 -2.07
N TRP D 500 1.89 13.24 -0.75
CA TRP D 500 2.61 12.23 0.03
C TRP D 500 1.95 10.85 0.02
N ARG D 501 2.75 9.83 -0.25
CA ARG D 501 2.25 8.46 -0.33
C ARG D 501 3.15 7.39 0.32
N ASN D 502 4.45 7.66 0.40
CA ASN D 502 5.37 6.68 0.97
C ASN D 502 6.01 7.12 2.27
N PRO D 503 6.22 6.18 3.19
CA PRO D 503 6.84 6.45 4.49
C PRO D 503 8.33 6.74 4.42
N HIS D 504 8.77 7.70 5.23
CA HIS D 504 10.18 8.09 5.28
C HIS D 504 10.64 8.79 4.00
N THR D 505 9.75 9.59 3.41
CA THR D 505 10.08 10.33 2.19
C THR D 505 10.09 11.84 2.40
N PHE D 506 9.71 12.31 3.58
CA PHE D 506 9.72 13.74 3.88
C PHE D 506 10.62 13.95 5.09
N ILE D 507 11.76 14.58 4.85
CA ILE D 507 12.73 14.84 5.89
C ILE D 507 12.87 16.35 6.07
N THR D 508 12.32 16.87 7.16
CA THR D 508 12.34 18.31 7.41
C THR D 508 12.48 18.63 8.89
N SER D 509 13.03 19.81 9.20
CA SER D 509 13.22 20.25 10.58
C SER D 509 11.96 20.94 11.08
N GLY D 510 11.20 20.24 11.92
CA GLY D 510 9.95 20.80 12.40
C GLY D 510 9.92 21.42 13.80
N GLY D 511 10.50 20.71 14.77
CA GLY D 511 10.50 21.20 16.14
C GLY D 511 11.32 22.44 16.37
N LEU D 512 12.60 22.38 16.00
CA LEU D 512 13.50 23.51 16.18
C LEU D 512 13.44 24.43 14.96
N GLY D 513 13.14 23.86 13.79
CA GLY D 513 13.06 24.65 12.58
C GLY D 513 14.37 25.30 12.22
N THR D 514 15.38 24.48 11.94
CA THR D 514 16.70 24.95 11.62
C THR D 514 16.92 25.27 10.14
N MET D 515 17.15 26.55 9.83
CA MET D 515 17.40 26.97 8.46
C MET D 515 18.77 26.41 8.09
N GLY D 516 18.91 25.92 6.85
CA GLY D 516 20.18 25.35 6.43
C GLY D 516 20.21 23.84 6.54
N TYR D 517 19.14 23.26 7.07
CA TYR D 517 18.99 21.82 7.24
C TYR D 517 18.91 21.06 5.92
N GLY D 518 18.24 21.66 4.94
CA GLY D 518 18.00 21.05 3.63
C GLY D 518 19.10 20.34 2.85
N LEU D 519 20.20 21.04 2.60
CA LEU D 519 21.29 20.46 1.82
C LEU D 519 22.00 19.30 2.54
N PRO D 520 22.52 19.55 3.75
CA PRO D 520 23.20 18.44 4.44
C PRO D 520 22.26 17.25 4.72
N ALA D 521 21.01 17.53 5.08
CA ALA D 521 20.06 16.45 5.34
C ALA D 521 19.90 15.60 4.07
N ALA D 522 19.85 16.27 2.93
CA ALA D 522 19.71 15.58 1.64
C ALA D 522 20.94 14.69 1.38
N ILE D 523 22.13 15.21 1.67
CA ILE D 523 23.35 14.43 1.48
C ILE D 523 23.31 13.20 2.37
N GLY D 524 22.89 13.38 3.62
CA GLY D 524 22.81 12.26 4.54
C GLY D 524 21.78 11.25 4.06
N ALA D 525 20.62 11.72 3.62
CA ALA D 525 19.57 10.83 3.14
C ALA D 525 20.03 10.03 1.92
N GLN D 526 20.80 10.68 1.04
CA GLN D 526 21.29 10.01 -0.17
C GLN D 526 22.29 8.91 0.18
N VAL D 527 23.11 9.14 1.20
CA VAL D 527 24.08 8.15 1.63
C VAL D 527 23.33 6.94 2.16
N ALA D 528 22.22 7.18 2.85
CA ALA D 528 21.40 6.10 3.41
C ALA D 528 20.68 5.31 2.33
N LYS D 529 20.23 6.02 1.29
CA LYS D 529 19.50 5.41 0.18
C LYS D 529 20.13 5.77 -1.17
N PRO D 530 21.20 5.07 -1.56
CA PRO D 530 21.92 5.29 -2.82
C PRO D 530 21.08 5.30 -4.10
N GLU D 531 20.02 4.50 -4.14
CA GLU D 531 19.18 4.42 -5.33
C GLU D 531 18.04 5.42 -5.40
N SER D 532 17.77 6.12 -4.31
CA SER D 532 16.67 7.09 -4.30
C SER D 532 16.99 8.44 -4.96
N LEU D 533 15.96 9.08 -5.48
CA LEU D 533 16.11 10.39 -6.07
C LEU D 533 15.89 11.29 -4.86
N VAL D 534 16.93 11.99 -4.43
CA VAL D 534 16.81 12.85 -3.28
C VAL D 534 16.75 14.29 -3.72
N ILE D 535 15.67 14.97 -3.35
CA ILE D 535 15.45 16.35 -3.72
C ILE D 535 15.36 17.26 -2.49
N ASP D 536 16.16 18.31 -2.49
CA ASP D 536 16.14 19.29 -1.41
C ASP D 536 15.40 20.53 -1.86
N ILE D 537 14.15 20.67 -1.42
CA ILE D 537 13.33 21.83 -1.76
C ILE D 537 13.73 22.88 -0.72
N ASP D 538 14.55 23.82 -1.15
CA ASP D 538 15.09 24.86 -0.26
C ASP D 538 14.65 26.28 -0.51
N GLY D 539 14.98 27.14 0.44
CA GLY D 539 14.68 28.55 0.34
C GLY D 539 16.03 29.24 0.15
N ASP D 540 16.02 30.45 -0.41
CA ASP D 540 17.27 31.15 -0.65
C ASP D 540 18.03 31.49 0.63
N ALA D 541 17.32 32.00 1.64
CA ALA D 541 17.97 32.36 2.90
C ALA D 541 18.45 31.11 3.63
N SER D 542 17.63 30.06 3.66
CA SER D 542 18.02 28.81 4.32
C SER D 542 19.24 28.20 3.65
N PHE D 543 19.25 28.18 2.32
CA PHE D 543 20.36 27.61 1.58
C PHE D 543 21.68 28.31 1.90
N ASN D 544 21.64 29.63 2.05
CA ASN D 544 22.83 30.41 2.37
C ASN D 544 23.50 29.98 3.67
N MET D 545 22.73 29.50 4.62
CA MET D 545 23.27 29.06 5.92
C MET D 545 24.33 27.97 5.81
N THR D 546 24.10 26.98 4.95
CA THR D 546 25.01 25.85 4.83
C THR D 546 25.44 25.48 3.41
N LEU D 547 25.41 26.45 2.49
CA LEU D 547 25.77 26.19 1.10
C LEU D 547 27.19 25.65 0.88
N THR D 548 28.06 25.79 1.88
CA THR D 548 29.42 25.29 1.70
C THR D 548 29.45 23.76 1.53
N GLU D 549 28.40 23.10 2.02
CA GLU D 549 28.35 21.64 1.93
C GLU D 549 28.14 21.14 0.49
N LEU D 550 27.94 22.06 -0.44
CA LEU D 550 27.77 21.67 -1.85
C LEU D 550 28.96 20.85 -2.32
N SER D 551 30.16 21.27 -1.92
CA SER D 551 31.36 20.55 -2.32
C SER D 551 31.40 19.17 -1.64
N SER D 552 30.80 19.08 -0.46
CA SER D 552 30.76 17.83 0.28
C SER D 552 29.96 16.80 -0.50
N ALA D 553 28.87 17.25 -1.11
CA ALA D 553 28.02 16.38 -1.91
C ALA D 553 28.83 15.77 -3.04
N VAL D 554 29.63 16.60 -3.70
CA VAL D 554 30.45 16.13 -4.81
C VAL D 554 31.51 15.13 -4.33
N GLN D 555 32.15 15.43 -3.21
CA GLN D 555 33.17 14.55 -2.66
C GLN D 555 32.56 13.25 -2.15
N ALA D 556 31.34 13.31 -1.61
CA ALA D 556 30.68 12.12 -1.09
C ALA D 556 30.07 11.27 -2.19
N GLY D 557 29.95 11.84 -3.39
CA GLY D 557 29.36 11.11 -4.49
C GLY D 557 27.85 11.01 -4.37
N THR D 558 27.24 11.99 -3.69
CA THR D 558 25.79 12.00 -3.53
C THR D 558 25.14 12.95 -4.54
N PRO D 559 24.48 12.39 -5.57
CA PRO D 559 23.82 13.17 -6.62
C PRO D 559 22.48 13.79 -6.21
N VAL D 560 22.51 14.60 -5.16
CA VAL D 560 21.29 15.25 -4.68
C VAL D 560 20.80 16.33 -5.63
N LYS D 561 19.48 16.49 -5.70
CA LYS D 561 18.88 17.50 -6.56
C LYS D 561 18.49 18.65 -5.65
N ILE D 562 19.14 19.79 -5.82
CA ILE D 562 18.87 20.96 -5.00
C ILE D 562 18.01 21.99 -5.73
N LEU D 563 16.82 22.23 -5.19
CA LEU D 563 15.89 23.18 -5.78
C LEU D 563 15.78 24.41 -4.87
N ILE D 564 16.11 25.58 -5.41
CA ILE D 564 15.99 26.80 -4.64
C ILE D 564 14.82 27.64 -5.11
N LEU D 565 13.78 27.75 -4.30
CA LEU D 565 12.64 28.57 -4.65
C LEU D 565 13.07 29.96 -4.19
N ASN D 566 13.76 30.67 -5.06
CA ASN D 566 14.28 31.99 -4.73
C ASN D 566 13.31 33.15 -4.84
N ASN D 567 12.92 33.70 -3.69
CA ASN D 567 12.03 34.85 -3.65
C ASN D 567 12.79 36.06 -3.08
N GLU D 568 14.11 35.89 -2.96
CA GLU D 568 15.01 36.93 -2.45
C GLU D 568 14.51 37.56 -1.15
N GLU D 569 14.16 36.72 -0.19
CA GLU D 569 13.66 37.20 1.10
C GLU D 569 13.51 36.06 2.08
N GLN D 570 13.34 36.42 3.35
CA GLN D 570 13.10 35.47 4.42
C GLN D 570 11.57 35.40 4.43
N GLY D 571 11.05 34.66 3.46
CA GLY D 571 9.62 34.50 3.27
C GLY D 571 8.72 34.35 4.49
N MET D 572 9.01 33.40 5.37
CA MET D 572 8.15 33.19 6.53
C MET D 572 8.18 34.39 7.50
N VAL D 573 9.33 35.05 7.62
CA VAL D 573 9.43 36.20 8.50
C VAL D 573 8.76 37.43 7.87
N THR D 574 8.97 37.63 6.57
CA THR D 574 8.33 38.78 5.93
C THR D 574 6.82 38.58 5.97
N GLN D 575 6.36 37.33 5.95
CA GLN D 575 4.92 37.10 6.01
C GLN D 575 4.37 37.62 7.33
N TRP D 576 5.09 37.36 8.41
CA TRP D 576 4.63 37.82 9.72
C TRP D 576 4.74 39.34 9.82
N GLN D 577 5.79 39.89 9.24
CA GLN D 577 5.99 41.33 9.27
C GLN D 577 4.84 42.01 8.51
N SER D 578 4.39 41.40 7.44
CA SER D 578 3.29 41.95 6.65
C SER D 578 1.99 41.87 7.44
N LEU D 579 1.77 40.74 8.09
CA LEU D 579 0.55 40.53 8.85
C LEU D 579 0.47 41.19 10.22
N PHE D 580 1.56 41.20 10.97
CA PHE D 580 1.53 41.78 12.30
C PHE D 580 2.39 43.02 12.54
N TYR D 581 3.23 43.37 11.58
CA TYR D 581 4.07 44.55 11.75
C TYR D 581 3.94 45.56 10.62
N GLU D 582 2.71 45.74 10.15
CA GLU D 582 2.38 46.69 9.10
C GLU D 582 3.41 46.81 7.97
N HIS D 583 3.77 45.67 7.39
CA HIS D 583 4.71 45.62 6.29
C HIS D 583 6.07 46.26 6.53
N ARG D 584 6.52 46.24 7.78
CA ARG D 584 7.83 46.80 8.12
C ARG D 584 8.86 45.67 8.08
N TYR D 585 9.44 45.47 6.91
CA TYR D 585 10.43 44.42 6.72
C TYR D 585 11.80 44.76 7.27
N SER D 586 12.00 44.45 8.55
CA SER D 586 13.25 44.74 9.23
C SER D 586 14.31 43.65 9.02
N HIS D 587 15.33 44.00 8.25
CA HIS D 587 16.45 43.12 7.96
C HIS D 587 16.10 41.72 7.48
N THR D 588 15.02 41.59 6.71
CA THR D 588 14.61 40.29 6.22
C THR D 588 14.91 40.07 4.74
N HIS D 589 15.71 40.96 4.17
CA HIS D 589 16.10 40.84 2.77
C HIS D 589 17.61 40.85 2.67
N GLN D 590 18.18 39.74 2.21
CA GLN D 590 19.62 39.62 2.10
C GLN D 590 20.06 39.52 0.64
N LEU D 591 21.32 39.89 0.40
CA LEU D 591 21.90 39.84 -0.93
C LEU D 591 22.37 38.42 -1.21
N ASN D 592 21.81 37.79 -2.24
CA ASN D 592 22.18 36.43 -2.59
C ASN D 592 23.30 36.36 -3.60
N PRO D 593 24.10 35.27 -3.57
CA PRO D 593 25.19 35.13 -4.53
C PRO D 593 24.58 34.54 -5.80
N ASP D 594 25.35 34.49 -6.87
CA ASP D 594 24.84 33.91 -8.11
C ASP D 594 24.84 32.40 -7.83
N PHE D 595 23.65 31.83 -7.65
CA PHE D 595 23.51 30.40 -7.33
C PHE D 595 24.04 29.45 -8.39
N ILE D 596 23.92 29.84 -9.66
CA ILE D 596 24.39 29.01 -10.75
C ILE D 596 25.91 28.97 -10.77
N LYS D 597 26.54 30.13 -10.64
CA LYS D 597 27.99 30.21 -10.65
C LYS D 597 28.53 29.53 -9.40
N LEU D 598 27.78 29.63 -8.30
CA LEU D 598 28.18 29.00 -7.06
C LEU D 598 28.24 27.48 -7.26
N ALA D 599 27.15 26.92 -7.80
CA ALA D 599 27.06 25.48 -8.06
C ALA D 599 28.23 24.98 -8.90
N GLU D 600 28.43 25.63 -10.04
CA GLU D 600 29.52 25.25 -10.95
C GLU D 600 30.88 25.37 -10.27
N ALA D 601 31.02 26.38 -9.41
CA ALA D 601 32.28 26.59 -8.69
C ALA D 601 32.48 25.47 -7.67
N MET D 602 31.37 24.95 -7.15
CA MET D 602 31.39 23.88 -6.17
C MET D 602 31.53 22.50 -6.82
N GLY D 603 31.47 22.46 -8.14
CA GLY D 603 31.64 21.19 -8.83
C GLY D 603 30.40 20.48 -9.35
N LEU D 604 29.23 21.13 -9.29
CA LEU D 604 28.03 20.49 -9.80
C LEU D 604 27.34 21.32 -10.87
N LYS D 605 26.38 20.71 -11.57
CA LYS D 605 25.67 21.42 -12.62
C LYS D 605 24.71 22.44 -12.03
N GLY D 606 24.59 23.59 -12.69
CA GLY D 606 23.69 24.65 -12.24
C GLY D 606 22.69 25.02 -13.32
N LEU D 607 21.43 25.15 -12.94
CA LEU D 607 20.36 25.50 -13.86
C LEU D 607 19.50 26.61 -13.26
N ARG D 608 19.00 27.49 -14.11
CA ARG D 608 18.15 28.57 -13.62
C ARG D 608 16.91 28.69 -14.49
N VAL D 609 15.77 28.96 -13.85
CA VAL D 609 14.49 29.14 -14.55
C VAL D 609 13.93 30.49 -14.13
N LYS D 610 13.61 31.33 -15.11
CA LYS D 610 13.05 32.65 -14.81
C LYS D 610 11.64 32.82 -15.37
N LYS D 611 11.36 32.14 -16.47
CA LYS D 611 10.07 32.26 -17.13
C LYS D 611 9.18 31.03 -17.05
N GLN D 612 7.87 31.28 -17.04
CA GLN D 612 6.87 30.24 -16.97
C GLN D 612 7.07 29.18 -18.05
N GLU D 613 7.47 29.62 -19.24
CA GLU D 613 7.70 28.75 -20.39
C GLU D 613 8.89 27.82 -20.26
N GLU D 614 9.83 28.16 -19.39
CA GLU D 614 11.03 27.33 -19.20
C GLU D 614 10.85 26.24 -18.14
N LEU D 615 9.98 26.50 -17.16
CA LEU D 615 9.76 25.60 -16.03
C LEU D 615 9.65 24.10 -16.29
N ASP D 616 8.72 23.69 -17.15
CA ASP D 616 8.55 22.27 -17.43
C ASP D 616 9.81 21.57 -17.93
N ALA D 617 10.44 22.14 -18.95
CA ALA D 617 11.64 21.54 -19.52
C ALA D 617 12.78 21.47 -18.50
N LYS D 618 12.91 22.51 -17.70
CA LYS D 618 13.98 22.57 -16.70
C LYS D 618 13.75 21.61 -15.53
N LEU D 619 12.49 21.40 -15.15
CA LEU D 619 12.19 20.50 -14.06
C LEU D 619 12.55 19.07 -14.50
N LYS D 620 12.30 18.77 -15.77
CA LYS D 620 12.62 17.45 -16.30
C LYS D 620 14.12 17.24 -16.40
N GLU D 621 14.85 18.27 -16.80
CA GLU D 621 16.30 18.16 -16.90
C GLU D 621 16.90 18.03 -15.49
N PHE D 622 16.29 18.74 -14.55
CA PHE D 622 16.73 18.72 -13.16
C PHE D 622 16.71 17.29 -12.62
N VAL D 623 15.55 16.66 -12.74
CA VAL D 623 15.33 15.29 -12.28
C VAL D 623 16.10 14.22 -13.04
N SER D 624 16.25 14.41 -14.35
CA SER D 624 16.95 13.44 -15.20
C SER D 624 18.47 13.56 -15.18
N THR D 625 18.98 14.67 -14.65
CA THR D 625 20.43 14.85 -14.62
C THR D 625 21.10 13.84 -13.69
N LYS D 626 22.25 13.34 -14.12
CA LYS D 626 23.00 12.39 -13.32
C LYS D 626 24.05 13.23 -12.61
N GLY D 627 24.27 12.96 -11.33
CA GLY D 627 25.24 13.74 -10.59
C GLY D 627 24.51 14.81 -9.82
N PRO D 628 25.18 15.47 -8.87
CA PRO D 628 24.51 16.52 -8.11
C PRO D 628 24.19 17.69 -9.03
N VAL D 629 23.04 18.33 -8.80
CA VAL D 629 22.61 19.44 -9.62
C VAL D 629 21.79 20.43 -8.82
N LEU D 630 21.96 21.71 -9.12
CA LEU D 630 21.23 22.77 -8.45
C LEU D 630 20.36 23.50 -9.47
N LEU D 631 19.08 23.67 -9.14
CA LEU D 631 18.15 24.37 -10.01
C LEU D 631 17.50 25.50 -9.25
N GLU D 632 17.78 26.73 -9.68
CA GLU D 632 17.18 27.90 -9.04
C GLU D 632 15.96 28.32 -9.83
N VAL D 633 14.85 28.52 -9.13
CA VAL D 633 13.63 28.98 -9.77
C VAL D 633 13.27 30.31 -9.15
N GLU D 634 13.26 31.36 -9.96
CA GLU D 634 12.88 32.68 -9.48
C GLU D 634 11.38 32.61 -9.28
N VAL D 635 10.92 32.88 -8.06
CA VAL D 635 9.50 32.84 -7.77
C VAL D 635 8.97 34.16 -7.26
N ASP D 636 7.66 34.32 -7.31
CA ASP D 636 7.01 35.55 -6.87
C ASP D 636 7.36 35.87 -5.43
N LYS D 637 7.30 37.17 -5.11
CA LYS D 637 7.65 37.66 -3.79
C LYS D 637 6.45 38.07 -2.95
N LYS D 638 6.66 38.12 -1.64
CA LYS D 638 5.63 38.50 -0.69
C LYS D 638 4.32 37.74 -0.89
N VAL D 639 4.44 36.44 -1.15
CA VAL D 639 3.27 35.57 -1.32
C VAL D 639 3.07 34.86 0.01
N PRO D 640 1.92 35.06 0.65
CA PRO D 640 1.67 34.40 1.94
C PRO D 640 1.27 32.93 1.84
N VAL D 641 1.61 32.17 2.88
CA VAL D 641 1.26 30.77 2.96
C VAL D 641 -0.11 30.73 3.64
N LEU D 642 -1.09 30.15 2.97
CA LEU D 642 -2.44 30.04 3.51
C LEU D 642 -2.96 28.62 3.25
N PRO D 643 -3.93 28.14 4.05
CA PRO D 643 -4.57 28.80 5.20
C PRO D 643 -3.59 29.09 6.33
N MET D 644 -3.99 29.94 7.27
CA MET D 644 -3.13 30.26 8.38
C MET D 644 -3.89 30.49 9.68
N VAL D 645 -3.37 29.90 10.75
CA VAL D 645 -3.95 30.02 12.07
C VAL D 645 -2.85 30.49 13.01
N ALA D 646 -2.98 31.70 13.53
CA ALA D 646 -1.97 32.25 14.43
C ALA D 646 -2.60 33.09 15.53
N GLY D 647 -1.80 33.40 16.54
CA GLY D 647 -2.29 34.20 17.65
C GLY D 647 -3.24 33.40 18.53
N GLY D 648 -4.35 34.01 18.91
CA GLY D 648 -5.31 33.34 19.76
C GLY D 648 -6.39 32.66 18.96
N SER D 649 -6.21 32.59 17.64
CA SER D 649 -7.19 31.96 16.76
C SER D 649 -7.26 30.45 16.98
N GLY D 650 -8.46 29.90 16.86
CA GLY D 650 -8.66 28.47 16.99
C GLY D 650 -8.42 27.87 15.62
N LEU D 651 -8.21 26.56 15.55
CA LEU D 651 -7.95 25.92 14.27
C LEU D 651 -9.04 26.19 13.24
N ASP D 652 -10.24 26.52 13.71
CA ASP D 652 -11.35 26.78 12.78
C ASP D 652 -11.51 28.27 12.44
N GLU D 653 -10.66 29.10 13.02
CA GLU D 653 -10.67 30.55 12.78
C GLU D 653 -9.48 30.93 11.91
N PHE D 654 -9.34 30.22 10.81
CA PHE D 654 -8.23 30.42 9.90
C PHE D 654 -8.47 31.50 8.86
N ILE D 655 -7.37 32.05 8.35
CA ILE D 655 -7.42 33.05 7.31
C ILE D 655 -7.30 32.21 6.05
N ASN D 656 -8.19 32.43 5.10
CA ASN D 656 -8.17 31.66 3.86
C ASN D 656 -7.80 32.57 2.69
N PHE D 657 -7.35 31.96 1.60
CA PHE D 657 -6.95 32.72 0.41
C PHE D 657 -8.16 33.39 -0.26
N ASP D 658 -7.96 34.63 -0.69
CA ASP D 658 -8.99 35.41 -1.37
C ASP D 658 -8.27 36.26 -2.39
N PRO D 659 -8.53 36.02 -3.70
CA PRO D 659 -7.89 36.78 -4.77
C PRO D 659 -7.96 38.29 -4.57
N GLU D 660 -9.14 38.80 -4.22
CA GLU D 660 -9.31 40.23 -4.01
C GLU D 660 -8.46 40.77 -2.87
N VAL D 661 -8.44 40.06 -1.75
CA VAL D 661 -7.64 40.50 -0.61
C VAL D 661 -6.16 40.57 -0.95
N GLU D 662 -5.66 39.59 -1.68
CA GLU D 662 -4.24 39.59 -2.04
C GLU D 662 -3.88 40.83 -2.85
N ARG D 663 -4.77 41.22 -3.75
CA ARG D 663 -4.54 42.40 -4.57
C ARG D 663 -4.58 43.67 -3.72
N GLN D 664 -5.51 43.71 -2.76
CA GLN D 664 -5.62 44.87 -1.88
C GLN D 664 -4.35 44.97 -1.03
N GLN D 665 -3.88 43.83 -0.55
CA GLN D 665 -2.67 43.76 0.27
C GLN D 665 -1.45 44.18 -0.52
N THR D 666 -1.41 43.80 -1.80
CA THR D 666 -0.30 44.14 -2.67
C THR D 666 -0.18 45.65 -2.85
N GLU D 667 -1.33 46.34 -2.89
CA GLU D 667 -1.31 47.79 -3.05
C GLU D 667 -0.90 48.46 -1.75
N LEU D 668 -1.40 47.94 -0.64
CA LEU D 668 -1.06 48.49 0.66
C LEU D 668 0.44 48.33 0.91
N ARG D 669 0.98 47.19 0.50
CA ARG D 669 2.41 46.92 0.66
C ARG D 669 3.27 47.88 -0.15
N HIS D 670 2.90 48.09 -1.42
CA HIS D 670 3.65 49.01 -2.27
C HIS D 670 3.65 50.39 -1.63
N LYS D 671 2.48 50.84 -1.20
CA LYS D 671 2.35 52.15 -0.58
C LYS D 671 3.16 52.24 0.70
N ARG D 672 2.93 51.31 1.62
CA ARG D 672 3.65 51.32 2.88
C ARG D 672 5.16 51.22 2.76
N THR D 673 5.64 50.59 1.69
CA THR D 673 7.09 50.42 1.51
C THR D 673 7.66 51.40 0.49
N GLY D 674 6.82 52.29 -0.01
CA GLY D 674 7.28 53.25 -1.00
C GLY D 674 7.75 52.56 -2.26
N GLY D 675 7.01 51.52 -2.67
CA GLY D 675 7.33 50.78 -3.87
C GLY D 675 8.54 49.86 -3.80
N LYS D 676 9.16 49.73 -2.63
CA LYS D 676 10.32 48.86 -2.49
C LYS D 676 9.96 47.38 -2.47
N HIS D 677 8.74 47.08 -2.05
CA HIS D 677 8.27 45.69 -1.98
C HIS D 677 6.79 45.57 -2.31
K K E . -7.28 0.26 -15.47
MG MG F . -25.20 -7.31 -23.69
C4 1MM G . -8.01 -21.03 -28.50
C5 1MM G . -8.71 -21.59 -27.40
C6 1MM G . -10.13 -21.65 -27.39
C1 1MM G . -10.90 -21.14 -28.50
C2 1MM G . -10.19 -20.57 -29.62
C3 1MM G . -8.73 -20.50 -29.66
S7 1MM G . -10.69 -19.82 -31.20
N8 1MM G . -12.13 -19.00 -30.91
C9 1MM G . -12.23 -18.01 -30.03
N10 1MM G . -13.46 -17.58 -30.04
C2' 1MM G . -14.00 -16.62 -29.33
N1' 1MM G . -15.38 -16.27 -29.51
C6' 1MM G . -16.01 -15.21 -28.74
N5' 1MM G . -15.20 -14.50 -27.78
C4' 1MM G . -13.80 -14.87 -27.61
N3' 1MM G . -13.22 -15.91 -28.38
O7A 1MM G . -9.75 -18.79 -31.60
O7B 1MM G . -11.13 -20.77 -32.17
O9 1MM G . -11.24 -17.63 -29.33
C11 1MM G . -12.45 -21.17 -28.60
O12 1MM G . -12.92 -20.25 -27.60
C13 1MM G . -14.32 -20.07 -27.47
O11 1MM G . -13.07 -21.87 -29.43
O4' 1MM G . -13.01 -14.20 -26.68
C5' 1MM G . -13.10 -13.15 -25.73
C7' 1MM G . -17.47 -14.83 -28.94
PA FAD H . -5.15 -18.39 -13.21
O1A FAD H . -5.89 -18.64 -11.96
O2A FAD H . -5.75 -18.81 -14.46
O5B FAD H . -3.79 -19.03 -13.22
C5B FAD H . -2.93 -18.79 -12.05
C4B FAD H . -1.65 -19.52 -12.25
O4B FAD H . -0.95 -19.21 -11.04
C3B FAD H . -1.65 -21.12 -12.32
O3B FAD H . -0.67 -21.72 -13.15
C2B FAD H . -1.59 -21.46 -10.86
O2B FAD H . -1.50 -22.77 -10.45
C1B FAD H . -0.54 -20.41 -10.42
N9A FAD H . -0.50 -20.17 -8.91
C8A FAD H . -1.73 -20.21 -8.11
N7A FAD H . -1.58 -20.01 -6.84
C5A FAD H . -0.25 -19.82 -6.66
C6A FAD H . 0.74 -19.54 -5.50
N6A FAD H . 0.32 -19.42 -4.26
N1A FAD H . 2.16 -19.41 -5.78
C2A FAD H . 2.68 -19.55 -7.12
N3A FAD H . 1.88 -19.80 -8.23
C4A FAD H . 0.43 -19.93 -7.98
N1 FAD H . -7.14 -12.34 -19.40
C2 FAD H . -6.18 -11.44 -19.64
O2 FAD H . -5.24 -11.39 -18.85
N3 FAD H . -6.29 -10.53 -20.69
C4 FAD H . -7.41 -10.47 -21.54
O4 FAD H . -7.46 -9.73 -22.53
C4X FAD H . -8.51 -11.38 -21.23
N5 FAD H . -9.67 -11.33 -21.97
C5X FAD H . -10.70 -12.19 -21.64
C6 FAD H . -11.94 -12.00 -22.32
C7 FAD H . -13.10 -12.71 -21.91
C7M FAD H . -14.42 -12.33 -22.53
C8 FAD H . -12.99 -13.70 -20.82
C8M FAD H . -14.20 -14.43 -20.24
C9 FAD H . -11.73 -13.95 -20.21
C9A FAD H . -10.58 -13.17 -20.56
N10 FAD H . -9.33 -13.28 -19.89
C10 FAD H . -8.31 -12.34 -20.15
C1' FAD H . -9.20 -14.16 -18.66
C2' FAD H . -8.39 -15.30 -19.10
O2' FAD H . -9.17 -16.27 -19.79
C3' FAD H . -7.68 -16.09 -17.97
O3' FAD H . -8.80 -16.54 -17.04
C4' FAD H . -6.74 -15.26 -17.04
O4' FAD H . -5.80 -14.52 -17.97
C5' FAD H . -5.95 -16.18 -16.20
O5' FAD H . -5.12 -15.32 -15.35
P FAD H . -4.13 -15.92 -14.32
O1P FAD H . -3.15 -16.70 -15.13
O2P FAD H . -3.53 -14.80 -13.67
O3P FAD H . -4.87 -16.81 -13.25
N1' PYD I . -32.99 -29.22 -6.53
C2' PYD I . -33.52 -29.64 -7.88
CM2 PYD I . -33.10 -29.12 -9.14
N3' PYD I . -34.49 -30.61 -7.93
C4' PYD I . -35.06 -31.26 -6.68
N4' PYD I . -36.00 -32.20 -6.88
C5' PYD I . -34.58 -30.90 -5.21
C6' PYD I . -33.48 -29.81 -5.19
C7' PYD I . -35.11 -31.51 -3.95
C4 P25 J . -19.22 -14.38 -24.56
CM4 P25 J . -17.76 -14.12 -24.21
C5 P25 J . -20.58 -13.94 -23.96
C6 P25 J . -21.35 -12.64 -23.59
C7 P25 J . -22.72 -12.01 -23.81
O7 P25 J . -23.49 -10.70 -23.42
PA P25 J . -23.84 -9.78 -22.37
O1A P25 J . -25.09 -9.05 -22.55
O2A P25 J . -23.93 -10.46 -21.11
O3A P25 J . -22.61 -8.79 -22.34
PB P25 J . -21.99 -7.76 -23.40
O1B P25 J . -20.98 -8.46 -24.15
O2B P25 J . -21.55 -6.69 -22.54
O3B P25 J . -23.24 -7.40 -24.16
K K K . -56.68 -39.48 -12.08
MG MG L . -44.22 -25.03 -2.92
C4 P25 M . -38.86 -32.55 -3.78
CM4 P25 M . -39.33 -33.84 -4.42
C5 P25 M . -39.07 -31.06 -4.09
C6 P25 M . -40.18 -29.99 -4.02
C7 P25 M . -40.30 -28.48 -4.15
O7 P25 M . -41.40 -27.37 -4.08
PA P25 M . -42.39 -26.67 -4.83
O1A P25 M . -42.76 -25.32 -4.32
O2A P25 M . -41.95 -26.51 -6.18
O3A P25 M . -43.63 -27.63 -4.80
PB P25 M . -44.57 -28.20 -3.65
O1B P25 M . -44.02 -29.46 -3.22
O2B P25 M . -45.84 -28.22 -4.34
O3B P25 M . -44.48 -27.08 -2.65
C4 1MM N . -34.31 -45.35 -2.57
C5 1MM N . -33.76 -44.63 -3.64
C6 1MM N . -33.39 -43.26 -3.51
C1 1MM N . -33.59 -42.56 -2.25
C2 1MM N . -34.18 -43.30 -1.13
C3 1MM N . -34.56 -44.72 -1.26
S7 1MM N . -34.63 -42.90 0.60
N8 1MM N . -35.15 -41.30 0.63
C9 1MM N . -36.18 -40.84 -0.07
N10 1MM N . -36.31 -39.57 0.21
C2' 1MM N . -37.19 -38.71 -0.26
N1' 1MM N . -37.20 -37.35 0.20
C6' 1MM N . -38.16 -36.37 -0.30
N5' 1MM N . -39.14 -36.81 -1.27
C4' 1MM N . -39.13 -38.20 -1.73
N3' 1MM N . -38.16 -39.13 -1.21
O7A 1MM N . -35.77 -43.66 1.02
O7B 1MM N . -33.51 -42.80 1.48
O9 1MM N . -36.84 -41.59 -0.85
C11 1MM N . -33.23 -41.08 -1.99
O12 1MM N . -34.16 -40.31 -2.77
C13 1MM N . -34.05 -38.90 -2.71
O11 1MM N . -32.29 -40.72 -1.22
O4' 1MM N . -40.06 -38.65 -2.66
C5' 1MM N . -41.16 -38.15 -3.42
C7' 1MM N . -38.15 -34.93 0.18
PA FAD O . -39.38 -45.13 -17.38
O1A FAD O . -39.11 -44.25 -18.55
O2A FAD O . -38.68 -44.85 -16.14
O5B FAD O . -39.11 -46.57 -17.65
C5B FAD O . -39.69 -47.14 -18.87
C4B FAD O . -39.28 -48.57 -18.94
O4B FAD O . -39.88 -48.99 -20.18
C3B FAD O . -37.74 -48.96 -19.10
O3B FAD O . -37.32 -50.18 -18.51
C2B FAD O . -37.57 -48.81 -20.56
O2B FAD O . -36.36 -49.10 -21.15
C1B FAD O . -38.87 -49.53 -21.00
N9A FAD O . -39.27 -49.28 -22.47
C8A FAD O . -39.01 -47.97 -23.09
N7A FAD O . -39.36 -47.85 -24.32
C5A FAD O . -39.87 -49.06 -24.66
C6A FAD O . -40.48 -49.75 -25.92
N6A FAD O . -40.61 -49.09 -27.05
N1A FAD O . -40.93 -51.14 -25.84
C2A FAD O . -40.80 -51.91 -24.62
N3A FAD O . -40.26 -51.38 -23.43
C4A FAD O . -39.82 -49.97 -23.48
N1 FAD O . -44.02 -42.84 -10.05
C2 FAD O . -45.09 -43.61 -9.74
O2 FAD O . -45.47 -44.41 -10.59
N3 FAD O . -45.80 -43.44 -8.55
C4 FAD O . -45.47 -42.43 -7.60
O4 FAD O . -46.03 -42.35 -6.50
C4X FAD O . -44.37 -41.52 -7.96
N5 FAD O . -44.04 -40.47 -7.13
C5X FAD O . -43.03 -39.62 -7.49
C6 FAD O . -42.83 -38.45 -6.68
C7 FAD O . -41.93 -37.44 -7.09
C7M FAD O . -41.89 -36.15 -6.30
C8 FAD O . -41.15 -37.60 -8.34
C8M FAD O . -40.26 -36.52 -8.91
C9 FAD O . -41.29 -38.81 -9.09
C9A FAD O . -42.26 -39.81 -8.73
N10 FAD O . -42.52 -40.97 -9.52
C10 FAD O . -43.64 -41.79 -9.21
C1' FAD O . -41.88 -41.11 -10.89
C2' FAD O . -40.89 -42.17 -10.75
O2' FAD O . -39.67 -41.73 -10.15
C3' FAD O . -40.45 -42.84 -12.07
O3' FAD O . -39.90 -41.71 -12.94
C4' FAD O . -41.59 -43.44 -12.96
O4' FAD O . -42.44 -44.31 -12.03
C5' FAD O . -41.00 -44.29 -14.00
O5' FAD O . -42.12 -44.79 -14.80
P FAD O . -41.87 -45.74 -16.00
O1P FAD O . -41.21 -46.95 -15.44
O2P FAD O . -43.16 -46.00 -16.54
O3P FAD O . -40.96 -45.03 -17.11
N1' PYD P . -23.41 -19.52 -22.13
C2' PYD P . -22.66 -19.35 -20.84
CM2 PYD P . -23.07 -19.83 -19.55
N3' PYD P . -21.47 -18.66 -20.87
C4' PYD P . -20.89 -18.09 -22.16
N4' PYD P . -19.72 -17.45 -22.03
C5' PYD P . -21.60 -18.21 -23.57
C6' PYD P . -22.93 -18.98 -23.50
C7' PYD P . -21.06 -17.66 -24.85
K K Q . 57.52 38.31 13.79
MG MG R . 45.34 24.10 4.59
C4 1MM S . 4.12 29.74 21.06
C5 1MM S . 5.38 29.09 21.07
C6 1MM S . 6.54 29.73 20.51
C1 1MM S . 6.44 31.06 19.92
C2 1MM S . 5.13 31.71 19.91
C3 1MM S . 3.94 31.07 20.48
S7 1MM S . 4.50 33.31 19.32
N8 1MM S . 5.35 33.66 17.90
C9 1MM S . 5.34 32.89 16.81
N10 1MM S . 6.07 33.46 15.91
C2' 1MM S . 6.36 33.06 14.69
N1' 1MM S . 7.20 33.87 13.83
C6' 1MM S . 7.53 33.46 12.49
N5' 1MM S . 7.01 32.21 12.01
C4' 1MM S . 6.16 31.39 12.88
N3' 1MM S . 5.86 31.82 14.20
O7A 1MM S . 3.12 33.21 18.89
O7B 1MM S . 4.89 34.41 20.12
O9 1MM S . 4.69 31.81 16.76
C11 1MM S . 7.62 31.84 19.29
O12 1MM S . 7.90 31.17 18.04
C13 1MM S . 8.97 31.69 17.25
O11 1MM S . 8.17 32.84 19.82
O4' 1MM S . 5.66 30.17 12.43
C5' 1MM S . 5.69 29.35 11.27
C7' 1MM S . 8.41 34.32 11.60
PA FAD T . 44.58 35.20 27.16
O1A FAD T . 43.46 36.06 26.71
O2A FAD T . 44.43 33.77 27.01
O5B FAD T . 44.91 35.39 28.60
C5B FAD T . 45.11 36.76 29.09
C4B FAD T . 45.44 36.70 30.55
O4B FAD T . 45.57 38.10 30.89
C3B FAD T . 44.35 36.15 31.57
O3B FAD T . 44.85 35.48 32.72
C2B FAD T . 43.54 37.38 31.79
O2B FAD T . 42.47 37.36 32.67
C1B FAD T . 44.70 38.38 31.98
N9A FAD T . 44.30 39.86 31.88
C8A FAD T . 43.30 40.28 30.90
N7A FAD T . 42.99 41.55 30.89
C5A FAD T . 43.74 42.09 31.87
C6A FAD T . 43.97 43.51 32.51
N6A FAD T . 43.31 44.54 32.06
N1A FAD T . 44.92 43.66 33.61
C2A FAD T . 45.66 42.52 34.13
N3A FAD T . 45.54 41.21 33.64
C4A FAD T . 44.58 41.02 32.52
N1 FAD T . 50.14 30.76 21.79
C2 FAD T . 51.46 30.99 22.01
O2 FAD T . 51.76 31.95 22.72
N3 FAD T . 52.46 30.24 21.35
C4 FAD T . 52.14 29.23 20.41
O4 FAD T . 53.01 28.50 19.92
C4X FAD T . 50.72 29.03 20.11
N5 FAD T . 50.35 28.10 19.15
C5X FAD T . 49.03 27.93 18.86
C6 FAD T . 48.70 27.09 17.75
C7 FAD T . 47.36 27.02 17.27
C7M FAD T . 47.11 26.25 15.99
C8 FAD T . 46.29 27.77 17.96
C8M FAD T . 44.86 27.85 17.45
C9 FAD T . 46.61 28.54 19.11
C9A FAD T . 47.96 28.70 19.56
N10 FAD T . 48.36 29.56 20.63
C10 FAD T . 49.73 29.81 20.86
C1' FAD T . 47.33 30.48 21.26
C2' FAD T . 47.09 29.93 22.58
O2' FAD T . 46.16 28.85 22.59
C3' FAD T . 46.53 30.94 23.63
O3' FAD T . 45.21 31.43 23.04
C4' FAD T . 47.35 32.26 23.84
O4' FAD T . 48.80 31.82 24.07
C5' FAD T . 46.86 32.93 25.04
O5' FAD T . 47.64 34.16 25.17
P FAD T . 47.37 35.15 26.35
O1P FAD T . 47.64 34.38 27.60
O2P FAD T . 48.28 36.23 26.15
O3P FAD T . 45.87 35.68 26.32
N1' PYD U . 18.04 31.27 11.96
C2' PYD U . 18.01 29.79 11.93
CM2 PYD U . 19.16 28.90 12.01
N3' PYD U . 16.77 29.15 11.83
C4' PYD U . 15.46 29.92 11.74
N4' PYD U . 14.35 29.17 11.65
C5' PYD U . 15.39 31.52 11.76
C6' PYD U . 16.78 32.17 11.87
C7' PYD U . 14.10 32.35 11.66
C4 1MM V . 46.98 19.53 26.55
C5 1MM V . 45.77 20.26 26.37
C6 1MM V . 44.89 19.97 25.27
C1 1MM V . 45.22 18.92 24.32
C2 1MM V . 46.46 18.17 24.51
C3 1MM V . 47.37 18.46 25.62
S7 1MM V . 47.29 16.83 23.61
N8 1MM V . 46.98 17.04 21.95
C9 1MM V . 47.32 18.13 21.25
N10 1MM V . 46.93 17.95 20.01
C2' 1MM V . 47.05 18.77 18.98
N1' 1MM V . 46.56 18.38 17.68
C6' 1MM V . 46.68 19.26 16.52
N5' 1MM V . 47.30 20.55 16.70
C4' 1MM V . 47.79 20.94 18.02
N3' 1MM V . 47.65 20.04 19.14
O7A 1MM V . 48.73 16.94 23.73
O7B 1MM V . 46.69 15.54 23.80
O9 1MM V . 47.91 19.12 21.80
C11 1MM V . 44.35 18.51 23.10
O12 1MM V . 44.37 19.66 22.22
C13 1MM V . 43.64 19.55 21.01
O11 1MM V . 43.80 17.38 22.99
O4' 1MM V . 48.39 22.18 18.21
C5' 1MM V . 48.74 23.35 17.47
C7' 1MM V . 46.17 18.83 15.15
C6 P22 W . 44.08 23.10 10.56
C7 P22 W . 43.10 22.95 9.38
O7 P22 W . 43.46 23.61 8.02
PA P22 W . 43.65 24.81 7.13
O1A P22 W . 43.56 24.53 5.69
O2A P22 W . 42.68 25.80 7.41
O3A P22 W . 45.10 25.35 7.44
PB P22 W . 46.58 24.80 7.35
O1B P22 W . 46.93 24.21 8.64
O2B P22 W . 47.28 26.00 6.95
O3B P22 W . 46.47 23.83 6.24
K K X . -0.57 17.25 -0.01
MG MG Y . 13.16 33.08 0.78
C6 P22 Z . 12.87 31.34 6.71
C7 P22 Z . 13.56 32.40 5.83
O7 P22 Z . 13.75 32.13 4.32
PA P22 Z . 13.92 31.22 3.19
O1A P22 Z . 14.44 31.87 2.01
O2A P22 Z . 14.84 30.17 3.52
O3A P22 Z . 12.49 30.65 2.87
PB P22 Z . 11.10 31.27 2.46
O1B P22 Z . 10.32 31.48 3.67
O2B P22 Z . 10.58 30.29 1.52
O3B P22 Z . 11.52 32.53 1.77
PA FAD AA . 7.23 14.81 17.02
O1A FAD AA . 8.48 14.07 16.70
O2A FAD AA . 7.36 16.20 17.39
O5B FAD AA . 6.46 14.19 18.15
C5B FAD AA . 6.18 12.76 18.05
C4B FAD AA . 5.42 12.35 19.27
O4B FAD AA . 5.24 10.94 19.04
C3B FAD AA . 6.11 12.44 20.71
O3B FAD AA . 5.25 12.73 21.79
C2B FAD AA . 6.85 11.15 20.74
O2B FAD AA . 7.57 10.78 21.86
C1B FAD AA . 5.75 10.25 20.17
N9A FAD AA . 6.23 8.88 19.68
C8A FAD AA . 7.53 8.76 19.04
N7A FAD AA . 7.86 7.56 18.67
C5A FAD AA . 6.82 6.78 19.04
C6A FAD AA . 6.42 5.29 18.99
N6A FAD AA . 7.23 4.39 18.45
N1A FAD AA . 5.13 4.86 19.54
C2A FAD AA . 4.23 5.81 20.14
N3A FAD AA . 4.49 7.18 20.25
C4A FAD AA . 5.78 7.62 19.69
N1 FAD AA . 3.36 21.02 12.00
C2 FAD AA . 2.08 20.78 11.65
O2 FAD AA . 1.64 19.65 11.85
N3 FAD AA . 1.31 21.75 11.01
C4 FAD AA . 1.82 23.01 10.65
O4 FAD AA . 1.11 23.90 10.16
C4X FAD AA . 3.24 23.25 10.93
N5 FAD AA . 3.81 24.44 10.54
C5X FAD AA . 5.15 24.63 10.78
C6 FAD AA . 5.76 25.80 10.20
C7 FAD AA . 7.18 25.97 10.26
C7M FAD AA . 7.78 27.12 9.47
C8 FAD AA . 8.00 24.98 10.98
C8M FAD AA . 9.52 25.01 10.99
C9 FAD AA . 7.37 23.88 11.61
C9A FAD AA . 5.97 23.64 11.49
N10 FAD AA . 5.32 22.49 12.00
C10 FAD AA . 3.98 22.22 11.65
C1' FAD AA . 6.15 21.38 12.59
C2' FAD AA . 5.87 21.42 14.03
O2' FAD AA . 6.63 22.40 14.72
C3' FAD AA . 6.14 20.09 14.79
O3' FAD AA . 7.61 19.80 14.52
C4' FAD AA . 5.41 18.82 14.25
O4' FAD AA . 3.94 19.19 14.13
C5' FAD AA . 5.55 17.73 15.21
O5' FAD AA . 4.87 16.57 14.65
P FAD AA . 4.82 15.23 15.44
O1P FAD AA . 4.10 15.55 16.71
O2P FAD AA . 4.11 14.32 14.61
O3P FAD AA . 6.28 14.68 15.73
N1' PYD BA . 37.37 21.65 13.57
C2' PYD BA . 37.21 23.04 14.05
CM2 PYD BA . 35.98 23.80 14.08
N3' PYD BA . 38.35 23.69 14.54
C4' PYD BA . 39.74 23.03 14.58
N4' PYD BA . 40.75 23.78 15.07
C5' PYD BA . 40.00 21.56 14.07
C6' PYD BA . 38.71 20.89 13.54
C7' PYD BA . 41.37 20.84 14.07
#